data_3C1L
#
_entry.id   3C1L
#
_cell.length_a   65.690
_cell.length_b   68.060
_cell.length_c   266.830
_cell.angle_alpha   90.000
_cell.angle_beta   95.940
_cell.angle_gamma   90.000
#
_symmetry.space_group_name_H-M   'P 1 21 1'
#
loop_
_entity.id
_entity.type
_entity.pdbx_description
1 polymer 'Putative antioxidant defense protein Mlr4105'
2 non-polymer DI(HYDROXYETHYL)ETHER
3 non-polymer 'CHLORIDE ION'
4 water water
#
_entity_poly.entity_id   1
_entity_poly.type   'polypeptide(L)'
_entity_poly.pdbx_seq_one_letter_code
;G(MSE)TGKISALDLASGELSEPTKAYFAKCEEKLGLVPNVLKAYAFDDKKLRAFTDIYNDL(MSE)LGESGLSKLDRE
(MSE)IAVAVSSINHCYYCLTAHGAAVRQLSGDPALGE(MSE)LV(MSE)NFRAADLSPRQTA(MSE)LEFAVKLTEEPA
KIVEADRAALRKAGFSDRDIWDIASTAAFFN(MSE)SNRVAAAID(MSE)RPNDEYHA(MSE)AR
;
_entity_poly.pdbx_strand_id   A,B,C,D,E,F,G,H,I,J,K,L
#
loop_
_chem_comp.id
_chem_comp.type
_chem_comp.name
_chem_comp.formula
CL non-polymer 'CHLORIDE ION' 'Cl -1'
PEG non-polymer DI(HYDROXYETHYL)ETHER 'C4 H10 O3'
#
# COMPACT_ATOMS: atom_id res chain seq x y z
N LYS A 5 -21.87 11.83 -9.10
CA LYS A 5 -22.29 10.57 -8.44
C LYS A 5 -21.22 9.56 -8.68
N ILE A 6 -20.66 8.98 -7.62
CA ILE A 6 -19.78 7.84 -7.82
C ILE A 6 -20.58 6.50 -7.85
N SER A 7 -21.84 6.46 -7.41
CA SER A 7 -22.68 5.28 -7.63
C SER A 7 -24.17 5.61 -7.46
N ALA A 8 -25.03 4.59 -7.58
CA ALA A 8 -26.45 4.75 -7.35
C ALA A 8 -26.85 4.50 -5.89
N LEU A 9 -25.91 4.23 -5.00
CA LEU A 9 -26.24 4.04 -3.59
C LEU A 9 -25.91 5.27 -2.74
N ASP A 10 -26.74 5.55 -1.72
CA ASP A 10 -26.40 6.57 -0.73
C ASP A 10 -25.77 5.92 0.54
N LEU A 11 -24.42 5.97 0.61
CA LEU A 11 -23.56 5.18 1.53
C LEU A 11 -23.90 3.67 1.53
N GLY A 14 -20.88 10.41 7.08
CA GLY A 14 -19.63 10.75 7.75
C GLY A 14 -18.61 11.48 6.89
N GLU A 15 -17.80 12.32 7.53
CA GLU A 15 -16.60 12.86 6.90
C GLU A 15 -15.59 11.69 6.77
N LEU A 16 -14.68 11.76 5.81
CA LEU A 16 -13.60 10.79 5.70
C LEU A 16 -12.74 10.77 6.95
N SER A 17 -12.27 9.60 7.35
CA SER A 17 -11.33 9.53 8.45
C SER A 17 -10.01 10.17 8.06
N GLU A 18 -9.23 10.56 9.06
CA GLU A 18 -7.89 11.10 8.85
C GLU A 18 -7.00 10.18 8.02
N PRO A 19 -6.94 8.88 8.35
CA PRO A 19 -6.07 8.04 7.51
C PRO A 19 -6.53 7.84 6.07
N THR A 20 -7.84 7.93 5.79
CA THR A 20 -8.30 7.85 4.40
CA THR A 20 -8.33 7.86 4.41
C THR A 20 -7.99 9.16 3.68
N LYS A 21 -8.13 10.28 4.35
CA LYS A 21 -7.74 11.54 3.76
C LYS A 21 -6.23 11.54 3.44
N ALA A 22 -5.42 10.96 4.33
CA ALA A 22 -3.98 10.80 4.09
C ALA A 22 -3.73 10.00 2.82
N TYR A 23 -4.37 8.84 2.69
CA TYR A 23 -4.24 7.98 1.54
C TYR A 23 -4.70 8.64 0.22
N PHE A 24 -5.88 9.25 0.26
CA PHE A 24 -6.44 9.93 -0.90
C PHE A 24 -5.57 11.08 -1.38
N ALA A 25 -4.97 11.82 -0.44
CA ALA A 25 -3.92 12.77 -0.70
C ALA A 25 -2.78 12.15 -1.50
N LYS A 26 -2.26 11.04 -1.01
CA LYS A 26 -1.25 10.29 -1.76
C LYS A 26 -1.72 9.96 -3.16
N CYS A 27 -2.94 9.42 -3.29
CA CYS A 27 -3.46 9.09 -4.62
C CYS A 27 -3.45 10.29 -5.52
N GLU A 28 -3.88 11.44 -5.00
CA GLU A 28 -4.04 12.63 -5.81
C GLU A 28 -2.69 13.20 -6.21
N GLU A 29 -1.71 13.12 -5.31
CA GLU A 29 -0.29 13.42 -5.64
C GLU A 29 0.32 12.52 -6.71
N LYS A 30 0.11 11.21 -6.60
CA LYS A 30 0.70 10.24 -7.56
C LYS A 30 -0.06 10.16 -8.86
N LEU A 31 -1.36 9.87 -8.79
CA LEU A 31 -2.21 9.86 -9.97
C LEU A 31 -2.70 11.29 -10.08
N GLY A 32 -3.46 11.65 -11.09
CA GLY A 32 -4.10 12.98 -10.98
C GLY A 32 -5.36 13.06 -10.10
N LEU A 33 -5.70 11.97 -9.40
CA LEU A 33 -7.12 11.73 -9.05
C LEU A 33 -7.22 10.65 -7.98
N VAL A 34 -8.39 10.58 -7.31
CA VAL A 34 -8.66 9.43 -6.41
C VAL A 34 -9.60 8.48 -7.19
N PRO A 35 -9.13 7.25 -7.50
CA PRO A 35 -9.95 6.25 -8.17
C PRO A 35 -11.28 6.10 -7.43
N ASN A 36 -12.37 6.25 -8.19
CA ASN A 36 -13.71 6.24 -7.63
C ASN A 36 -14.08 5.01 -6.81
N VAL A 37 -13.48 3.86 -7.09
CA VAL A 37 -13.73 2.64 -6.30
C VAL A 37 -13.32 2.89 -4.83
N LEU A 38 -12.28 3.67 -4.61
CA LEU A 38 -11.79 3.94 -3.26
C LEU A 38 -12.78 4.84 -2.55
N LYS A 39 -13.31 5.83 -3.28
CA LYS A 39 -14.37 6.67 -2.74
C LYS A 39 -15.62 5.88 -2.35
N ALA A 40 -15.96 4.85 -3.16
CA ALA A 40 -17.17 4.02 -2.89
C ALA A 40 -17.03 3.28 -1.57
N TYR A 41 -15.86 2.69 -1.35
CA TYR A 41 -15.51 2.04 -0.10
C TYR A 41 -15.27 2.93 1.12
N ALA A 42 -15.12 4.24 0.93
CA ALA A 42 -14.65 5.11 2.03
C ALA A 42 -15.67 5.33 3.16
N PHE A 43 -16.90 4.83 3.04
CA PHE A 43 -17.82 4.88 4.20
C PHE A 43 -17.39 3.98 5.35
N ASP A 44 -16.45 3.07 5.08
CA ASP A 44 -16.01 2.09 6.05
C ASP A 44 -14.57 1.68 5.80
N ASP A 45 -13.70 2.11 6.69
CA ASP A 45 -12.25 1.98 6.50
C ASP A 45 -11.74 0.56 6.53
N LYS A 46 -12.35 -0.27 7.37
CA LYS A 46 -12.14 -1.72 7.35
C LYS A 46 -12.32 -2.28 5.96
N LYS A 47 -13.41 -1.91 5.31
CA LYS A 47 -13.71 -2.41 3.98
C LYS A 47 -12.73 -1.83 2.97
N LEU A 48 -12.50 -0.52 3.07
CA LEU A 48 -11.52 0.16 2.21
C LEU A 48 -10.14 -0.50 2.29
N ARG A 49 -9.67 -0.72 3.52
CA ARG A 49 -8.40 -1.31 3.75
C ARG A 49 -8.31 -2.74 3.24
N ALA A 50 -9.32 -3.57 3.51
CA ALA A 50 -9.32 -4.94 2.99
C ALA A 50 -9.34 -4.96 1.46
N PHE A 51 -10.10 -4.07 0.83
CA PHE A 51 -10.07 -3.97 -0.65
C PHE A 51 -8.67 -3.61 -1.16
N THR A 52 -8.03 -2.60 -0.54
CA THR A 52 -6.76 -2.12 -1.07
CA THR A 52 -6.74 -2.11 -1.04
C THR A 52 -5.68 -3.17 -0.86
N ASP A 53 -5.75 -3.86 0.28
CA ASP A 53 -4.88 -4.99 0.59
C ASP A 53 -4.91 -6.12 -0.44
N ILE A 54 -6.10 -6.56 -0.85
CA ILE A 54 -6.24 -7.60 -1.90
C ILE A 54 -5.89 -7.09 -3.32
N TYR A 55 -6.37 -5.92 -3.68
CA TYR A 55 -6.15 -5.34 -4.98
C TYR A 55 -4.65 -5.26 -5.23
N ASN A 56 -3.93 -4.71 -4.25
CA ASN A 56 -2.49 -4.48 -4.38
C ASN A 56 -1.68 -5.77 -4.41
N ASP A 57 -1.94 -6.68 -3.48
CA ASP A 57 -1.34 -8.00 -3.56
C ASP A 57 -1.60 -8.63 -4.92
N LEU A 58 -2.84 -8.67 -5.41
CA LEU A 58 -3.12 -9.38 -6.67
C LEU A 58 -2.50 -8.69 -7.89
N MSE A 59 -2.63 -7.36 -7.97
CA MSE A 59 -2.28 -6.66 -9.22
C MSE A 59 -0.86 -6.17 -9.20
O MSE A 59 -0.24 -5.98 -10.26
CB MSE A 59 -3.19 -5.48 -9.43
CG MSE A 59 -4.66 -5.82 -9.55
SE MSE A 59 -4.98 -7.12 -10.92
CE MSE A 59 -4.84 -6.17 -12.60
N LEU A 60 -0.33 -5.98 -8.00
CA LEU A 60 1.01 -5.42 -7.88
C LEU A 60 1.97 -6.37 -7.24
N GLY A 61 1.50 -7.40 -6.55
CA GLY A 61 2.42 -8.31 -5.86
C GLY A 61 3.38 -9.05 -6.79
N GLU A 62 4.30 -9.79 -6.19
CA GLU A 62 5.27 -10.62 -6.89
C GLU A 62 4.59 -11.78 -7.59
N SER A 63 4.91 -12.00 -8.86
CA SER A 63 4.22 -12.99 -9.66
C SER A 63 5.04 -13.30 -10.91
N GLY A 64 4.85 -14.49 -11.48
CA GLY A 64 5.36 -14.80 -12.83
C GLY A 64 4.58 -14.11 -13.94
N LEU A 65 3.37 -13.64 -13.64
CA LEU A 65 2.61 -12.81 -14.60
C LEU A 65 3.12 -11.37 -14.48
N SER A 66 3.28 -10.64 -15.58
CA SER A 66 3.64 -9.24 -15.47
C SER A 66 2.42 -8.44 -15.00
N LYS A 67 2.60 -7.17 -14.63
CA LYS A 67 1.45 -6.33 -14.25
C LYS A 67 0.49 -6.18 -15.44
N LEU A 68 1.02 -6.11 -16.65
CA LEU A 68 0.20 -5.98 -17.83
C LEU A 68 -0.57 -7.26 -18.14
N ASP A 69 0.03 -8.43 -17.94
CA ASP A 69 -0.70 -9.71 -18.03
C ASP A 69 -1.99 -9.67 -17.25
N ARG A 70 -1.90 -9.18 -16.02
CA ARG A 70 -2.97 -9.19 -15.08
C ARG A 70 -4.04 -8.19 -15.46
N GLU A 71 -3.65 -6.99 -15.88
CA GLU A 71 -4.58 -6.03 -16.49
C GLU A 71 -5.30 -6.54 -17.74
N MSE A 72 -4.61 -7.27 -18.60
CA MSE A 72 -5.24 -7.92 -19.77
C MSE A 72 -6.25 -8.97 -19.35
O MSE A 72 -7.30 -9.03 -19.94
CB MSE A 72 -4.21 -8.58 -20.64
CG MSE A 72 -3.24 -7.58 -21.29
SE MSE A 72 -1.84 -8.41 -22.33
CE MSE A 72 -2.83 -9.74 -23.33
N ILE A 73 -5.95 -9.76 -18.32
CA ILE A 73 -6.95 -10.69 -17.75
C ILE A 73 -8.14 -9.91 -17.21
N ALA A 74 -7.86 -8.80 -16.52
CA ALA A 74 -8.96 -8.01 -15.90
C ALA A 74 -9.91 -7.47 -17.01
N VAL A 75 -9.34 -7.01 -18.13
CA VAL A 75 -10.18 -6.44 -19.24
C VAL A 75 -10.99 -7.51 -20.00
N ALA A 76 -10.38 -8.65 -20.21
CA ALA A 76 -11.00 -9.79 -20.87
C ALA A 76 -12.24 -10.21 -20.11
N VAL A 77 -12.08 -10.37 -18.81
CA VAL A 77 -13.20 -10.76 -17.93
C VAL A 77 -14.25 -9.66 -17.87
N SER A 78 -13.78 -8.41 -17.77
CA SER A 78 -14.67 -7.23 -17.70
C SER A 78 -15.41 -7.03 -19.06
N SER A 79 -14.81 -7.48 -20.15
CA SER A 79 -15.48 -7.46 -21.47
C SER A 79 -16.66 -8.43 -21.51
N ILE A 80 -16.47 -9.65 -20.99
CA ILE A 80 -17.51 -10.66 -21.03
C ILE A 80 -18.70 -10.22 -20.20
N ASN A 81 -18.42 -9.61 -19.05
CA ASN A 81 -19.44 -9.16 -18.11
C ASN A 81 -20.03 -7.79 -18.36
N HIS A 82 -19.59 -7.13 -19.44
CA HIS A 82 -19.95 -5.76 -19.76
C HIS A 82 -19.86 -4.81 -18.56
N CYS A 83 -18.71 -4.80 -17.93
CA CYS A 83 -18.53 -3.93 -16.77
C CYS A 83 -17.90 -2.58 -17.19
N TYR A 84 -18.74 -1.53 -17.19
CA TYR A 84 -18.34 -0.18 -17.56
C TYR A 84 -17.21 0.42 -16.67
N TYR A 85 -17.31 0.30 -15.34
CA TYR A 85 -16.26 0.77 -14.45
C TYR A 85 -14.93 0.09 -14.86
N CYS A 86 -14.92 -1.25 -14.87
CA CYS A 86 -13.62 -1.95 -15.06
C CYS A 86 -13.04 -1.88 -16.46
N LEU A 87 -13.87 -1.92 -17.52
CA LEU A 87 -13.38 -1.72 -18.88
C LEU A 87 -12.77 -0.32 -19.03
N THR A 88 -13.32 0.66 -18.34
CA THR A 88 -12.78 2.01 -18.38
C THR A 88 -11.47 2.14 -17.69
N ALA A 89 -11.41 1.71 -16.42
CA ALA A 89 -10.25 1.87 -15.54
C ALA A 89 -9.11 0.96 -15.98
N HIS A 90 -9.44 -0.27 -16.33
CA HIS A 90 -8.39 -1.23 -16.63
C HIS A 90 -8.03 -1.25 -18.06
N GLY A 91 -8.92 -0.76 -18.93
CA GLY A 91 -8.62 -0.51 -20.30
C GLY A 91 -7.62 0.63 -20.35
N ALA A 92 -7.80 1.66 -19.54
CA ALA A 92 -6.81 2.72 -19.47
C ALA A 92 -5.49 2.16 -19.05
N ALA A 93 -5.49 1.22 -18.10
CA ALA A 93 -4.25 0.60 -17.60
C ALA A 93 -3.52 -0.24 -18.65
N VAL A 94 -4.28 -0.98 -19.47
CA VAL A 94 -3.65 -1.72 -20.59
C VAL A 94 -2.97 -0.74 -21.57
N ARG A 95 -3.62 0.38 -21.85
CA ARG A 95 -3.06 1.35 -22.81
C ARG A 95 -1.78 1.94 -22.26
N GLN A 96 -1.83 2.23 -20.97
CA GLN A 96 -0.74 2.89 -20.26
C GLN A 96 0.46 1.99 -20.03
N LEU A 97 0.23 0.78 -19.57
CA LEU A 97 1.30 -0.21 -19.35
C LEU A 97 1.88 -0.75 -20.66
N SER A 98 1.11 -0.75 -21.74
CA SER A 98 1.60 -1.37 -22.99
C SER A 98 2.28 -0.36 -23.89
N GLY A 99 1.85 0.90 -23.78
CA GLY A 99 2.16 1.94 -24.75
C GLY A 99 1.39 1.80 -26.05
N ASP A 100 0.41 0.92 -26.08
CA ASP A 100 -0.33 0.60 -27.29
C ASP A 100 -1.80 0.92 -27.13
N PRO A 101 -2.22 2.13 -27.57
CA PRO A 101 -3.63 2.51 -27.43
C PRO A 101 -4.60 1.49 -28.08
N ALA A 102 -4.19 0.88 -29.21
CA ALA A 102 -4.97 -0.13 -29.94
C ALA A 102 -5.17 -1.45 -29.19
N LEU A 103 -4.14 -1.91 -28.47
CA LEU A 103 -4.26 -3.10 -27.62
C LEU A 103 -5.39 -2.97 -26.59
N GLY A 104 -5.45 -1.83 -25.91
CA GLY A 104 -6.51 -1.58 -24.94
C GLY A 104 -7.90 -1.67 -25.56
N GLU A 105 -8.08 -1.08 -26.75
CA GLU A 105 -9.36 -1.17 -27.44
C GLU A 105 -9.73 -2.60 -27.83
N MSE A 106 -8.78 -3.34 -28.39
CA MSE A 106 -9.01 -4.74 -28.75
C MSE A 106 -9.38 -5.62 -27.59
O MSE A 106 -10.23 -6.51 -27.73
CB MSE A 106 -7.74 -5.30 -29.42
CG MSE A 106 -7.48 -4.68 -30.78
SE MSE A 106 -5.66 -5.09 -31.50
CE MSE A 106 -5.91 -4.68 -33.38
N LEU A 107 -8.74 -5.43 -26.45
CA LEU A 107 -9.05 -6.24 -25.27
C LEU A 107 -10.43 -5.92 -24.74
N VAL A 108 -10.81 -4.65 -24.81
CA VAL A 108 -12.11 -4.16 -24.40
C VAL A 108 -13.22 -4.76 -25.29
N MSE A 109 -12.91 -4.90 -26.58
CA MSE A 109 -13.87 -5.29 -27.62
C MSE A 109 -13.91 -6.80 -27.92
O MSE A 109 -14.97 -7.43 -27.77
CB MSE A 109 -13.63 -4.51 -28.88
CG MSE A 109 -13.78 -2.99 -28.67
SE MSE A 109 -13.14 -1.96 -30.14
CE MSE A 109 -13.48 -0.19 -29.36
N ASN A 110 -12.76 -7.38 -28.30
CA ASN A 110 -12.65 -8.82 -28.47
C ASN A 110 -11.16 -9.20 -28.63
N PHE A 111 -10.55 -9.81 -27.60
CA PHE A 111 -9.11 -10.16 -27.55
C PHE A 111 -8.66 -11.07 -28.69
N ARG A 112 -9.64 -11.74 -29.32
CA ARG A 112 -9.36 -12.64 -30.40
C ARG A 112 -8.94 -11.83 -31.60
N ALA A 113 -9.34 -10.56 -31.62
CA ALA A 113 -8.90 -9.58 -32.61
C ALA A 113 -7.40 -9.20 -32.50
N ALA A 114 -6.80 -9.40 -31.33
CA ALA A 114 -5.46 -8.83 -30.96
C ALA A 114 -4.19 -9.49 -31.46
N ASP A 115 -4.22 -10.67 -32.06
CA ASP A 115 -2.95 -11.26 -32.60
C ASP A 115 -1.92 -11.47 -31.49
N LEU A 116 -2.43 -11.99 -30.40
CA LEU A 116 -1.65 -12.27 -29.21
C LEU A 116 -0.75 -13.47 -29.37
N SER A 117 0.23 -13.56 -28.48
CA SER A 117 1.12 -14.70 -28.46
C SER A 117 0.32 -15.91 -27.99
N PRO A 118 0.89 -17.12 -28.18
CA PRO A 118 0.27 -18.35 -27.67
C PRO A 118 0.08 -18.34 -26.14
N ARG A 119 1.12 -17.88 -25.43
CA ARG A 119 1.10 -17.71 -23.99
C ARG A 119 -0.05 -16.81 -23.54
N GLN A 120 -0.21 -15.65 -24.18
CA GLN A 120 -1.30 -14.71 -23.83
C GLN A 120 -2.67 -15.25 -24.20
N THR A 121 -2.77 -15.94 -25.32
CA THR A 121 -4.03 -16.56 -25.72
C THR A 121 -4.54 -17.58 -24.74
N ALA A 122 -3.66 -18.45 -24.29
CA ALA A 122 -3.98 -19.52 -23.35
C ALA A 122 -4.49 -18.99 -22.01
N MSE A 123 -3.78 -17.98 -21.50
CA MSE A 123 -4.12 -17.32 -20.29
C MSE A 123 -5.53 -16.77 -20.41
O MSE A 123 -6.36 -16.98 -19.53
CB MSE A 123 -3.08 -16.21 -20.10
CG MSE A 123 -3.22 -15.30 -18.94
SE MSE A 123 -1.74 -14.02 -19.00
CE MSE A 123 -2.48 -12.70 -20.24
N LEU A 124 -5.81 -16.04 -21.51
CA LEU A 124 -7.13 -15.36 -21.65
C LEU A 124 -8.22 -16.38 -21.93
N GLU A 125 -7.94 -17.43 -22.70
CA GLU A 125 -8.98 -18.44 -22.97
C GLU A 125 -9.42 -19.14 -21.66
N PHE A 126 -8.50 -19.29 -20.71
CA PHE A 126 -8.81 -19.88 -19.42
C PHE A 126 -9.66 -18.92 -18.59
N ALA A 127 -9.30 -17.64 -18.64
CA ALA A 127 -10.07 -16.63 -17.94
C ALA A 127 -11.49 -16.54 -18.50
N VAL A 128 -11.66 -16.60 -19.82
CA VAL A 128 -12.97 -16.74 -20.45
C VAL A 128 -13.79 -17.92 -19.90
N LYS A 129 -13.25 -19.14 -19.87
CA LYS A 129 -14.05 -20.28 -19.41
C LYS A 129 -14.40 -20.16 -17.94
N LEU A 130 -13.47 -19.61 -17.16
CA LEU A 130 -13.67 -19.42 -15.76
C LEU A 130 -14.74 -18.37 -15.50
N THR A 131 -14.82 -17.36 -16.34
CA THR A 131 -15.84 -16.34 -16.23
C THR A 131 -17.21 -16.83 -16.67
N GLU A 132 -17.25 -17.55 -17.80
CA GLU A 132 -18.51 -18.05 -18.39
C GLU A 132 -19.09 -19.33 -17.82
N GLU A 133 -18.24 -20.32 -17.51
CA GLU A 133 -18.70 -21.66 -17.10
C GLU A 133 -17.75 -22.31 -16.12
N PRO A 134 -17.74 -21.73 -14.91
CA PRO A 134 -16.92 -22.20 -13.83
C PRO A 134 -17.16 -23.65 -13.48
N ALA A 135 -18.43 -24.09 -13.53
CA ALA A 135 -18.77 -25.48 -13.28
C ALA A 135 -18.02 -26.48 -14.13
N LYS A 136 -17.50 -26.06 -15.28
CA LYS A 136 -16.99 -26.96 -16.31
C LYS A 136 -15.44 -27.04 -16.38
N ILE A 137 -14.75 -26.36 -15.46
CA ILE A 137 -13.30 -26.35 -15.47
C ILE A 137 -12.90 -27.73 -15.08
N VAL A 138 -11.98 -28.33 -15.83
CA VAL A 138 -11.46 -29.67 -15.56
C VAL A 138 -9.94 -29.69 -15.75
N GLU A 139 -9.28 -30.81 -15.44
CA GLU A 139 -7.82 -30.94 -15.56
C GLU A 139 -7.31 -30.52 -16.94
N ALA A 140 -7.94 -30.95 -18.05
CA ALA A 140 -7.56 -30.46 -19.40
C ALA A 140 -7.38 -28.94 -19.50
N ASP A 141 -8.14 -28.16 -18.72
CA ASP A 141 -8.03 -26.70 -18.81
C ASP A 141 -6.75 -26.20 -18.16
N ARG A 142 -6.38 -26.81 -17.03
CA ARG A 142 -5.06 -26.59 -16.42
C ARG A 142 -3.89 -27.08 -17.29
N ALA A 143 -4.00 -28.30 -17.80
CA ALA A 143 -3.01 -28.85 -18.72
C ALA A 143 -2.74 -27.94 -19.96
N ALA A 144 -3.74 -27.16 -20.40
CA ALA A 144 -3.57 -26.26 -21.56
C ALA A 144 -2.66 -25.09 -21.19
N LEU A 145 -2.75 -24.66 -19.95
CA LEU A 145 -1.92 -23.56 -19.46
C LEU A 145 -0.48 -24.04 -19.28
N ARG A 146 -0.31 -25.28 -18.82
CA ARG A 146 1.03 -25.85 -18.59
C ARG A 146 1.76 -25.98 -19.91
N LYS A 147 1.05 -26.49 -20.89
CA LYS A 147 1.57 -26.62 -22.25
C LYS A 147 1.93 -25.27 -22.88
N ALA A 148 1.30 -24.18 -22.44
CA ALA A 148 1.63 -22.82 -22.84
C ALA A 148 2.88 -22.27 -22.11
N GLY A 149 3.34 -22.96 -21.08
CA GLY A 149 4.57 -22.58 -20.37
C GLY A 149 4.35 -21.99 -18.97
N PHE A 150 3.13 -22.02 -18.46
CA PHE A 150 2.85 -21.57 -17.12
C PHE A 150 3.12 -22.62 -16.06
N SER A 151 3.70 -22.13 -14.96
CA SER A 151 3.92 -22.89 -13.76
C SER A 151 2.64 -22.95 -12.99
N ASP A 152 2.59 -23.82 -11.98
CA ASP A 152 1.32 -24.05 -11.26
C ASP A 152 0.94 -22.81 -10.44
N ARG A 153 1.96 -22.09 -9.99
CA ARG A 153 1.81 -20.83 -9.28
C ARG A 153 1.39 -19.72 -10.19
N ASP A 154 1.86 -19.77 -11.42
CA ASP A 154 1.31 -18.89 -12.46
C ASP A 154 -0.18 -19.17 -12.62
N ILE A 155 -0.53 -20.45 -12.69
CA ILE A 155 -1.92 -20.86 -12.84
C ILE A 155 -2.77 -20.34 -11.67
N TRP A 156 -2.27 -20.45 -10.44
CA TRP A 156 -2.92 -19.83 -9.28
C TRP A 156 -3.18 -18.33 -9.53
N ASP A 157 -2.19 -17.64 -10.07
CA ASP A 157 -2.28 -16.19 -10.22
C ASP A 157 -3.27 -15.83 -11.36
N ILE A 158 -3.26 -16.59 -12.45
CA ILE A 158 -4.26 -16.39 -13.51
C ILE A 158 -5.67 -16.56 -12.94
N ALA A 159 -5.88 -17.65 -12.21
CA ALA A 159 -7.21 -17.97 -11.67
C ALA A 159 -7.66 -16.90 -10.68
N SER A 160 -6.76 -16.51 -9.77
CA SER A 160 -7.02 -15.51 -8.74
C SER A 160 -7.38 -14.16 -9.32
N THR A 161 -6.68 -13.77 -10.39
CA THR A 161 -6.95 -12.52 -11.08
C THR A 161 -8.30 -12.52 -11.76
N ALA A 162 -8.55 -13.59 -12.49
CA ALA A 162 -9.83 -13.75 -13.22
C ALA A 162 -11.00 -13.80 -12.23
N ALA A 163 -10.77 -14.56 -11.17
CA ALA A 163 -11.76 -14.73 -10.12
C ALA A 163 -12.07 -13.39 -9.44
N PHE A 164 -11.04 -12.63 -9.13
CA PHE A 164 -11.17 -11.29 -8.53
C PHE A 164 -12.02 -10.34 -9.36
N PHE A 165 -11.78 -10.28 -10.66
CA PHE A 165 -12.56 -9.44 -11.52
C PHE A 165 -13.98 -9.90 -11.74
N ASN A 166 -14.22 -11.20 -11.59
CA ASN A 166 -15.59 -11.64 -11.47
C ASN A 166 -16.31 -11.05 -10.28
N MSE A 167 -15.58 -10.77 -9.19
CA MSE A 167 -16.14 -10.06 -8.03
C MSE A 167 -16.29 -8.58 -8.22
O MSE A 167 -17.39 -8.04 -7.97
CB MSE A 167 -15.29 -10.30 -6.76
CG MSE A 167 -15.58 -9.29 -5.61
SE MSE A 167 -14.75 -9.88 -3.91
CE MSE A 167 -15.89 -9.03 -2.47
N SER A 168 -15.20 -7.93 -8.67
CA SER A 168 -15.19 -6.50 -8.99
C SER A 168 -16.26 -6.02 -9.98
N ASN A 169 -16.46 -6.78 -11.05
CA ASN A 169 -17.53 -6.51 -12.03
C ASN A 169 -18.91 -6.46 -11.38
N ARG A 170 -19.18 -7.44 -10.51
CA ARG A 170 -20.47 -7.60 -9.88
C ARG A 170 -20.78 -6.56 -8.79
N VAL A 171 -19.76 -6.21 -8.01
CA VAL A 171 -19.91 -5.02 -7.09
C VAL A 171 -20.27 -3.76 -7.89
N ALA A 172 -19.48 -3.46 -8.90
CA ALA A 172 -19.63 -2.30 -9.74
C ALA A 172 -20.97 -2.28 -10.42
N ALA A 173 -21.35 -3.39 -11.06
CA ALA A 173 -22.70 -3.53 -11.64
C ALA A 173 -23.85 -3.37 -10.64
N ALA A 174 -23.72 -4.04 -9.51
CA ALA A 174 -24.75 -4.02 -8.47
C ALA A 174 -25.11 -2.61 -8.01
N ILE A 175 -24.11 -1.74 -7.95
CA ILE A 175 -24.28 -0.41 -7.41
C ILE A 175 -24.15 0.70 -8.45
N ASP A 176 -23.93 0.34 -9.71
CA ASP A 176 -23.73 1.31 -10.77
C ASP A 176 -22.60 2.25 -10.48
N MSE A 177 -21.40 1.70 -10.30
CA MSE A 177 -20.24 2.44 -9.88
C MSE A 177 -19.66 3.15 -11.08
O MSE A 177 -19.55 2.55 -12.12
CB MSE A 177 -19.18 1.50 -9.28
CG MSE A 177 -18.07 2.23 -8.48
SE MSE A 177 -16.63 1.00 -8.06
CE MSE A 177 -17.56 0.02 -6.70
N ARG A 178 -19.26 4.40 -10.92
CA ARG A 178 -18.84 5.22 -12.05
CA ARG A 178 -18.83 5.20 -12.05
C ARG A 178 -17.35 5.44 -12.00
N PRO A 179 -16.67 5.16 -13.13
CA PRO A 179 -15.23 5.40 -13.21
C PRO A 179 -14.91 6.87 -13.46
N ASN A 180 -13.75 7.30 -12.98
CA ASN A 180 -13.28 8.67 -13.16
C ASN A 180 -13.31 9.07 -14.62
N ASP A 181 -13.76 10.28 -14.92
CA ASP A 181 -13.82 10.76 -16.30
C ASP A 181 -12.44 10.89 -17.00
N GLU A 182 -11.38 11.10 -16.21
CA GLU A 182 -10.01 11.20 -16.71
C GLU A 182 -9.49 9.97 -17.39
N TYR A 183 -10.01 8.81 -17.01
CA TYR A 183 -9.64 7.56 -17.63
C TYR A 183 -9.84 7.53 -19.11
N HIS A 184 -10.97 8.05 -19.57
CA HIS A 184 -11.32 8.04 -20.99
C HIS A 184 -10.28 8.61 -21.93
N ALA A 185 -9.62 9.71 -21.55
CA ALA A 185 -8.66 10.41 -22.41
C ALA A 185 -7.23 9.99 -22.24
N MSE A 186 -6.94 9.18 -21.23
CA MSE A 186 -5.57 8.74 -20.93
C MSE A 186 -5.01 7.76 -21.94
O MSE A 186 -5.74 6.88 -22.39
CB MSE A 186 -5.53 7.97 -19.63
CG MSE A 186 -5.48 8.75 -18.41
SE MSE A 186 -5.33 7.54 -16.91
CE MSE A 186 -6.13 8.85 -15.66
N ALA A 187 -3.72 7.88 -22.20
CA ALA A 187 -2.96 6.88 -22.99
C ALA A 187 -3.59 6.59 -24.36
N ARG A 188 -4.04 7.63 -25.07
CA ARG A 188 -4.64 7.53 -26.41
C ARG A 188 -3.69 7.90 -27.55
N GLY B 4 -6.30 -35.81 0.88
CA GLY B 4 -4.89 -35.48 1.29
C GLY B 4 -4.40 -34.18 0.68
N LYS B 5 -4.60 -34.06 -0.63
CA LYS B 5 -4.29 -32.84 -1.35
C LYS B 5 -5.48 -31.93 -1.13
N ILE B 6 -5.21 -30.65 -0.90
CA ILE B 6 -6.29 -29.70 -0.79
C ILE B 6 -6.63 -29.05 -2.15
N SER B 7 -5.81 -29.32 -3.17
CA SER B 7 -6.13 -28.91 -4.52
C SER B 7 -5.42 -29.75 -5.58
N ALA B 8 -5.78 -29.46 -6.82
CA ALA B 8 -5.21 -30.13 -7.97
C ALA B 8 -3.95 -29.43 -8.47
N LEU B 9 -3.63 -28.24 -7.99
CA LEU B 9 -2.32 -27.67 -8.34
C LEU B 9 -1.25 -28.48 -7.68
N ASP B 10 -0.07 -28.51 -8.30
CA ASP B 10 1.12 -29.16 -7.78
C ASP B 10 2.03 -28.07 -7.15
N LEU B 11 1.69 -27.63 -5.94
CA LEU B 11 2.46 -26.59 -5.26
C LEU B 11 3.50 -27.17 -4.28
N ALA B 12 4.71 -26.63 -4.34
CA ALA B 12 5.62 -26.74 -3.21
C ALA B 12 5.25 -25.69 -2.14
N SER B 13 5.83 -25.85 -0.96
CA SER B 13 5.61 -24.96 0.16
C SER B 13 6.70 -25.22 1.21
N GLY B 14 7.11 -24.16 1.89
CA GLY B 14 8.01 -24.27 3.04
C GLY B 14 7.19 -24.33 4.31
N GLU B 15 7.83 -24.12 5.45
CA GLU B 15 7.14 -24.13 6.74
C GLU B 15 6.17 -22.97 6.93
N LEU B 16 5.14 -23.25 7.71
CA LEU B 16 4.22 -22.23 8.17
C LEU B 16 4.96 -21.29 9.10
N SER B 17 4.62 -20.01 9.05
CA SER B 17 5.22 -19.05 9.97
C SER B 17 4.71 -19.39 11.34
N GLU B 18 5.43 -18.99 12.38
CA GLU B 18 4.95 -19.25 13.74
C GLU B 18 3.60 -18.59 14.08
N PRO B 19 3.34 -17.38 13.54
CA PRO B 19 2.02 -16.77 13.59
C PRO B 19 0.92 -17.61 12.96
N THR B 20 1.17 -18.27 11.84
CA THR B 20 0.16 -19.08 11.17
C THR B 20 -0.11 -20.39 11.89
N LYS B 21 0.96 -21.03 12.37
CA LYS B 21 0.81 -22.20 13.22
C LYS B 21 -0.12 -21.91 14.42
N ALA B 22 0.13 -20.79 15.11
CA ALA B 22 -0.70 -20.31 16.23
C ALA B 22 -2.15 -20.05 15.84
N TYR B 23 -2.33 -19.31 14.74
CA TYR B 23 -3.64 -18.97 14.25
C TYR B 23 -4.48 -20.20 13.93
N PHE B 24 -3.83 -21.16 13.27
CA PHE B 24 -4.41 -22.46 12.95
C PHE B 24 -4.64 -23.28 14.22
N ALA B 25 -3.73 -23.20 15.19
CA ALA B 25 -3.96 -23.85 16.49
C ALA B 25 -5.32 -23.40 17.08
N LYS B 26 -5.62 -22.11 16.93
CA LYS B 26 -6.90 -21.55 17.39
C LYS B 26 -8.14 -21.89 16.57
N CYS B 27 -8.03 -21.91 15.23
CA CYS B 27 -9.06 -22.51 14.39
C CYS B 27 -9.38 -23.89 14.88
N GLU B 28 -8.35 -24.71 15.00
CA GLU B 28 -8.54 -26.09 15.40
C GLU B 28 -9.16 -26.12 16.81
N GLU B 29 -8.66 -25.29 17.73
CA GLU B 29 -9.22 -25.24 19.10
C GLU B 29 -10.69 -24.85 19.05
N LYS B 30 -11.02 -23.86 18.26
CA LYS B 30 -12.39 -23.38 18.11
C LYS B 30 -13.23 -24.38 17.28
N LEU B 31 -13.07 -24.35 15.96
CA LEU B 31 -13.89 -25.11 15.03
C LEU B 31 -13.63 -26.61 14.98
N GLY B 32 -12.52 -27.09 15.55
CA GLY B 32 -12.18 -28.51 15.45
C GLY B 32 -11.61 -28.94 14.12
N LEU B 33 -11.33 -27.96 13.26
CA LEU B 33 -10.65 -28.17 12.00
C LEU B 33 -10.00 -26.88 11.57
N VAL B 34 -8.98 -26.99 10.72
CA VAL B 34 -8.47 -25.85 9.97
C VAL B 34 -9.07 -25.94 8.58
N PRO B 35 -9.95 -24.98 8.22
CA PRO B 35 -10.58 -24.94 6.90
C PRO B 35 -9.55 -25.02 5.78
N ASN B 36 -9.78 -25.91 4.83
CA ASN B 36 -8.82 -26.13 3.78
C ASN B 36 -8.46 -24.89 2.98
N VAL B 37 -9.37 -23.92 2.87
CA VAL B 37 -9.08 -22.67 2.11
C VAL B 37 -7.90 -21.92 2.77
N LEU B 38 -7.87 -21.93 4.11
CA LEU B 38 -6.80 -21.27 4.85
C LEU B 38 -5.47 -21.94 4.55
N LYS B 39 -5.45 -23.26 4.48
CA LYS B 39 -4.23 -23.99 4.15
C LYS B 39 -3.76 -23.67 2.73
N ALA B 40 -4.70 -23.40 1.82
CA ALA B 40 -4.41 -22.95 0.45
C ALA B 40 -3.60 -21.62 0.41
N TYR B 41 -3.93 -20.69 1.29
CA TYR B 41 -3.30 -19.36 1.36
C TYR B 41 -2.08 -19.27 2.28
N ALA B 42 -1.69 -20.38 2.90
CA ALA B 42 -0.62 -20.33 3.91
C ALA B 42 0.79 -20.27 3.31
N PHE B 43 0.92 -20.39 1.98
CA PHE B 43 2.24 -20.26 1.31
C PHE B 43 2.73 -18.80 1.34
N ASP B 44 1.82 -17.88 1.68
CA ASP B 44 2.10 -16.45 1.79
C ASP B 44 1.23 -15.81 2.92
N ASP B 45 1.82 -15.52 4.07
CA ASP B 45 1.06 -14.95 5.20
C ASP B 45 0.38 -13.64 4.82
N LYS B 46 0.87 -13.04 3.74
CA LYS B 46 0.38 -11.77 3.21
C LYS B 46 -0.99 -11.97 2.61
N LYS B 47 -1.09 -13.00 1.79
CA LYS B 47 -2.32 -13.38 1.17
C LYS B 47 -3.34 -13.92 2.21
N LEU B 48 -2.90 -14.82 3.08
CA LEU B 48 -3.75 -15.41 4.12
C LEU B 48 -4.40 -14.31 4.93
N ARG B 49 -3.61 -13.36 5.43
CA ARG B 49 -4.16 -12.22 6.14
C ARG B 49 -5.16 -11.43 5.30
N ALA B 50 -4.89 -11.24 4.01
CA ALA B 50 -5.81 -10.53 3.14
C ALA B 50 -7.11 -11.30 3.09
N PHE B 51 -6.99 -12.62 2.85
CA PHE B 51 -8.17 -13.46 2.76
C PHE B 51 -8.99 -13.37 4.03
N THR B 52 -8.38 -13.59 5.19
CA THR B 52 -9.17 -13.71 6.43
C THR B 52 -9.83 -12.37 6.82
N ASP B 53 -9.13 -11.25 6.58
CA ASP B 53 -9.67 -9.89 6.75
C ASP B 53 -10.96 -9.68 5.96
N ILE B 54 -10.93 -9.94 4.64
CA ILE B 54 -12.11 -9.77 3.77
C ILE B 54 -13.18 -10.76 4.17
N TYR B 55 -12.81 -12.00 4.46
CA TYR B 55 -13.86 -13.01 4.77
C TYR B 55 -14.63 -12.65 6.06
N ASN B 56 -13.87 -12.27 7.08
CA ASN B 56 -14.42 -11.96 8.35
C ASN B 56 -15.27 -10.71 8.34
N ASP B 57 -14.75 -9.61 7.80
CA ASP B 57 -15.61 -8.43 7.68
C ASP B 57 -16.89 -8.80 6.97
N LEU B 58 -16.76 -9.51 5.86
CA LEU B 58 -17.89 -9.82 4.99
C LEU B 58 -18.92 -10.68 5.71
N MSE B 59 -18.45 -11.75 6.34
CA MSE B 59 -19.36 -12.80 6.80
C MSE B 59 -19.78 -12.63 8.24
O MSE B 59 -20.84 -13.12 8.62
CB MSE B 59 -18.77 -14.20 6.61
CG MSE B 59 -18.62 -14.65 5.17
SE MSE B 59 -20.12 -14.40 3.96
CE MSE B 59 -21.05 -16.11 4.19
N LEU B 60 -18.95 -11.94 9.02
CA LEU B 60 -19.07 -11.83 10.49
C LEU B 60 -19.17 -10.38 11.04
N GLY B 61 -18.88 -9.39 10.20
CA GLY B 61 -18.87 -8.01 10.67
C GLY B 61 -20.29 -7.53 10.83
N GLU B 62 -20.44 -6.30 11.31
N GLU B 62 -20.45 -6.28 11.27
CA GLU B 62 -21.76 -5.71 11.49
CA GLU B 62 -21.76 -5.71 11.52
C GLU B 62 -22.40 -5.58 10.12
C GLU B 62 -22.45 -5.41 10.18
N SER B 63 -23.71 -5.81 10.07
CA SER B 63 -24.46 -5.72 8.83
C SER B 63 -25.93 -5.74 9.24
N GLY B 64 -26.79 -5.24 8.33
CA GLY B 64 -28.24 -5.44 8.42
C GLY B 64 -28.67 -6.84 8.02
N LEU B 65 -27.76 -7.58 7.37
CA LEU B 65 -27.90 -8.99 7.09
C LEU B 65 -27.40 -9.80 8.31
N SER B 66 -28.14 -10.85 8.70
CA SER B 66 -27.73 -11.71 9.74
C SER B 66 -26.60 -12.58 9.19
N LYS B 67 -25.92 -13.31 10.06
CA LYS B 67 -24.88 -14.18 9.53
C LYS B 67 -25.51 -15.27 8.66
N LEU B 68 -26.73 -15.70 8.99
CA LEU B 68 -27.39 -16.77 8.25
C LEU B 68 -27.83 -16.29 6.86
N ASP B 69 -28.31 -15.04 6.75
CA ASP B 69 -28.65 -14.45 5.45
C ASP B 69 -27.48 -14.49 4.47
N ARG B 70 -26.32 -14.09 4.98
CA ARG B 70 -25.08 -14.08 4.19
C ARG B 70 -24.59 -15.48 3.81
N GLU B 71 -24.64 -16.45 4.74
CA GLU B 71 -24.42 -17.87 4.37
C GLU B 71 -25.46 -18.36 3.35
N MSE B 72 -26.68 -17.85 3.38
CA MSE B 72 -27.71 -18.22 2.36
C MSE B 72 -27.37 -17.65 1.02
O MSE B 72 -27.54 -18.32 -0.01
CB MSE B 72 -29.13 -17.76 2.73
CG MSE B 72 -29.83 -18.66 3.75
SE MSE B 72 -31.63 -18.06 4.31
CE MSE B 72 -32.33 -17.36 2.73
N ILE B 73 -26.86 -16.43 1.00
CA ILE B 73 -26.42 -15.86 -0.27
C ILE B 73 -25.26 -16.69 -0.79
N ALA B 74 -24.31 -17.05 0.09
CA ALA B 74 -23.12 -17.84 -0.31
C ALA B 74 -23.52 -19.12 -0.99
N VAL B 75 -24.45 -19.83 -0.35
CA VAL B 75 -24.89 -21.12 -0.88
C VAL B 75 -25.75 -21.00 -2.19
N ALA B 76 -26.62 -20.01 -2.29
CA ALA B 76 -27.41 -19.83 -3.50
C ALA B 76 -26.53 -19.55 -4.71
N VAL B 77 -25.53 -18.69 -4.52
CA VAL B 77 -24.59 -18.39 -5.57
C VAL B 77 -23.74 -19.62 -5.95
N SER B 78 -23.22 -20.31 -4.94
CA SER B 78 -22.46 -21.55 -5.08
C SER B 78 -23.22 -22.70 -5.75
N SER B 79 -24.54 -22.71 -5.56
CA SER B 79 -25.45 -23.66 -6.20
C SER B 79 -25.57 -23.42 -7.70
N ILE B 80 -25.72 -22.17 -8.07
CA ILE B 80 -25.73 -21.77 -9.49
C ILE B 80 -24.42 -22.13 -10.20
N ASN B 81 -23.29 -21.95 -9.53
CA ASN B 81 -21.97 -22.17 -10.15
C ASN B 81 -21.45 -23.58 -9.91
N HIS B 82 -22.23 -24.39 -9.22
CA HIS B 82 -21.89 -25.79 -8.95
C HIS B 82 -20.53 -25.92 -8.26
N CYS B 83 -20.30 -25.12 -7.21
CA CYS B 83 -19.06 -25.15 -6.47
C CYS B 83 -19.07 -26.15 -5.32
N TYR B 84 -18.37 -27.26 -5.50
CA TYR B 84 -18.25 -28.29 -4.46
C TYR B 84 -17.67 -27.81 -3.11
N TYR B 85 -16.65 -26.96 -3.17
CA TYR B 85 -16.01 -26.48 -1.96
C TYR B 85 -17.02 -25.73 -1.13
N CYS B 86 -17.69 -24.81 -1.80
CA CYS B 86 -18.48 -23.83 -1.12
C CYS B 86 -19.80 -24.37 -0.74
N LEU B 87 -20.36 -25.26 -1.57
CA LEU B 87 -21.61 -25.89 -1.20
C LEU B 87 -21.46 -26.78 0.06
N THR B 88 -20.34 -27.48 0.13
CA THR B 88 -20.00 -28.28 1.29
C THR B 88 -19.84 -27.45 2.58
N ALA B 89 -19.02 -26.40 2.51
CA ALA B 89 -18.60 -25.60 3.66
C ALA B 89 -19.68 -24.66 4.17
N HIS B 90 -20.38 -24.01 3.25
CA HIS B 90 -21.41 -23.03 3.59
C HIS B 90 -22.78 -23.70 3.70
N GLY B 91 -22.99 -24.81 3.02
CA GLY B 91 -24.08 -25.73 3.33
C GLY B 91 -24.09 -26.12 4.80
N ALA B 92 -22.94 -26.55 5.30
CA ALA B 92 -22.73 -26.91 6.73
C ALA B 92 -22.97 -25.73 7.66
N ALA B 93 -22.58 -24.54 7.26
CA ALA B 93 -22.84 -23.31 8.02
C ALA B 93 -24.35 -22.96 8.09
N VAL B 94 -25.07 -23.13 6.98
CA VAL B 94 -26.52 -22.93 6.96
C VAL B 94 -27.28 -23.94 7.89
N ARG B 95 -26.94 -25.23 7.83
CA ARG B 95 -27.48 -26.24 8.72
C ARG B 95 -27.15 -25.94 10.19
N GLN B 96 -25.94 -25.45 10.42
CA GLN B 96 -25.50 -25.10 11.77
C GLN B 96 -26.28 -23.89 12.32
N LEU B 97 -26.25 -22.78 11.57
CA LEU B 97 -26.86 -21.51 12.01
C LEU B 97 -28.39 -21.57 12.16
N SER B 98 -29.09 -22.24 11.23
CA SER B 98 -30.55 -22.38 11.30
C SER B 98 -30.99 -23.49 12.26
N GLY B 99 -30.11 -24.44 12.57
CA GLY B 99 -30.52 -25.63 13.31
C GLY B 99 -31.42 -26.55 12.49
N ASP B 100 -31.43 -26.36 11.17
CA ASP B 100 -32.41 -27.04 10.31
C ASP B 100 -31.69 -27.65 9.13
N PRO B 101 -31.36 -28.94 9.20
CA PRO B 101 -30.61 -29.63 8.14
C PRO B 101 -31.27 -29.57 6.76
N ALA B 102 -32.59 -29.74 6.66
CA ALA B 102 -33.35 -29.60 5.41
C ALA B 102 -33.19 -28.23 4.72
N LEU B 103 -33.27 -27.14 5.49
CA LEU B 103 -33.02 -25.80 4.92
C LEU B 103 -31.65 -25.81 4.27
N GLY B 104 -30.66 -26.39 4.93
CA GLY B 104 -29.32 -26.48 4.35
C GLY B 104 -29.36 -27.13 2.97
N GLU B 105 -30.09 -28.23 2.88
CA GLU B 105 -30.24 -29.01 1.67
C GLU B 105 -31.02 -28.23 0.58
N MSE B 106 -32.09 -27.55 0.94
CA MSE B 106 -32.83 -26.73 -0.03
C MSE B 106 -32.03 -25.61 -0.66
O MSE B 106 -32.15 -25.35 -1.87
CB MSE B 106 -34.07 -26.11 0.60
CG MSE B 106 -35.10 -27.15 0.97
SE MSE B 106 -36.60 -26.50 1.99
CE MSE B 106 -37.67 -28.11 2.00
N LEU B 107 -31.21 -24.94 0.13
CA LEU B 107 -30.40 -23.87 -0.43
C LEU B 107 -29.34 -24.42 -1.40
N VAL B 108 -28.78 -25.57 -1.06
CA VAL B 108 -27.77 -26.24 -1.93
C VAL B 108 -28.45 -26.68 -3.25
N MSE B 109 -29.70 -27.13 -3.15
CA MSE B 109 -30.39 -27.76 -4.29
C MSE B 109 -31.21 -26.76 -5.10
O MSE B 109 -31.07 -26.70 -6.31
CB MSE B 109 -31.27 -28.89 -3.79
CG MSE B 109 -30.47 -30.07 -3.21
SE MSE B 109 -31.48 -31.33 -2.19
CE MSE B 109 -30.16 -32.72 -1.93
N ASN B 110 -32.07 -26.01 -4.43
CA ASN B 110 -32.92 -25.00 -5.06
C ASN B 110 -33.67 -24.30 -3.98
N PHE B 111 -33.22 -23.10 -3.69
CA PHE B 111 -33.80 -22.25 -2.65
C PHE B 111 -35.26 -21.90 -2.85
N ARG B 112 -35.74 -22.00 -4.09
CA ARG B 112 -37.14 -21.74 -4.38
C ARG B 112 -38.08 -22.74 -3.72
N ALA B 113 -37.55 -23.93 -3.37
CA ALA B 113 -38.29 -24.93 -2.59
C ALA B 113 -38.42 -24.58 -1.10
N ALA B 114 -37.67 -23.62 -0.59
CA ALA B 114 -37.76 -23.27 0.83
C ALA B 114 -38.86 -22.23 1.10
N ASP B 115 -39.47 -22.30 2.25
CA ASP B 115 -40.53 -21.35 2.63
C ASP B 115 -39.85 -20.10 3.21
N LEU B 116 -39.35 -19.25 2.31
CA LEU B 116 -38.62 -18.04 2.71
C LEU B 116 -39.54 -16.83 2.78
N SER B 117 -39.23 -15.90 3.68
CA SER B 117 -39.94 -14.61 3.71
C SER B 117 -39.71 -13.90 2.36
N PRO B 118 -40.57 -12.90 2.02
CA PRO B 118 -40.41 -11.99 0.88
C PRO B 118 -39.04 -11.31 0.89
N ARG B 119 -38.58 -10.89 2.07
CA ARG B 119 -37.25 -10.31 2.25
C ARG B 119 -36.14 -11.26 1.76
N GLN B 120 -36.18 -12.51 2.21
CA GLN B 120 -35.17 -13.51 1.83
C GLN B 120 -35.22 -13.88 0.34
N THR B 121 -36.44 -14.02 -0.17
CA THR B 121 -36.67 -14.17 -1.60
C THR B 121 -36.07 -13.01 -2.41
N ALA B 122 -36.33 -11.77 -2.04
CA ALA B 122 -35.86 -10.64 -2.80
C ALA B 122 -34.32 -10.60 -2.87
N MSE B 123 -33.70 -10.93 -1.74
CA MSE B 123 -32.27 -10.97 -1.57
C MSE B 123 -31.58 -11.99 -2.47
O MSE B 123 -30.59 -11.68 -3.17
CB MSE B 123 -32.02 -11.32 -0.09
CG MSE B 123 -30.60 -11.54 0.29
SE MSE B 123 -30.50 -11.78 2.22
CE MSE B 123 -31.19 -13.68 2.25
N LEU B 124 -32.16 -13.18 -2.51
CA LEU B 124 -31.65 -14.32 -3.20
C LEU B 124 -31.93 -14.15 -4.67
N GLU B 125 -33.09 -13.61 -5.03
CA GLU B 125 -33.34 -13.35 -6.45
C GLU B 125 -32.37 -12.29 -7.00
N PHE B 126 -32.05 -11.26 -6.22
CA PHE B 126 -31.01 -10.32 -6.67
C PHE B 126 -29.64 -11.04 -6.88
N ALA B 127 -29.23 -11.82 -5.89
CA ALA B 127 -27.98 -12.63 -5.97
C ALA B 127 -27.92 -13.55 -7.21
N VAL B 128 -29.04 -14.21 -7.55
CA VAL B 128 -29.16 -15.02 -8.77
C VAL B 128 -28.91 -14.20 -10.02
N LYS B 129 -29.57 -13.05 -10.13
CA LYS B 129 -29.35 -12.14 -11.29
C LYS B 129 -27.93 -11.58 -11.35
N LEU B 130 -27.39 -11.15 -10.23
CA LEU B 130 -25.98 -10.71 -10.18
C LEU B 130 -25.00 -11.87 -10.55
N THR B 131 -25.38 -13.11 -10.28
CA THR B 131 -24.51 -14.29 -10.59
C THR B 131 -24.60 -14.69 -12.06
N GLU B 132 -25.81 -14.67 -12.61
CA GLU B 132 -26.04 -15.12 -13.99
C GLU B 132 -25.89 -14.06 -15.07
N GLU B 133 -26.22 -12.83 -14.77
CA GLU B 133 -26.22 -11.81 -15.83
C GLU B 133 -25.94 -10.45 -15.21
N PRO B 134 -24.71 -10.30 -14.76
CA PRO B 134 -24.34 -9.04 -14.16
C PRO B 134 -24.43 -7.83 -15.14
N ALA B 135 -24.34 -8.05 -16.45
CA ALA B 135 -24.51 -6.96 -17.44
C ALA B 135 -25.89 -6.26 -17.39
N LYS B 136 -26.90 -6.98 -16.90
CA LYS B 136 -28.29 -6.58 -17.00
C LYS B 136 -28.90 -5.97 -15.75
N ILE B 137 -28.06 -5.69 -14.73
CA ILE B 137 -28.54 -5.11 -13.48
C ILE B 137 -28.89 -3.68 -13.78
N VAL B 138 -30.08 -3.28 -13.33
CA VAL B 138 -30.61 -1.95 -13.54
C VAL B 138 -31.21 -1.42 -12.24
N GLU B 139 -31.53 -0.13 -12.22
CA GLU B 139 -32.12 0.54 -11.05
C GLU B 139 -33.38 -0.15 -10.53
N ALA B 140 -34.21 -0.70 -11.43
CA ALA B 140 -35.35 -1.54 -10.99
C ALA B 140 -34.90 -2.74 -10.11
N ASP B 141 -33.69 -3.25 -10.29
CA ASP B 141 -33.26 -4.35 -9.45
C ASP B 141 -33.06 -3.92 -8.00
N ARG B 142 -32.42 -2.75 -7.86
CA ARG B 142 -32.22 -2.13 -6.56
C ARG B 142 -33.52 -1.60 -5.94
N ALA B 143 -34.37 -1.03 -6.79
CA ALA B 143 -35.68 -0.60 -6.39
C ALA B 143 -36.45 -1.77 -5.75
N ALA B 144 -36.37 -2.95 -6.35
CA ALA B 144 -37.07 -4.13 -5.80
C ALA B 144 -36.50 -4.55 -4.42
N LEU B 145 -35.18 -4.44 -4.20
CA LEU B 145 -34.62 -4.69 -2.87
C LEU B 145 -35.15 -3.65 -1.87
N ARG B 146 -35.21 -2.39 -2.29
CA ARG B 146 -35.80 -1.36 -1.43
C ARG B 146 -37.24 -1.63 -1.05
N LYS B 147 -38.06 -2.07 -2.00
CA LYS B 147 -39.43 -2.52 -1.69
C LYS B 147 -39.47 -3.67 -0.67
N ALA B 148 -38.43 -4.50 -0.61
CA ALA B 148 -38.37 -5.61 0.36
C ALA B 148 -37.85 -5.14 1.75
N GLY B 149 -37.51 -3.85 1.86
CA GLY B 149 -37.13 -3.23 3.13
C GLY B 149 -35.62 -2.94 3.31
N PHE B 150 -34.80 -3.22 2.31
CA PHE B 150 -33.33 -3.14 2.45
C PHE B 150 -32.87 -1.70 2.31
N SER B 151 -31.91 -1.30 3.15
CA SER B 151 -31.28 0.03 3.05
C SER B 151 -30.24 -0.01 1.94
N ASP B 152 -29.74 1.14 1.54
CA ASP B 152 -28.63 1.14 0.58
C ASP B 152 -27.37 0.43 1.13
N ARG B 153 -27.13 0.53 2.44
CA ARG B 153 -26.02 -0.21 3.01
C ARG B 153 -26.27 -1.74 2.97
N ASP B 154 -27.52 -2.17 3.16
CA ASP B 154 -27.87 -3.58 2.98
C ASP B 154 -27.67 -4.06 1.54
N ILE B 155 -28.03 -3.23 0.58
CA ILE B 155 -27.89 -3.59 -0.84
C ILE B 155 -26.43 -3.77 -1.16
N TRP B 156 -25.63 -2.83 -0.66
CA TRP B 156 -24.19 -2.97 -0.67
C TRP B 156 -23.72 -4.33 -0.10
N ASP B 157 -24.24 -4.75 1.05
CA ASP B 157 -23.76 -5.99 1.69
C ASP B 157 -24.21 -7.25 0.92
N ILE B 158 -25.43 -7.20 0.39
CA ILE B 158 -25.94 -8.31 -0.44
C ILE B 158 -25.07 -8.44 -1.68
N ALA B 159 -24.80 -7.30 -2.31
CA ALA B 159 -24.04 -7.29 -3.57
C ALA B 159 -22.62 -7.79 -3.32
N SER B 160 -21.99 -7.34 -2.23
CA SER B 160 -20.64 -7.76 -1.83
C SER B 160 -20.54 -9.24 -1.51
N THR B 161 -21.55 -9.74 -0.84
CA THR B 161 -21.56 -11.12 -0.42
C THR B 161 -21.68 -11.95 -1.67
N ALA B 162 -22.62 -11.61 -2.54
CA ALA B 162 -22.87 -12.37 -3.75
C ALA B 162 -21.63 -12.32 -4.70
N ALA B 163 -21.05 -11.14 -4.83
CA ALA B 163 -19.82 -10.89 -5.58
C ALA B 163 -18.65 -11.76 -5.13
N PHE B 164 -18.41 -11.77 -3.82
CA PHE B 164 -17.30 -12.50 -3.18
C PHE B 164 -17.35 -13.95 -3.47
N PHE B 165 -18.55 -14.50 -3.48
CA PHE B 165 -18.74 -15.93 -3.81
C PHE B 165 -18.59 -16.31 -5.24
N ASN B 166 -18.93 -15.40 -6.13
CA ASN B 166 -18.54 -15.54 -7.50
C ASN B 166 -17.03 -15.59 -7.72
N MSE B 167 -16.28 -14.88 -6.89
CA MSE B 167 -14.84 -14.97 -6.92
C MSE B 167 -14.36 -16.29 -6.31
O MSE B 167 -13.51 -16.94 -6.88
CB MSE B 167 -14.16 -13.79 -6.19
CG MSE B 167 -12.72 -14.08 -5.76
SE MSE B 167 -11.87 -12.57 -4.97
CE MSE B 167 -10.05 -13.22 -5.37
N SER B 168 -14.87 -16.61 -5.12
CA SER B 168 -14.50 -17.77 -4.32
C SER B 168 -14.75 -19.07 -5.07
N ASN B 169 -15.94 -19.15 -5.67
CA ASN B 169 -16.33 -20.32 -6.50
C ASN B 169 -15.35 -20.54 -7.63
N ARG B 170 -14.82 -19.46 -8.18
CA ARG B 170 -13.95 -19.53 -9.34
C ARG B 170 -12.54 -19.92 -8.90
N VAL B 171 -12.09 -19.40 -7.76
CA VAL B 171 -10.82 -19.84 -7.29
C VAL B 171 -10.87 -21.36 -6.99
N ALA B 172 -11.90 -21.86 -6.29
CA ALA B 172 -12.01 -23.31 -6.00
C ALA B 172 -12.17 -24.18 -7.28
N ALA B 173 -13.00 -23.72 -8.21
CA ALA B 173 -13.22 -24.41 -9.47
C ALA B 173 -11.92 -24.49 -10.25
N ALA B 174 -11.26 -23.35 -10.40
CA ALA B 174 -10.04 -23.28 -11.19
C ALA B 174 -8.97 -24.22 -10.68
N ILE B 175 -8.80 -24.37 -9.35
CA ILE B 175 -7.76 -25.27 -8.80
C ILE B 175 -8.24 -26.59 -8.17
N ASP B 176 -9.53 -26.94 -8.35
CA ASP B 176 -10.14 -28.14 -7.71
C ASP B 176 -9.89 -28.16 -6.18
N MSE B 177 -10.28 -27.08 -5.50
CA MSE B 177 -10.02 -27.00 -4.05
C MSE B 177 -10.96 -27.94 -3.33
O MSE B 177 -12.11 -28.05 -3.69
CB MSE B 177 -10.19 -25.57 -3.53
CG MSE B 177 -9.52 -25.32 -2.13
SE MSE B 177 -10.16 -23.57 -1.51
CE MSE B 177 -8.82 -22.53 -2.44
N ARG B 178 -10.44 -28.62 -2.30
CA ARG B 178 -11.15 -29.71 -1.64
C ARG B 178 -11.61 -29.33 -0.24
N PRO B 179 -12.93 -29.35 0.02
CA PRO B 179 -13.42 -28.98 1.33
C PRO B 179 -13.06 -30.03 2.36
N ASN B 180 -13.01 -29.66 3.63
CA ASN B 180 -12.69 -30.65 4.67
C ASN B 180 -13.76 -31.75 4.75
N ASP B 181 -13.30 -32.99 4.88
CA ASP B 181 -14.18 -34.15 4.87
C ASP B 181 -15.23 -34.02 5.99
N GLU B 182 -14.85 -33.32 7.07
CA GLU B 182 -15.63 -33.25 8.32
C GLU B 182 -16.92 -32.45 8.17
N TYR B 183 -16.95 -31.53 7.23
CA TYR B 183 -18.13 -30.74 6.94
C TYR B 183 -19.37 -31.60 6.63
N HIS B 184 -19.14 -32.71 5.93
CA HIS B 184 -20.22 -33.49 5.34
C HIS B 184 -21.21 -33.98 6.37
N ALA B 185 -20.68 -34.51 7.47
CA ALA B 185 -21.47 -35.14 8.53
C ALA B 185 -22.01 -34.14 9.58
N MSE B 186 -21.54 -32.89 9.55
CA MSE B 186 -21.94 -31.88 10.54
C MSE B 186 -23.36 -31.42 10.39
O MSE B 186 -23.83 -31.15 9.28
CB MSE B 186 -21.15 -30.61 10.37
CG MSE B 186 -19.85 -30.55 11.00
SE MSE B 186 -19.12 -28.79 10.57
CE MSE B 186 -17.32 -29.51 10.74
N ALA B 187 -23.99 -31.23 11.54
CA ALA B 187 -25.27 -30.54 11.67
C ALA B 187 -26.35 -31.20 10.82
N ARG B 188 -26.45 -32.53 10.91
CA ARG B 188 -27.45 -33.31 10.18
C ARG B 188 -28.55 -33.75 11.13
N GLY C 4 -1.86 -4.44 -41.02
CA GLY C 4 -2.13 -3.79 -42.33
C GLY C 4 -2.76 -4.71 -43.35
N LYS C 5 -3.34 -5.82 -42.88
CA LYS C 5 -4.29 -6.63 -43.67
C LYS C 5 -5.69 -6.10 -43.38
N ILE C 6 -6.58 -6.09 -44.37
CA ILE C 6 -7.94 -5.71 -44.07
C ILE C 6 -8.77 -6.92 -43.55
N SER C 7 -8.27 -8.14 -43.71
CA SER C 7 -9.00 -9.34 -43.27
C SER C 7 -8.11 -10.57 -43.36
N ALA C 8 -8.57 -11.70 -42.83
CA ALA C 8 -7.84 -12.98 -42.83
C ALA C 8 -8.02 -13.82 -44.11
N LEU C 9 -8.86 -13.36 -45.04
CA LEU C 9 -9.07 -14.08 -46.32
C LEU C 9 -8.24 -13.54 -47.44
N ASP C 10 -7.90 -14.41 -48.38
CA ASP C 10 -7.26 -14.02 -49.64
C ASP C 10 -8.25 -13.23 -50.54
N LEU C 11 -8.27 -11.91 -50.33
CA LEU C 11 -9.07 -10.92 -51.07
C LEU C 11 -8.20 -10.10 -52.07
N GLY C 14 -6.18 -6.60 -54.32
CA GLY C 14 -6.17 -6.62 -55.80
C GLY C 14 -6.37 -5.24 -56.43
N GLU C 15 -6.54 -5.21 -57.76
CA GLU C 15 -6.52 -3.97 -58.57
C GLU C 15 -7.90 -3.30 -58.72
N LEU C 16 -8.09 -2.15 -58.05
CA LEU C 16 -9.40 -1.48 -58.03
C LEU C 16 -9.74 -0.88 -59.41
N SER C 17 -11.03 -0.76 -59.73
CA SER C 17 -11.44 -0.03 -60.96
C SER C 17 -11.21 1.48 -60.78
N GLU C 18 -11.17 2.22 -61.88
CA GLU C 18 -10.99 3.65 -61.75
C GLU C 18 -12.17 4.38 -61.06
N PRO C 19 -13.43 4.04 -61.38
CA PRO C 19 -14.52 4.60 -60.57
C PRO C 19 -14.39 4.34 -59.07
N THR C 20 -13.98 3.14 -58.70
CA THR C 20 -13.81 2.82 -57.29
C THR C 20 -12.69 3.64 -56.68
N LYS C 21 -11.59 3.81 -57.42
CA LYS C 21 -10.50 4.66 -56.91
C LYS C 21 -10.93 6.12 -56.73
N ALA C 22 -11.75 6.61 -57.62
CA ALA C 22 -12.31 7.94 -57.55
C ALA C 22 -13.21 8.11 -56.33
N TYR C 23 -14.01 7.09 -56.03
CA TYR C 23 -14.89 7.12 -54.88
C TYR C 23 -14.11 7.13 -53.55
N PHE C 24 -13.04 6.34 -53.53
CA PHE C 24 -12.15 6.28 -52.40
C PHE C 24 -11.47 7.64 -52.16
N ALA C 25 -11.12 8.38 -53.21
CA ALA C 25 -10.58 9.74 -53.04
C ALA C 25 -11.60 10.70 -52.37
N LYS C 26 -12.86 10.57 -52.77
CA LYS C 26 -13.95 11.30 -52.16
C LYS C 26 -14.13 10.92 -50.72
N CYS C 27 -13.87 9.62 -50.41
CA CYS C 27 -13.80 9.14 -49.02
C CYS C 27 -12.69 9.81 -48.19
N GLU C 28 -11.48 9.92 -48.77
CA GLU C 28 -10.40 10.59 -48.07
C GLU C 28 -10.74 12.05 -47.80
N GLU C 29 -11.25 12.72 -48.82
CA GLU C 29 -11.70 14.10 -48.73
C GLU C 29 -12.78 14.34 -47.65
N LYS C 30 -13.77 13.46 -47.55
CA LYS C 30 -14.84 13.65 -46.56
C LYS C 30 -14.52 13.09 -45.17
N LEU C 31 -13.89 11.92 -45.09
CA LEU C 31 -13.75 11.17 -43.83
C LEU C 31 -12.35 11.24 -43.24
N GLY C 32 -11.38 11.67 -44.05
CA GLY C 32 -9.98 11.53 -43.68
C GLY C 32 -9.43 10.13 -43.87
N LEU C 33 -10.27 9.20 -44.32
CA LEU C 33 -9.81 7.83 -44.50
C LEU C 33 -10.75 7.13 -45.46
N VAL C 34 -10.35 5.98 -45.98
CA VAL C 34 -11.24 5.07 -46.69
C VAL C 34 -11.59 3.91 -45.74
N PRO C 35 -12.86 3.85 -45.29
CA PRO C 35 -13.30 2.71 -44.50
C PRO C 35 -12.85 1.40 -45.06
N ASN C 36 -12.21 0.55 -44.24
CA ASN C 36 -11.68 -0.76 -44.70
C ASN C 36 -12.77 -1.71 -45.18
N VAL C 37 -13.98 -1.57 -44.63
CA VAL C 37 -15.15 -2.29 -45.12
C VAL C 37 -15.38 -2.04 -46.63
N LEU C 38 -15.18 -0.82 -47.11
CA LEU C 38 -15.36 -0.52 -48.54
C LEU C 38 -14.27 -1.25 -49.34
N LYS C 39 -13.08 -1.35 -48.76
CA LYS C 39 -11.99 -2.08 -49.42
C LYS C 39 -12.27 -3.57 -49.49
N ALA C 40 -12.80 -4.12 -48.41
CA ALA C 40 -13.25 -5.54 -48.40
C ALA C 40 -14.21 -5.86 -49.59
N TYR C 41 -15.14 -4.97 -49.88
CA TYR C 41 -16.15 -5.16 -50.92
C TYR C 41 -15.72 -4.80 -52.32
N ALA C 42 -14.54 -4.18 -52.44
CA ALA C 42 -14.09 -3.62 -53.69
C ALA C 42 -13.57 -4.66 -54.68
N PHE C 43 -13.56 -5.93 -54.32
CA PHE C 43 -13.23 -6.97 -55.28
C PHE C 43 -14.30 -7.05 -56.36
N ASP C 44 -15.47 -6.48 -56.12
CA ASP C 44 -16.59 -6.49 -57.06
C ASP C 44 -17.42 -5.20 -56.88
N ASP C 45 -17.42 -4.35 -57.90
CA ASP C 45 -18.04 -3.03 -57.80
C ASP C 45 -19.53 -3.09 -57.61
N LYS C 46 -20.16 -4.10 -58.17
CA LYS C 46 -21.59 -4.34 -57.98
C LYS C 46 -21.91 -4.59 -56.55
N LYS C 47 -21.11 -5.40 -55.86
CA LYS C 47 -21.24 -5.62 -54.42
C LYS C 47 -20.95 -4.37 -53.57
N LEU C 48 -19.78 -3.74 -53.80
CA LEU C 48 -19.48 -2.39 -53.25
C LEU C 48 -20.65 -1.38 -53.42
N ARG C 49 -21.21 -1.31 -54.63
CA ARG C 49 -22.33 -0.41 -54.89
C ARG C 49 -23.61 -0.72 -54.06
N ALA C 50 -23.93 -2.01 -53.93
CA ALA C 50 -25.10 -2.46 -53.25
C ALA C 50 -24.92 -2.22 -51.78
N PHE C 51 -23.72 -2.49 -51.26
CA PHE C 51 -23.42 -2.21 -49.85
C PHE C 51 -23.54 -0.71 -49.55
N THR C 52 -22.94 0.15 -50.38
CA THR C 52 -22.94 1.57 -50.08
C THR C 52 -24.37 2.11 -50.14
N ASP C 53 -25.18 1.57 -51.06
CA ASP C 53 -26.60 1.98 -51.21
C ASP C 53 -27.40 1.67 -49.99
N ILE C 54 -27.33 0.43 -49.53
CA ILE C 54 -28.11 0.05 -48.37
C ILE C 54 -27.61 0.81 -47.16
N TYR C 55 -26.29 0.77 -46.95
CA TYR C 55 -25.71 1.42 -45.78
C TYR C 55 -26.19 2.88 -45.68
N ASN C 56 -26.09 3.63 -46.76
CA ASN C 56 -26.38 5.06 -46.70
C ASN C 56 -27.85 5.41 -46.47
N ASP C 57 -28.74 4.62 -47.04
CA ASP C 57 -30.17 4.80 -46.85
C ASP C 57 -30.55 4.58 -45.40
N LEU C 58 -30.00 3.52 -44.86
CA LEU C 58 -30.29 3.13 -43.50
C LEU C 58 -29.71 4.07 -42.47
N MSE C 59 -28.50 4.56 -42.69
CA MSE C 59 -27.77 5.25 -41.64
C MSE C 59 -27.96 6.72 -41.75
O MSE C 59 -27.97 7.43 -40.73
CB MSE C 59 -26.30 4.90 -41.69
CG MSE C 59 -25.97 3.48 -41.16
SE MSE C 59 -26.92 2.89 -39.55
CE MSE C 59 -25.76 3.66 -38.22
N LEU C 60 -28.09 7.19 -43.01
CA LEU C 60 -28.22 8.60 -43.35
C LEU C 60 -29.55 8.98 -43.93
N GLY C 61 -30.44 8.04 -44.27
CA GLY C 61 -31.65 8.43 -45.02
C GLY C 61 -32.64 9.07 -44.05
N GLU C 62 -33.70 9.67 -44.55
CA GLU C 62 -34.71 10.32 -43.68
C GLU C 62 -35.36 9.32 -42.76
N SER C 63 -35.60 9.72 -41.52
CA SER C 63 -36.02 8.78 -40.49
C SER C 63 -36.43 9.53 -39.21
N GLY C 64 -37.44 9.02 -38.52
CA GLY C 64 -37.71 9.53 -37.20
C GLY C 64 -36.54 9.39 -36.25
N LEU C 65 -35.57 8.51 -36.56
CA LEU C 65 -34.40 8.33 -35.68
C LEU C 65 -33.32 9.25 -36.19
N SER C 66 -32.55 9.83 -35.28
CA SER C 66 -31.50 10.76 -35.66
C SER C 66 -30.38 9.91 -36.15
N LYS C 67 -29.34 10.50 -36.70
CA LYS C 67 -28.20 9.71 -37.17
C LYS C 67 -27.54 9.07 -35.98
N LEU C 68 -27.43 9.85 -34.91
CA LEU C 68 -26.91 9.34 -33.64
C LEU C 68 -27.69 8.19 -33.03
N ASP C 69 -29.02 8.29 -32.96
CA ASP C 69 -29.92 7.20 -32.57
C ASP C 69 -29.51 5.90 -33.19
N ARG C 70 -29.24 5.98 -34.47
CA ARG C 70 -28.93 4.81 -35.25
C ARG C 70 -27.52 4.25 -35.01
N GLU C 71 -26.53 5.13 -34.84
CA GLU C 71 -25.17 4.73 -34.49
C GLU C 71 -25.07 4.08 -33.11
N MSE C 72 -25.94 4.55 -32.21
CA MSE C 72 -26.12 3.95 -30.90
C MSE C 72 -26.71 2.56 -30.95
O MSE C 72 -26.23 1.70 -30.23
CB MSE C 72 -26.97 4.85 -29.96
CG MSE C 72 -26.22 6.09 -29.53
SE MSE C 72 -27.30 7.23 -28.30
CE MSE C 72 -28.41 5.86 -27.44
N ILE C 73 -27.72 2.32 -31.79
CA ILE C 73 -28.24 0.94 -32.01
C ILE C 73 -27.10 0.07 -32.59
N ALA C 74 -26.31 0.62 -33.48
CA ALA C 74 -25.22 -0.12 -34.07
C ALA C 74 -24.17 -0.55 -33.04
N VAL C 75 -23.81 0.36 -32.15
CA VAL C 75 -22.80 0.05 -31.11
C VAL C 75 -23.33 -0.89 -30.02
N ALA C 76 -24.56 -0.67 -29.61
CA ALA C 76 -25.21 -1.58 -28.65
C ALA C 76 -25.27 -3.04 -29.15
N VAL C 77 -25.69 -3.25 -30.41
CA VAL C 77 -25.69 -4.58 -31.04
C VAL C 77 -24.30 -5.15 -31.15
N SER C 78 -23.36 -4.31 -31.59
CA SER C 78 -21.97 -4.68 -31.76
C SER C 78 -21.30 -5.07 -30.44
N SER C 79 -21.74 -4.42 -29.36
CA SER C 79 -21.27 -4.70 -27.99
C SER C 79 -21.64 -6.14 -27.54
N ILE C 80 -22.91 -6.49 -27.72
CA ILE C 80 -23.44 -7.82 -27.46
C ILE C 80 -22.67 -8.90 -28.21
N ASN C 81 -22.44 -8.68 -29.52
CA ASN C 81 -21.73 -9.61 -30.37
C ASN C 81 -20.19 -9.49 -30.39
N HIS C 82 -19.67 -8.48 -29.66
CA HIS C 82 -18.21 -8.34 -29.44
C HIS C 82 -17.49 -8.19 -30.74
N CYS C 83 -18.04 -7.32 -31.54
CA CYS C 83 -17.54 -7.11 -32.90
C CYS C 83 -16.50 -6.02 -32.94
N TYR C 84 -15.22 -6.41 -32.97
CA TYR C 84 -14.10 -5.47 -32.97
C TYR C 84 -14.18 -4.42 -34.13
N TYR C 85 -14.47 -4.85 -35.35
CA TYR C 85 -14.59 -3.85 -36.45
C TYR C 85 -15.61 -2.77 -36.07
N CYS C 86 -16.82 -3.19 -35.71
CA CYS C 86 -17.94 -2.27 -35.61
C CYS C 86 -17.91 -1.46 -34.37
N LEU C 87 -17.38 -2.03 -33.28
CA LEU C 87 -17.23 -1.25 -32.05
C LEU C 87 -16.26 -0.10 -32.27
N THR C 88 -15.22 -0.36 -33.05
CA THR C 88 -14.19 0.63 -33.43
C THR C 88 -14.79 1.73 -34.34
N ALA C 89 -15.39 1.31 -35.47
CA ALA C 89 -15.85 2.20 -36.50
C ALA C 89 -17.06 3.02 -35.99
N HIS C 90 -18.07 2.36 -35.45
CA HIS C 90 -19.26 3.02 -34.94
C HIS C 90 -19.13 3.62 -33.58
N GLY C 91 -18.22 3.09 -32.75
CA GLY C 91 -17.82 3.77 -31.53
C GLY C 91 -17.31 5.15 -31.88
N ALA C 92 -16.45 5.24 -32.91
CA ALA C 92 -15.90 6.52 -33.35
C ALA C 92 -16.98 7.49 -33.85
N ALA C 93 -17.99 6.92 -34.54
CA ALA C 93 -19.14 7.69 -35.08
C ALA C 93 -20.01 8.29 -33.93
N VAL C 94 -20.29 7.49 -32.91
CA VAL C 94 -20.98 8.01 -31.73
C VAL C 94 -20.16 9.11 -31.07
N ARG C 95 -18.86 8.92 -30.90
CA ARG C 95 -18.06 10.02 -30.36
C ARG C 95 -18.10 11.23 -31.24
N GLN C 96 -18.01 11.04 -32.53
CA GLN C 96 -17.98 12.18 -33.44
C GLN C 96 -19.32 12.95 -33.51
N LEU C 97 -20.44 12.21 -33.51
CA LEU C 97 -21.79 12.79 -33.62
C LEU C 97 -22.28 13.41 -32.29
N SER C 98 -21.85 12.83 -31.17
CA SER C 98 -22.22 13.33 -29.87
C SER C 98 -21.25 14.40 -29.40
N GLY C 99 -20.00 14.33 -29.86
CA GLY C 99 -18.96 15.19 -29.28
C GLY C 99 -18.66 14.80 -27.83
N ASP C 100 -19.10 13.62 -27.41
CA ASP C 100 -18.96 13.16 -26.02
C ASP C 100 -18.18 11.84 -26.06
N PRO C 101 -16.85 11.91 -25.91
CA PRO C 101 -16.04 10.66 -25.92
C PRO C 101 -16.60 9.59 -24.97
N ALA C 102 -16.96 9.99 -23.74
CA ALA C 102 -17.54 9.14 -22.69
C ALA C 102 -18.76 8.33 -23.12
N LEU C 103 -19.68 8.95 -23.87
CA LEU C 103 -20.85 8.26 -24.40
C LEU C 103 -20.48 7.10 -25.35
N GLY C 104 -19.50 7.32 -26.20
CA GLY C 104 -19.01 6.26 -27.08
C GLY C 104 -18.48 5.07 -26.32
N GLU C 105 -17.74 5.36 -25.28
CA GLU C 105 -17.23 4.34 -24.37
C GLU C 105 -18.38 3.61 -23.70
N MSE C 106 -19.34 4.35 -23.13
CA MSE C 106 -20.45 3.71 -22.45
C MSE C 106 -21.21 2.78 -23.33
O MSE C 106 -21.54 1.67 -22.90
CB MSE C 106 -21.40 4.73 -21.82
CG MSE C 106 -20.83 5.45 -20.62
SE MSE C 106 -21.83 7.09 -20.22
CE MSE C 106 -21.01 7.58 -18.57
N LEU C 107 -21.54 3.20 -24.56
CA LEU C 107 -22.30 2.36 -25.46
CA LEU C 107 -22.29 2.36 -25.51
C LEU C 107 -21.52 1.10 -25.89
N VAL C 108 -20.22 1.25 -26.10
CA VAL C 108 -19.29 0.10 -26.39
C VAL C 108 -19.20 -0.90 -25.22
N MSE C 109 -19.24 -0.39 -23.99
CA MSE C 109 -19.03 -1.18 -22.79
C MSE C 109 -20.37 -1.74 -22.23
O MSE C 109 -20.58 -2.94 -22.19
CB MSE C 109 -18.29 -0.34 -21.75
CG MSE C 109 -16.87 0.05 -22.20
SE MSE C 109 -16.03 1.28 -21.12
CE MSE C 109 -14.37 1.49 -22.06
N ASN C 110 -21.25 -0.84 -21.81
CA ASN C 110 -22.61 -1.17 -21.35
C ASN C 110 -23.49 0.10 -21.40
N PHE C 111 -24.36 0.18 -22.41
CA PHE C 111 -25.36 1.31 -22.55
C PHE C 111 -26.18 1.62 -21.29
N ARG C 112 -26.48 0.60 -20.47
CA ARG C 112 -27.17 0.83 -19.19
C ARG C 112 -26.46 1.83 -18.25
N ALA C 113 -25.16 2.09 -18.47
CA ALA C 113 -24.45 3.13 -17.72
C ALA C 113 -24.75 4.55 -18.20
N ALA C 114 -25.29 4.71 -19.40
CA ALA C 114 -25.37 6.05 -20.05
C ALA C 114 -26.63 6.71 -19.62
N ASP C 115 -26.64 8.02 -19.59
CA ASP C 115 -27.78 8.70 -19.00
C ASP C 115 -28.74 9.02 -20.15
N LEU C 116 -29.46 7.97 -20.55
CA LEU C 116 -30.30 7.99 -21.74
C LEU C 116 -31.73 8.34 -21.37
N SER C 117 -32.47 8.93 -22.28
CA SER C 117 -33.87 9.19 -22.04
C SER C 117 -34.64 7.88 -21.97
N PRO C 118 -35.87 7.93 -21.42
CA PRO C 118 -36.73 6.75 -21.39
C PRO C 118 -36.88 6.14 -22.77
N ARG C 119 -37.13 7.03 -23.76
CA ARG C 119 -37.26 6.67 -25.17
CA ARG C 119 -37.24 6.69 -25.21
C ARG C 119 -36.03 5.96 -25.77
N GLN C 120 -34.85 6.50 -25.49
CA GLN C 120 -33.55 5.91 -25.96
C GLN C 120 -33.30 4.54 -25.40
N THR C 121 -33.58 4.40 -24.11
CA THR C 121 -33.52 3.14 -23.41
C THR C 121 -34.47 2.11 -23.98
N ALA C 122 -35.71 2.48 -24.29
CA ALA C 122 -36.69 1.53 -24.86
C ALA C 122 -36.19 1.02 -26.21
N MSE C 123 -35.65 1.94 -27.00
CA MSE C 123 -35.01 1.59 -28.29
C MSE C 123 -33.89 0.59 -28.13
O MSE C 123 -33.83 -0.38 -28.84
CB MSE C 123 -34.49 2.89 -28.92
CG MSE C 123 -33.87 2.80 -30.28
SE MSE C 123 -33.26 4.61 -30.82
CE MSE C 123 -31.61 4.84 -29.70
N LEU C 124 -32.96 0.84 -27.22
CA LEU C 124 -31.81 -0.07 -27.07
C LEU C 124 -32.25 -1.37 -26.46
N GLU C 125 -33.17 -1.32 -25.49
CA GLU C 125 -33.72 -2.56 -24.94
C GLU C 125 -34.35 -3.43 -26.02
N PHE C 126 -35.09 -2.87 -26.96
CA PHE C 126 -35.58 -3.65 -28.09
C PHE C 126 -34.46 -4.18 -29.03
N ALA C 127 -33.44 -3.35 -29.32
CA ALA C 127 -32.27 -3.80 -30.09
C ALA C 127 -31.61 -4.99 -29.44
N VAL C 128 -31.40 -4.93 -28.11
CA VAL C 128 -30.84 -6.03 -27.30
C VAL C 128 -31.60 -7.35 -27.42
N LYS C 129 -32.91 -7.31 -27.28
CA LYS C 129 -33.71 -8.54 -27.32
C LYS C 129 -33.73 -9.14 -28.73
N LEU C 130 -33.80 -8.28 -29.74
CA LEU C 130 -33.72 -8.73 -31.14
C LEU C 130 -32.38 -9.35 -31.46
N THR C 131 -31.33 -8.87 -30.81
CA THR C 131 -30.00 -9.45 -30.93
C THR C 131 -29.82 -10.75 -30.23
N GLU C 132 -30.29 -10.82 -28.98
CA GLU C 132 -30.07 -12.00 -28.11
C GLU C 132 -31.13 -13.11 -28.30
N GLU C 133 -32.38 -12.72 -28.45
CA GLU C 133 -33.44 -13.73 -28.51
C GLU C 133 -34.55 -13.29 -29.45
N PRO C 134 -34.23 -13.30 -30.76
CA PRO C 134 -35.18 -12.92 -31.79
C PRO C 134 -36.36 -13.92 -31.91
N ALA C 135 -36.17 -15.20 -31.54
CA ALA C 135 -37.30 -16.14 -31.44
C ALA C 135 -38.43 -15.64 -30.51
N LYS C 136 -38.10 -14.83 -29.52
CA LYS C 136 -39.03 -14.48 -28.46
C LYS C 136 -39.72 -13.11 -28.60
N ILE C 137 -39.49 -12.40 -29.70
CA ILE C 137 -40.10 -11.08 -29.94
C ILE C 137 -41.61 -11.30 -30.10
N VAL C 138 -42.41 -10.55 -29.34
CA VAL C 138 -43.87 -10.64 -29.35
C VAL C 138 -44.52 -9.24 -29.53
N GLU C 139 -45.84 -9.18 -29.64
CA GLU C 139 -46.52 -7.88 -29.73
C GLU C 139 -46.14 -6.97 -28.57
N ALA C 140 -45.94 -7.54 -27.37
CA ALA C 140 -45.62 -6.78 -26.17
C ALA C 140 -44.29 -5.99 -26.28
N ASP C 141 -43.39 -6.44 -27.14
CA ASP C 141 -42.16 -5.75 -27.39
C ASP C 141 -42.44 -4.52 -28.28
N ARG C 142 -43.32 -4.65 -29.27
CA ARG C 142 -43.70 -3.46 -30.06
C ARG C 142 -44.48 -2.46 -29.25
N ALA C 143 -45.47 -2.96 -28.51
CA ALA C 143 -46.26 -2.11 -27.60
C ALA C 143 -45.36 -1.22 -26.73
N ALA C 144 -44.25 -1.74 -26.24
CA ALA C 144 -43.40 -0.98 -25.31
C ALA C 144 -42.67 0.15 -26.03
N LEU C 145 -42.32 -0.10 -27.29
CA LEU C 145 -41.75 0.96 -28.15
C LEU C 145 -42.79 2.07 -28.39
N ARG C 146 -44.05 1.69 -28.63
CA ARG C 146 -45.11 2.68 -28.87
C ARG C 146 -45.39 3.48 -27.60
N LYS C 147 -45.48 2.82 -26.45
CA LYS C 147 -45.59 3.54 -25.16
C LYS C 147 -44.43 4.53 -24.93
N ALA C 148 -43.25 4.21 -25.44
CA ALA C 148 -42.10 5.12 -25.41
C ALA C 148 -42.22 6.27 -26.43
N GLY C 149 -43.18 6.21 -27.32
CA GLY C 149 -43.42 7.30 -28.21
C GLY C 149 -42.75 7.16 -29.56
N PHE C 150 -42.54 5.92 -30.01
CA PHE C 150 -42.06 5.65 -31.34
C PHE C 150 -43.23 5.30 -32.25
N SER C 151 -43.20 5.82 -33.48
CA SER C 151 -44.22 5.48 -34.48
C SER C 151 -43.92 4.09 -35.05
N ASP C 152 -44.77 3.55 -35.90
CA ASP C 152 -44.51 2.21 -36.41
C ASP C 152 -43.41 2.22 -37.47
N ARG C 153 -43.31 3.33 -38.20
CA ARG C 153 -42.20 3.56 -39.10
C ARG C 153 -40.91 3.65 -38.30
N ASP C 154 -40.97 4.23 -37.11
CA ASP C 154 -39.79 4.19 -36.19
C ASP C 154 -39.40 2.79 -35.77
N ILE C 155 -40.39 2.00 -35.41
CA ILE C 155 -40.19 0.61 -35.03
C ILE C 155 -39.50 -0.18 -36.13
N TRP C 156 -39.99 -0.06 -37.36
CA TRP C 156 -39.36 -0.61 -38.54
C TRP C 156 -37.90 -0.16 -38.72
N ASP C 157 -37.61 1.13 -38.56
CA ASP C 157 -36.24 1.65 -38.69
C ASP C 157 -35.36 1.12 -37.57
N ILE C 158 -35.92 1.04 -36.37
CA ILE C 158 -35.15 0.49 -35.25
C ILE C 158 -34.81 -0.96 -35.53
N ALA C 159 -35.80 -1.70 -36.02
CA ALA C 159 -35.62 -3.11 -36.28
C ALA C 159 -34.63 -3.33 -37.43
N SER C 160 -34.77 -2.58 -38.52
CA SER C 160 -33.85 -2.66 -39.66
C SER C 160 -32.42 -2.34 -39.32
N THR C 161 -32.22 -1.37 -38.42
CA THR C 161 -30.88 -0.98 -37.99
C THR C 161 -30.28 -2.07 -37.15
N ALA C 162 -31.03 -2.55 -36.18
CA ALA C 162 -30.54 -3.62 -35.30
C ALA C 162 -30.20 -4.88 -36.12
N ALA C 163 -31.10 -5.24 -37.02
CA ALA C 163 -30.97 -6.42 -37.90
C ALA C 163 -29.69 -6.34 -38.77
N PHE C 164 -29.56 -5.20 -39.42
CA PHE C 164 -28.43 -4.90 -40.25
C PHE C 164 -27.08 -5.09 -39.54
N PHE C 165 -26.95 -4.62 -38.31
CA PHE C 165 -25.70 -4.84 -37.61
C PHE C 165 -25.52 -6.25 -37.11
N ASN C 166 -26.62 -6.98 -36.98
CA ASN C 166 -26.47 -8.41 -36.71
C ASN C 166 -25.83 -9.11 -37.89
N MSE C 167 -26.13 -8.64 -39.11
CA MSE C 167 -25.40 -9.11 -40.28
C MSE C 167 -23.97 -8.59 -40.38
O MSE C 167 -23.05 -9.39 -40.62
CB MSE C 167 -26.20 -8.80 -41.56
CG MSE C 167 -25.39 -8.74 -42.81
SE MSE C 167 -26.51 -8.46 -44.38
CE MSE C 167 -25.18 -9.18 -45.65
N SER C 168 -23.80 -7.27 -40.25
CA SER C 168 -22.46 -6.63 -40.37
C SER C 168 -21.43 -7.24 -39.37
N ASN C 169 -21.85 -7.42 -38.13
CA ASN C 169 -21.02 -8.07 -37.11
C ASN C 169 -20.62 -9.47 -37.53
N ARG C 170 -21.49 -10.17 -38.23
CA ARG C 170 -21.23 -11.60 -38.55
C ARG C 170 -20.31 -11.72 -39.72
N VAL C 171 -20.46 -10.85 -40.72
CA VAL C 171 -19.50 -10.78 -41.83
C VAL C 171 -18.10 -10.38 -41.29
N ALA C 172 -18.05 -9.33 -40.44
CA ALA C 172 -16.75 -8.90 -39.85
C ALA C 172 -16.05 -10.02 -39.06
N ALA C 173 -16.81 -10.70 -38.20
CA ALA C 173 -16.28 -11.78 -37.34
C ALA C 173 -15.77 -12.96 -38.12
N ALA C 174 -16.50 -13.31 -39.19
CA ALA C 174 -16.24 -14.53 -39.99
C ALA C 174 -14.94 -14.46 -40.74
N ILE C 175 -14.63 -13.26 -41.22
CA ILE C 175 -13.46 -13.04 -42.08
C ILE C 175 -12.35 -12.23 -41.35
N ASP C 176 -12.56 -11.84 -40.10
CA ASP C 176 -11.58 -11.07 -39.30
C ASP C 176 -11.27 -9.73 -39.95
N MSE C 177 -12.32 -8.97 -40.28
CA MSE C 177 -12.18 -7.71 -40.97
C MSE C 177 -11.59 -6.72 -39.97
O MSE C 177 -12.03 -6.67 -38.83
CB MSE C 177 -13.54 -7.20 -41.47
CG MSE C 177 -13.47 -6.14 -42.57
SE MSE C 177 -15.24 -5.35 -42.71
CE MSE C 177 -15.93 -6.68 -43.91
N ARG C 178 -10.63 -5.91 -40.42
CA ARG C 178 -9.86 -5.05 -39.51
CA ARG C 178 -9.91 -5.05 -39.49
C ARG C 178 -10.23 -3.59 -39.75
N PRO C 179 -10.63 -2.84 -38.66
CA PRO C 179 -10.90 -1.44 -38.80
C PRO C 179 -9.62 -0.63 -38.86
N ASN C 180 -9.70 0.48 -39.58
CA ASN C 180 -8.67 1.50 -39.71
C ASN C 180 -8.15 1.94 -38.34
N ASP C 181 -6.83 2.01 -38.26
CA ASP C 181 -6.15 2.35 -37.02
C ASP C 181 -6.47 3.80 -36.63
N GLU C 182 -6.75 4.66 -37.61
CA GLU C 182 -7.25 6.04 -37.40
C GLU C 182 -8.49 6.18 -36.52
N TYR C 183 -9.37 5.19 -36.52
CA TYR C 183 -10.54 5.30 -35.74
C TYR C 183 -10.22 5.45 -34.26
N HIS C 184 -9.16 4.79 -33.79
CA HIS C 184 -8.91 4.65 -32.34
C HIS C 184 -8.62 5.97 -31.67
N ALA C 185 -7.92 6.88 -32.35
CA ALA C 185 -7.55 8.20 -31.83
C ALA C 185 -8.59 9.32 -32.06
N MSE C 186 -9.64 9.02 -32.79
CA MSE C 186 -10.50 10.02 -33.33
C MSE C 186 -11.50 10.44 -32.30
O MSE C 186 -12.04 9.58 -31.66
CB MSE C 186 -11.23 9.36 -34.49
CG MSE C 186 -11.89 10.25 -35.43
SE MSE C 186 -12.55 9.14 -36.86
CE MSE C 186 -10.92 8.75 -37.76
N ALA C 187 -11.76 11.73 -32.16
CA ALA C 187 -12.86 12.25 -31.33
C ALA C 187 -12.76 11.82 -29.86
N ARG C 188 -11.58 12.04 -29.26
CA ARG C 188 -11.28 11.65 -27.86
C ARG C 188 -11.21 12.87 -26.96
N LYS D 5 -52.86 -9.77 -44.00
CA LYS D 5 -51.83 -9.08 -43.18
C LYS D 5 -50.47 -9.72 -43.44
N ILE D 6 -49.63 -9.03 -44.20
CA ILE D 6 -48.26 -9.50 -44.37
C ILE D 6 -47.42 -9.22 -43.09
N SER D 7 -47.92 -8.35 -42.19
CA SER D 7 -47.21 -8.09 -40.95
C SER D 7 -48.07 -7.45 -39.92
N ALA D 8 -47.49 -7.27 -38.74
CA ALA D 8 -48.17 -6.67 -37.61
C ALA D 8 -47.88 -5.16 -37.47
N LEU D 9 -47.15 -4.56 -38.42
CA LEU D 9 -46.97 -3.11 -38.42
C LEU D 9 -47.92 -2.52 -39.44
N GLY D 14 -50.50 3.66 -49.54
CA GLY D 14 -50.77 2.30 -49.99
C GLY D 14 -50.39 2.02 -51.45
N GLU D 15 -50.87 2.88 -52.37
CA GLU D 15 -50.74 2.66 -53.82
C GLU D 15 -49.33 2.21 -54.27
N LEU D 16 -49.26 1.09 -55.00
CA LEU D 16 -47.99 0.61 -55.56
C LEU D 16 -47.62 1.44 -56.80
N SER D 17 -46.34 1.67 -57.00
CA SER D 17 -45.88 2.35 -58.22
C SER D 17 -46.06 1.46 -59.45
N GLU D 18 -46.06 2.07 -60.62
CA GLU D 18 -46.30 1.32 -61.86
C GLU D 18 -45.24 0.23 -62.14
N PRO D 19 -43.94 0.57 -62.01
CA PRO D 19 -42.91 -0.46 -62.11
C PRO D 19 -43.11 -1.60 -61.14
N THR D 20 -43.31 -1.26 -59.87
CA THR D 20 -43.48 -2.28 -58.84
C THR D 20 -44.68 -3.16 -59.16
N LYS D 21 -45.71 -2.56 -59.76
CA LYS D 21 -46.85 -3.33 -60.29
C LYS D 21 -46.41 -4.29 -61.42
N ALA D 22 -45.55 -3.81 -62.32
CA ALA D 22 -44.98 -4.64 -63.42
C ALA D 22 -44.16 -5.80 -62.89
N TYR D 23 -43.16 -5.46 -62.10
CA TYR D 23 -42.35 -6.44 -61.38
C TYR D 23 -43.18 -7.52 -60.65
N PHE D 24 -44.25 -7.13 -59.95
CA PHE D 24 -45.10 -8.11 -59.25
C PHE D 24 -45.85 -9.02 -60.23
N ALA D 25 -46.17 -8.47 -61.39
CA ALA D 25 -46.71 -9.25 -62.52
C ALA D 25 -45.78 -10.38 -62.99
N LYS D 26 -44.47 -10.14 -63.03
CA LYS D 26 -43.50 -11.17 -63.43
C LYS D 26 -43.25 -12.23 -62.38
N CYS D 27 -43.19 -11.86 -61.09
CA CYS D 27 -43.12 -12.83 -60.00
C CYS D 27 -44.34 -13.73 -60.09
N GLU D 28 -45.50 -13.12 -60.20
CA GLU D 28 -46.77 -13.85 -60.30
C GLU D 28 -46.61 -14.92 -61.39
N GLU D 29 -46.23 -14.51 -62.60
CA GLU D 29 -46.11 -15.42 -63.75
C GLU D 29 -45.01 -16.44 -63.57
N LYS D 30 -43.93 -16.08 -62.85
CA LYS D 30 -42.74 -16.92 -62.75
C LYS D 30 -42.81 -17.86 -61.54
N LEU D 31 -43.25 -17.34 -60.38
CA LEU D 31 -43.27 -18.08 -59.12
C LEU D 31 -44.65 -18.55 -58.71
N GLY D 32 -45.70 -17.91 -59.21
CA GLY D 32 -47.08 -18.26 -58.83
C GLY D 32 -47.58 -17.45 -57.63
N LEU D 33 -46.71 -16.60 -57.12
CA LEU D 33 -47.07 -15.67 -56.08
C LEU D 33 -46.08 -14.49 -56.13
N VAL D 34 -46.33 -13.49 -55.28
CA VAL D 34 -45.44 -12.33 -55.05
C VAL D 34 -44.94 -12.51 -53.62
N PRO D 35 -43.64 -12.83 -53.44
CA PRO D 35 -43.16 -13.05 -52.06
C PRO D 35 -43.57 -11.90 -51.14
N ASN D 36 -44.21 -12.23 -50.02
CA ASN D 36 -44.73 -11.18 -49.12
C ASN D 36 -43.66 -10.17 -48.71
N VAL D 37 -42.41 -10.64 -48.66
CA VAL D 37 -41.28 -9.82 -48.26
C VAL D 37 -41.10 -8.65 -49.21
N LEU D 38 -41.37 -8.89 -50.50
CA LEU D 38 -41.41 -7.80 -51.52
C LEU D 38 -42.54 -6.79 -51.25
N LYS D 39 -43.71 -7.29 -50.87
CA LYS D 39 -44.81 -6.42 -50.55
C LYS D 39 -44.50 -5.54 -49.34
N ALA D 40 -43.78 -6.08 -48.35
CA ALA D 40 -43.40 -5.31 -47.14
C ALA D 40 -42.41 -4.16 -47.39
N TYR D 41 -41.54 -4.27 -48.41
CA TYR D 41 -40.63 -3.20 -48.81
C TYR D 41 -41.22 -2.23 -49.81
N ALA D 42 -42.37 -2.54 -50.39
CA ALA D 42 -42.87 -1.78 -51.55
C ALA D 42 -43.48 -0.43 -51.18
N PHE D 43 -43.33 -0.01 -49.93
CA PHE D 43 -43.68 1.38 -49.53
C PHE D 43 -42.61 2.36 -50.01
N ASP D 44 -41.43 1.81 -50.35
CA ASP D 44 -40.34 2.56 -50.94
C ASP D 44 -39.63 1.75 -52.02
N ASP D 45 -39.81 2.17 -53.26
CA ASP D 45 -39.25 1.47 -54.42
C ASP D 45 -37.75 1.31 -54.39
N LYS D 46 -37.04 2.30 -53.86
CA LYS D 46 -35.58 2.25 -53.83
C LYS D 46 -35.12 1.29 -52.72
N LYS D 47 -35.87 1.19 -51.62
CA LYS D 47 -35.59 0.15 -50.61
C LYS D 47 -35.97 -1.26 -51.12
N LEU D 48 -36.99 -1.31 -51.97
CA LEU D 48 -37.37 -2.56 -52.66
C LEU D 48 -36.26 -3.05 -53.63
N ARG D 49 -35.77 -2.14 -54.45
CA ARG D 49 -34.65 -2.41 -55.35
C ARG D 49 -33.43 -2.76 -54.57
N ALA D 50 -33.07 -1.94 -53.61
CA ALA D 50 -31.93 -2.27 -52.79
C ALA D 50 -32.08 -3.73 -52.37
N PHE D 51 -33.25 -4.15 -51.86
CA PHE D 51 -33.37 -5.47 -51.25
C PHE D 51 -33.21 -6.60 -52.30
N THR D 52 -33.94 -6.45 -53.40
CA THR D 52 -33.99 -7.42 -54.47
C THR D 52 -32.59 -7.68 -55.07
N ASP D 53 -31.78 -6.62 -55.14
CA ASP D 53 -30.43 -6.66 -55.71
C ASP D 53 -29.48 -7.43 -54.86
N ILE D 54 -29.47 -7.10 -53.58
CA ILE D 54 -28.67 -7.83 -52.64
C ILE D 54 -29.14 -9.27 -52.53
N TYR D 55 -30.47 -9.49 -52.48
CA TYR D 55 -31.01 -10.86 -52.41
C TYR D 55 -30.62 -11.71 -53.64
N ASN D 56 -30.88 -11.18 -54.82
CA ASN D 56 -30.57 -11.88 -56.08
C ASN D 56 -29.10 -12.22 -56.24
N ASP D 57 -28.24 -11.23 -56.01
CA ASP D 57 -26.82 -11.42 -56.08
C ASP D 57 -26.34 -12.47 -55.12
N LEU D 58 -26.87 -12.45 -53.90
CA LEU D 58 -26.50 -13.42 -52.86
C LEU D 58 -26.88 -14.89 -53.15
N MSE D 59 -28.14 -15.12 -53.49
CA MSE D 59 -28.67 -16.47 -53.62
C MSE D 59 -28.53 -17.05 -55.03
O MSE D 59 -28.53 -18.26 -55.21
CB MSE D 59 -30.14 -16.48 -53.18
CG MSE D 59 -30.33 -15.89 -51.81
SE MSE D 59 -29.42 -16.85 -50.45
CE MSE D 59 -30.68 -18.35 -50.39
N LEU D 60 -28.41 -16.18 -56.01
CA LEU D 60 -28.45 -16.56 -57.43
C LEU D 60 -27.22 -16.18 -58.25
N GLY D 61 -26.34 -15.36 -57.69
CA GLY D 61 -25.12 -14.97 -58.34
C GLY D 61 -24.10 -16.10 -58.37
N GLU D 62 -23.05 -15.89 -59.15
CA GLU D 62 -21.99 -16.85 -59.32
C GLU D 62 -21.29 -17.02 -58.00
N SER D 63 -20.95 -18.25 -57.69
CA SER D 63 -20.42 -18.63 -56.41
C SER D 63 -19.87 -20.04 -56.61
N GLY D 64 -18.92 -20.44 -55.78
CA GLY D 64 -18.53 -21.85 -55.67
C GLY D 64 -19.52 -22.63 -54.83
N LEU D 65 -20.44 -21.95 -54.13
CA LEU D 65 -21.55 -22.65 -53.51
C LEU D 65 -22.71 -22.77 -54.48
N SER D 66 -23.43 -23.91 -54.44
CA SER D 66 -24.62 -24.08 -55.30
C SER D 66 -25.73 -23.18 -54.80
N LYS D 67 -26.77 -22.98 -55.59
CA LYS D 67 -27.98 -22.29 -55.08
C LYS D 67 -28.57 -23.07 -53.90
N LEU D 68 -28.51 -24.39 -53.98
CA LEU D 68 -29.03 -25.24 -52.92
C LEU D 68 -28.20 -25.15 -51.67
N ASP D 69 -26.87 -25.17 -51.81
CA ASP D 69 -25.97 -24.87 -50.67
C ASP D 69 -26.40 -23.64 -49.90
N ARG D 70 -26.62 -22.56 -50.65
CA ARG D 70 -27.11 -21.30 -50.07
C ARG D 70 -28.48 -21.33 -49.41
N GLU D 71 -29.43 -22.00 -50.04
CA GLU D 71 -30.77 -22.22 -49.45
C GLU D 71 -30.68 -23.10 -48.17
N MSE D 72 -29.85 -24.12 -48.18
CA MSE D 72 -29.58 -24.90 -46.92
C MSE D 72 -29.00 -24.06 -45.79
O MSE D 72 -29.40 -24.21 -44.64
CB MSE D 72 -28.64 -26.07 -47.25
CG MSE D 72 -29.28 -27.10 -48.16
SE MSE D 72 -28.03 -28.60 -48.50
CE MSE D 72 -27.95 -29.44 -46.76
N ILE D 73 -28.07 -23.16 -46.08
CA ILE D 73 -27.55 -22.24 -45.06
C ILE D 73 -28.70 -21.38 -44.54
N ALA D 74 -29.52 -20.85 -45.42
CA ALA D 74 -30.65 -19.98 -45.03
C ALA D 74 -31.60 -20.69 -44.05
N VAL D 75 -31.92 -21.94 -44.34
CA VAL D 75 -32.78 -22.73 -43.46
C VAL D 75 -32.06 -23.09 -42.15
N ALA D 76 -30.80 -23.53 -42.16
CA ALA D 76 -30.14 -23.88 -40.86
C ALA D 76 -30.12 -22.67 -39.92
N VAL D 77 -29.79 -21.51 -40.45
CA VAL D 77 -29.77 -20.28 -39.67
C VAL D 77 -31.17 -19.92 -39.11
N SER D 78 -32.17 -19.98 -39.98
CA SER D 78 -33.58 -19.72 -39.63
C SER D 78 -34.15 -20.64 -38.60
N SER D 79 -33.63 -21.85 -38.56
CA SER D 79 -34.02 -22.84 -37.59
C SER D 79 -33.52 -22.52 -36.17
N ILE D 80 -32.26 -22.15 -36.10
CA ILE D 80 -31.66 -21.70 -34.85
C ILE D 80 -32.48 -20.54 -34.33
N ASN D 81 -32.90 -19.65 -35.22
CA ASN D 81 -33.57 -18.43 -34.79
C ASN D 81 -35.07 -18.57 -34.74
N HIS D 82 -35.58 -19.73 -35.09
CA HIS D 82 -37.01 -20.00 -35.09
C HIS D 82 -37.80 -18.96 -35.88
N CYS D 83 -37.38 -18.71 -37.13
CA CYS D 83 -38.04 -17.73 -37.97
C CYS D 83 -39.10 -18.36 -38.87
N TYR D 84 -40.37 -18.13 -38.53
CA TYR D 84 -41.50 -18.65 -39.27
C TYR D 84 -41.46 -18.28 -40.75
N TYR D 85 -41.21 -17.01 -41.06
CA TYR D 85 -41.19 -16.54 -42.48
C TYR D 85 -40.16 -17.32 -43.29
N CYS D 86 -38.92 -17.32 -42.82
CA CYS D 86 -37.81 -17.84 -43.60
C CYS D 86 -37.79 -19.33 -43.57
N LEU D 87 -38.21 -19.97 -42.48
CA LEU D 87 -38.38 -21.44 -42.54
C LEU D 87 -39.38 -21.89 -43.61
N THR D 88 -40.50 -21.15 -43.70
CA THR D 88 -41.54 -21.44 -44.67
C THR D 88 -41.05 -21.22 -46.13
N ALA D 89 -40.50 -20.03 -46.38
CA ALA D 89 -40.12 -19.63 -47.72
C ALA D 89 -38.90 -20.44 -48.18
N HIS D 90 -37.88 -20.51 -47.36
CA HIS D 90 -36.66 -21.21 -47.77
C HIS D 90 -36.70 -22.70 -47.56
N GLY D 91 -37.59 -23.16 -46.67
CA GLY D 91 -37.90 -24.57 -46.61
C GLY D 91 -38.41 -25.05 -47.94
N ALA D 92 -39.37 -24.31 -48.48
CA ALA D 92 -39.93 -24.56 -49.80
C ALA D 92 -38.87 -24.62 -50.91
N ALA D 93 -37.95 -23.66 -50.93
CA ALA D 93 -36.87 -23.62 -51.87
C ALA D 93 -36.00 -24.86 -51.79
N VAL D 94 -35.72 -25.34 -50.58
CA VAL D 94 -34.90 -26.52 -50.40
C VAL D 94 -35.64 -27.74 -50.95
N ARG D 95 -36.93 -27.82 -50.70
CA ARG D 95 -37.68 -28.99 -51.18
C ARG D 95 -37.65 -29.03 -52.72
N GLN D 96 -37.83 -27.85 -53.30
CA GLN D 96 -37.95 -27.63 -54.74
C GLN D 96 -36.64 -27.85 -55.49
N LEU D 97 -35.57 -27.24 -54.98
CA LEU D 97 -34.20 -27.36 -55.55
C LEU D 97 -33.64 -28.79 -55.45
N SER D 98 -33.84 -29.44 -54.31
CA SER D 98 -33.22 -30.74 -54.03
C SER D 98 -34.02 -31.85 -54.64
N GLY D 99 -35.30 -31.61 -54.85
CA GLY D 99 -36.23 -32.66 -55.23
C GLY D 99 -36.63 -33.59 -54.10
N ASP D 100 -36.39 -33.20 -52.86
CA ASP D 100 -36.50 -34.10 -51.73
C ASP D 100 -37.27 -33.43 -50.59
N PRO D 101 -38.57 -33.71 -50.48
CA PRO D 101 -39.35 -33.05 -49.44
C PRO D 101 -38.85 -33.29 -48.02
N ALA D 102 -38.31 -34.48 -47.75
CA ALA D 102 -37.68 -34.81 -46.47
C ALA D 102 -36.46 -33.94 -46.12
N LEU D 103 -35.62 -33.66 -47.11
CA LEU D 103 -34.44 -32.82 -46.82
C LEU D 103 -34.83 -31.47 -46.30
N GLY D 104 -35.78 -30.78 -46.92
CA GLY D 104 -36.25 -29.50 -46.38
C GLY D 104 -36.71 -29.63 -44.92
N GLU D 105 -37.54 -30.62 -44.65
CA GLU D 105 -38.00 -30.88 -43.31
C GLU D 105 -36.82 -31.06 -42.35
N MSE D 106 -35.80 -31.81 -42.75
CA MSE D 106 -34.67 -32.12 -41.84
C MSE D 106 -33.87 -30.88 -41.48
O MSE D 106 -33.37 -30.76 -40.36
CB MSE D 106 -33.72 -33.16 -42.43
CG MSE D 106 -34.27 -34.53 -42.38
SE MSE D 106 -33.36 -35.72 -43.62
CE MSE D 106 -33.56 -37.37 -42.64
N LEU D 107 -33.74 -29.95 -42.41
CA LEU D 107 -32.97 -28.72 -42.12
C LEU D 107 -33.74 -27.72 -41.30
N VAL D 108 -35.08 -27.71 -41.49
CA VAL D 108 -35.97 -26.86 -40.74
C VAL D 108 -35.91 -27.32 -39.30
N MSE D 109 -35.87 -28.62 -39.15
CA MSE D 109 -35.99 -29.24 -37.84
C MSE D 109 -34.64 -29.41 -37.13
O MSE D 109 -34.46 -28.91 -36.03
CB MSE D 109 -36.70 -30.59 -37.99
CG MSE D 109 -38.14 -30.45 -38.45
SE MSE D 109 -38.98 -32.11 -38.78
CE MSE D 109 -40.71 -31.32 -39.32
N ASN D 110 -33.73 -30.18 -37.75
CA ASN D 110 -32.37 -30.38 -37.22
C ASN D 110 -31.46 -31.00 -38.30
N PHE D 111 -30.49 -30.21 -38.77
CA PHE D 111 -29.68 -30.60 -39.94
C PHE D 111 -28.73 -31.74 -39.63
N ARG D 112 -28.45 -31.94 -38.35
CA ARG D 112 -27.70 -33.09 -37.88
C ARG D 112 -28.42 -34.42 -38.15
N ALA D 113 -29.74 -34.42 -38.36
CA ALA D 113 -30.44 -35.64 -38.77
C ALA D 113 -30.29 -35.89 -40.28
N ALA D 114 -29.71 -34.95 -41.03
CA ALA D 114 -29.84 -34.96 -42.51
C ALA D 114 -28.96 -35.87 -43.33
N ASP D 115 -27.87 -36.42 -42.83
CA ASP D 115 -27.06 -37.35 -43.70
C ASP D 115 -26.37 -36.56 -44.84
N LEU D 116 -25.68 -35.51 -44.46
CA LEU D 116 -25.03 -34.66 -45.43
C LEU D 116 -23.59 -35.13 -45.59
N SER D 117 -22.93 -34.65 -46.62
CA SER D 117 -21.55 -34.97 -46.86
C SER D 117 -20.69 -34.22 -45.82
N PRO D 118 -19.40 -34.59 -45.66
CA PRO D 118 -18.50 -33.86 -44.76
C PRO D 118 -18.37 -32.37 -45.11
N ARG D 119 -18.40 -32.08 -46.40
CA ARG D 119 -18.40 -30.70 -46.90
CA ARG D 119 -18.41 -30.71 -46.89
C ARG D 119 -19.67 -29.90 -46.50
N GLN D 120 -20.85 -30.48 -46.72
CA GLN D 120 -22.09 -29.81 -46.30
C GLN D 120 -22.16 -29.66 -44.78
N THR D 121 -21.70 -30.68 -44.04
CA THR D 121 -21.65 -30.63 -42.57
C THR D 121 -20.80 -29.47 -42.04
N ALA D 122 -19.58 -29.31 -42.58
CA ALA D 122 -18.64 -28.23 -42.19
C ALA D 122 -19.30 -26.85 -42.41
N MSE D 123 -19.88 -26.69 -43.59
CA MSE D 123 -20.62 -25.48 -43.95
C MSE D 123 -21.68 -25.07 -42.94
O MSE D 123 -21.71 -23.93 -42.49
CB MSE D 123 -21.30 -25.74 -45.28
CG MSE D 123 -21.97 -24.59 -45.88
SE MSE D 123 -22.54 -25.02 -47.70
CE MSE D 123 -24.07 -26.21 -47.42
N LEU D 124 -22.59 -25.98 -42.63
CA LEU D 124 -23.67 -25.66 -41.71
C LEU D 124 -23.17 -25.52 -40.28
N GLU D 125 -22.16 -26.30 -39.89
CA GLU D 125 -21.60 -26.14 -38.55
C GLU D 125 -20.96 -24.75 -38.38
N PHE D 126 -20.33 -24.23 -39.42
CA PHE D 126 -19.80 -22.87 -39.34
C PHE D 126 -20.92 -21.81 -39.27
N ALA D 127 -21.99 -21.98 -40.08
CA ALA D 127 -23.14 -21.06 -40.09
C ALA D 127 -23.85 -21.07 -38.74
N VAL D 128 -23.88 -22.20 -38.08
CA VAL D 128 -24.41 -22.34 -36.75
C VAL D 128 -23.64 -21.54 -35.74
N LYS D 129 -22.34 -21.69 -35.75
CA LYS D 129 -21.49 -21.04 -34.76
C LYS D 129 -21.54 -19.53 -34.96
N LEU D 130 -21.53 -19.09 -36.22
CA LEU D 130 -21.72 -17.69 -36.57
C LEU D 130 -23.07 -17.10 -36.12
N THR D 131 -24.10 -17.94 -36.11
CA THR D 131 -25.43 -17.55 -35.69
C THR D 131 -25.52 -17.53 -34.14
N GLU D 132 -24.89 -18.51 -33.49
CA GLU D 132 -24.96 -18.55 -32.07
C GLU D 132 -23.91 -17.77 -31.32
N GLU D 133 -22.69 -17.75 -31.81
CA GLU D 133 -21.60 -17.20 -30.99
C GLU D 133 -20.56 -16.56 -31.81
N PRO D 134 -21.02 -15.51 -32.55
CA PRO D 134 -20.15 -14.79 -33.48
C PRO D 134 -18.88 -14.20 -32.80
N ALA D 135 -18.98 -13.84 -31.51
CA ALA D 135 -17.83 -13.37 -30.74
C ALA D 135 -16.66 -14.36 -30.71
N LYS D 136 -16.93 -15.65 -30.91
CA LYS D 136 -15.93 -16.71 -30.72
C LYS D 136 -15.41 -17.30 -32.00
N ILE D 137 -15.70 -16.69 -33.16
CA ILE D 137 -15.08 -17.18 -34.40
C ILE D 137 -13.59 -16.94 -34.39
N VAL D 138 -12.82 -17.93 -34.86
CA VAL D 138 -11.35 -17.85 -34.86
C VAL D 138 -10.79 -18.44 -36.13
N GLU D 139 -9.49 -18.26 -36.34
CA GLU D 139 -8.84 -18.81 -37.54
C GLU D 139 -9.08 -20.32 -37.68
N ALA D 140 -9.10 -21.06 -36.58
CA ALA D 140 -9.34 -22.51 -36.59
C ALA D 140 -10.68 -22.82 -37.23
N ASP D 141 -11.66 -21.96 -37.01
CA ASP D 141 -12.96 -22.11 -37.67
C ASP D 141 -12.87 -22.00 -39.22
N ARG D 142 -12.06 -21.05 -39.70
CA ARG D 142 -11.85 -20.87 -41.14
C ARG D 142 -10.95 -22.00 -41.65
N ALA D 143 -9.97 -22.44 -40.84
CA ALA D 143 -9.12 -23.55 -41.23
C ALA D 143 -9.92 -24.86 -41.33
N ALA D 144 -10.96 -25.05 -40.52
CA ALA D 144 -11.87 -26.22 -40.66
C ALA D 144 -12.70 -26.19 -41.97
N LEU D 145 -13.16 -25.01 -42.39
CA LEU D 145 -13.83 -24.87 -43.70
C LEU D 145 -12.91 -25.18 -44.87
N ARG D 146 -11.69 -24.64 -44.89
CA ARG D 146 -10.76 -25.02 -45.93
C ARG D 146 -10.50 -26.51 -46.00
N LYS D 147 -10.37 -27.14 -44.83
CA LYS D 147 -10.12 -28.57 -44.73
C LYS D 147 -11.30 -29.38 -45.39
N ALA D 148 -12.52 -28.86 -45.30
CA ALA D 148 -13.73 -29.55 -45.76
C ALA D 148 -13.92 -29.37 -47.27
N GLY D 149 -13.10 -28.52 -47.89
CA GLY D 149 -13.13 -28.32 -49.30
C GLY D 149 -13.65 -26.97 -49.72
N PHE D 150 -13.49 -25.92 -48.91
CA PHE D 150 -13.91 -24.57 -49.28
C PHE D 150 -12.76 -23.58 -49.58
N SER D 151 -12.97 -22.73 -50.59
CA SER D 151 -12.03 -21.66 -50.92
C SER D 151 -12.23 -20.48 -50.01
N ASP D 152 -11.36 -19.47 -50.09
CA ASP D 152 -11.55 -18.21 -49.31
C ASP D 152 -12.80 -17.39 -49.72
N ARG D 153 -13.08 -17.36 -51.02
CA ARG D 153 -14.28 -16.77 -51.55
C ARG D 153 -15.54 -17.54 -51.13
N ASP D 154 -15.45 -18.89 -51.04
CA ASP D 154 -16.57 -19.72 -50.60
C ASP D 154 -16.81 -19.41 -49.12
N ILE D 155 -15.74 -19.16 -48.33
CA ILE D 155 -15.90 -18.70 -46.93
C ILE D 155 -16.62 -17.34 -46.83
N TRP D 156 -16.26 -16.40 -47.68
CA TRP D 156 -16.98 -15.15 -47.77
C TRP D 156 -18.43 -15.36 -48.10
N ASP D 157 -18.73 -16.32 -48.97
CA ASP D 157 -20.07 -16.52 -49.50
C ASP D 157 -20.87 -17.20 -48.39
N ILE D 158 -20.30 -18.17 -47.73
CA ILE D 158 -20.98 -18.80 -46.57
C ILE D 158 -21.31 -17.83 -45.46
N ALA D 159 -20.27 -17.09 -45.02
CA ALA D 159 -20.45 -16.02 -44.04
C ALA D 159 -21.50 -15.00 -44.43
N SER D 160 -21.44 -14.53 -45.68
CA SER D 160 -22.42 -13.53 -46.13
C SER D 160 -23.83 -14.05 -46.20
N THR D 161 -23.97 -15.33 -46.57
CA THR D 161 -25.30 -15.97 -46.64
C THR D 161 -25.86 -16.13 -45.24
N ALA D 162 -25.08 -16.74 -44.38
CA ALA D 162 -25.40 -16.80 -42.95
C ALA D 162 -25.67 -15.46 -42.29
N ALA D 163 -24.83 -14.46 -42.54
CA ALA D 163 -25.01 -13.13 -41.97
C ALA D 163 -26.36 -12.50 -42.45
N PHE D 164 -26.67 -12.64 -43.73
CA PHE D 164 -27.87 -12.06 -44.33
C PHE D 164 -29.11 -12.62 -43.69
N PHE D 165 -29.13 -13.92 -43.45
CA PHE D 165 -30.33 -14.54 -42.82
C PHE D 165 -30.45 -14.23 -41.36
N ASN D 166 -29.34 -13.86 -40.75
CA ASN D 166 -29.38 -13.31 -39.40
C ASN D 166 -30.05 -11.91 -39.35
N MSE D 167 -29.90 -11.15 -40.43
CA MSE D 167 -30.65 -9.90 -40.57
C MSE D 167 -32.09 -10.17 -40.95
O MSE D 167 -33.00 -9.61 -40.36
CB MSE D 167 -29.97 -9.00 -41.60
CG MSE D 167 -30.86 -7.90 -42.14
SE MSE D 167 -29.89 -6.74 -43.37
CE MSE D 167 -31.22 -5.19 -43.33
N SER D 168 -32.32 -10.98 -41.96
CA SER D 168 -33.68 -11.33 -42.41
C SER D 168 -34.56 -11.90 -41.30
N ASN D 169 -34.04 -12.90 -40.62
CA ASN D 169 -34.72 -13.44 -39.41
C ASN D 169 -35.14 -12.34 -38.41
N ARG D 170 -34.27 -11.39 -38.15
CA ARG D 170 -34.55 -10.35 -37.19
C ARG D 170 -35.54 -9.32 -37.69
N VAL D 171 -35.50 -8.98 -38.99
CA VAL D 171 -36.56 -8.07 -39.49
C VAL D 171 -37.93 -8.80 -39.48
N ALA D 172 -37.93 -10.03 -39.99
CA ALA D 172 -39.19 -10.81 -39.99
C ALA D 172 -39.77 -10.92 -38.58
N ALA D 173 -38.91 -11.33 -37.64
CA ALA D 173 -39.22 -11.45 -36.20
C ALA D 173 -39.84 -10.17 -35.60
N ALA D 174 -39.16 -9.05 -35.87
CA ALA D 174 -39.49 -7.75 -35.29
C ALA D 174 -40.87 -7.24 -35.64
N ILE D 175 -41.29 -7.46 -36.89
CA ILE D 175 -42.52 -6.90 -37.43
C ILE D 175 -43.59 -8.02 -37.61
N ASP D 176 -43.22 -9.27 -37.32
CA ASP D 176 -44.09 -10.43 -37.49
C ASP D 176 -44.56 -10.61 -38.95
N MSE D 177 -43.59 -10.66 -39.83
CA MSE D 177 -43.84 -10.78 -41.25
C MSE D 177 -44.33 -12.16 -41.55
O MSE D 177 -43.77 -13.12 -41.07
CB MSE D 177 -42.55 -10.53 -42.04
CG MSE D 177 -42.78 -10.06 -43.48
SE MSE D 177 -41.07 -10.22 -44.39
CE MSE D 177 -40.26 -8.50 -43.96
N ARG D 178 -45.37 -12.25 -42.38
CA ARG D 178 -46.05 -13.49 -42.68
C ARG D 178 -45.70 -14.00 -44.05
N PRO D 179 -45.28 -15.28 -44.14
CA PRO D 179 -44.98 -15.90 -45.41
C PRO D 179 -46.23 -16.29 -46.16
N ASN D 180 -46.12 -16.38 -47.47
CA ASN D 180 -47.23 -16.69 -48.34
C ASN D 180 -47.85 -18.05 -48.01
N ASP D 181 -49.18 -18.12 -47.99
CA ASP D 181 -49.88 -19.35 -47.69
C ASP D 181 -49.47 -20.49 -48.63
N GLU D 182 -49.20 -20.14 -49.88
CA GLU D 182 -48.87 -21.07 -50.93
C GLU D 182 -47.57 -21.81 -50.74
N TYR D 183 -46.65 -21.27 -49.96
CA TYR D 183 -45.38 -21.97 -49.70
C TYR D 183 -45.60 -23.31 -49.02
N HIS D 184 -46.58 -23.39 -48.14
CA HIS D 184 -46.71 -24.56 -47.29
C HIS D 184 -46.93 -25.86 -48.08
N ALA D 185 -47.75 -25.82 -49.13
CA ALA D 185 -48.09 -27.03 -49.87
C ALA D 185 -47.14 -27.37 -51.02
N MSE D 186 -46.23 -26.47 -51.32
CA MSE D 186 -45.29 -26.67 -52.42
C MSE D 186 -44.27 -27.77 -52.25
O MSE D 186 -43.72 -27.95 -51.17
CB MSE D 186 -44.44 -25.43 -52.53
CG MSE D 186 -45.05 -24.34 -53.31
SE MSE D 186 -43.73 -22.91 -53.57
CE MSE D 186 -45.12 -21.66 -54.15
N ALA D 187 -43.91 -28.44 -53.36
CA ALA D 187 -42.83 -29.44 -53.40
C ALA D 187 -42.86 -30.41 -52.21
N ARG D 188 -44.04 -30.94 -51.97
CA ARG D 188 -44.25 -31.92 -50.93
C ARG D 188 -44.26 -33.29 -51.56
N LYS E 5 -32.68 -47.32 -41.79
CA LYS E 5 -32.37 -47.54 -40.36
C LYS E 5 -33.37 -46.75 -39.55
N ILE E 6 -33.80 -47.29 -38.41
CA ILE E 6 -34.70 -46.56 -37.51
C ILE E 6 -33.90 -45.88 -36.35
N SER E 7 -32.67 -46.30 -36.08
CA SER E 7 -31.76 -45.55 -35.21
C SER E 7 -30.29 -45.78 -35.56
N ALA E 8 -29.38 -45.10 -34.86
CA ALA E 8 -27.93 -45.27 -35.01
C ALA E 8 -27.38 -46.37 -34.13
N LEU E 9 -28.22 -47.04 -33.37
CA LEU E 9 -27.75 -48.10 -32.47
C LEU E 9 -28.07 -49.49 -33.03
N ASP E 10 -27.18 -50.46 -32.81
CA ASP E 10 -27.47 -51.84 -33.16
C ASP E 10 -28.23 -52.51 -32.01
N GLY E 14 -32.81 -59.91 -31.99
CA GLY E 14 -33.31 -61.05 -32.73
C GLY E 14 -34.68 -60.79 -33.34
N GLU E 15 -35.56 -61.80 -33.29
CA GLU E 15 -36.91 -61.66 -33.82
C GLU E 15 -37.85 -60.92 -32.86
N LEU E 16 -38.89 -60.33 -33.42
CA LEU E 16 -40.04 -59.89 -32.66
C LEU E 16 -40.81 -61.06 -31.97
N SER E 17 -41.33 -60.76 -30.81
CA SER E 17 -42.23 -61.64 -30.09
C SER E 17 -43.56 -61.68 -30.80
N GLU E 18 -44.26 -62.78 -30.58
CA GLU E 18 -45.55 -63.02 -31.23
C GLU E 18 -46.58 -61.89 -31.00
N PRO E 19 -46.80 -61.50 -29.73
CA PRO E 19 -47.71 -60.38 -29.49
C PRO E 19 -47.25 -59.04 -30.08
N THR E 20 -45.93 -58.82 -30.15
CA THR E 20 -45.41 -57.60 -30.76
C THR E 20 -45.63 -57.62 -32.29
N LYS E 21 -45.46 -58.76 -32.92
CA LYS E 21 -45.84 -58.93 -34.32
C LYS E 21 -47.33 -58.74 -34.58
N ALA E 22 -48.18 -59.23 -33.68
CA ALA E 22 -49.60 -59.01 -33.84
C ALA E 22 -49.93 -57.51 -33.68
N TYR E 23 -49.35 -56.86 -32.68
CA TYR E 23 -49.58 -55.44 -32.41
C TYR E 23 -49.15 -54.56 -33.60
N PHE E 24 -47.98 -54.86 -34.20
CA PHE E 24 -47.50 -54.15 -35.37
C PHE E 24 -48.38 -54.35 -36.57
N ALA E 25 -48.93 -55.55 -36.76
CA ALA E 25 -49.88 -55.75 -37.86
C ALA E 25 -51.08 -54.82 -37.68
N LYS E 26 -51.59 -54.72 -36.45
CA LYS E 26 -52.73 -53.85 -36.16
C LYS E 26 -52.43 -52.35 -36.37
N CYS E 27 -51.26 -51.89 -35.93
CA CYS E 27 -50.79 -50.53 -36.18
C CYS E 27 -50.78 -50.15 -37.66
N GLU E 28 -50.19 -51.05 -38.45
CA GLU E 28 -50.10 -50.95 -39.88
C GLU E 28 -51.49 -50.69 -40.49
N GLU E 29 -52.47 -51.49 -40.09
CA GLU E 29 -53.87 -51.33 -40.55
C GLU E 29 -54.52 -50.01 -40.11
N LYS E 30 -54.46 -49.73 -38.80
CA LYS E 30 -55.13 -48.58 -38.19
C LYS E 30 -54.42 -47.26 -38.53
N LEU E 31 -53.09 -47.26 -38.63
CA LEU E 31 -52.30 -46.02 -38.81
C LEU E 31 -51.72 -45.83 -40.21
N GLY E 32 -51.66 -46.90 -40.99
CA GLY E 32 -50.94 -46.87 -42.26
C GLY E 32 -49.44 -47.09 -42.20
N LEU E 33 -48.92 -47.39 -41.02
CA LEU E 33 -47.49 -47.53 -40.78
C LEU E 33 -47.30 -48.03 -39.34
N VAL E 34 -46.15 -48.66 -39.06
CA VAL E 34 -45.73 -48.94 -37.68
C VAL E 34 -44.77 -47.81 -37.26
N PRO E 35 -45.19 -46.95 -36.32
CA PRO E 35 -44.34 -45.91 -35.79
C PRO E 35 -42.96 -46.42 -35.45
N ASN E 36 -41.92 -45.73 -35.93
CA ASN E 36 -40.59 -46.23 -35.77
C ASN E 36 -40.17 -46.28 -34.30
N VAL E 37 -40.70 -45.38 -33.46
CA VAL E 37 -40.39 -45.41 -31.99
C VAL E 37 -40.76 -46.79 -31.44
N LEU E 38 -41.84 -47.36 -31.96
CA LEU E 38 -42.33 -48.68 -31.46
C LEU E 38 -41.36 -49.79 -31.86
N LYS E 39 -40.86 -49.72 -33.10
CA LYS E 39 -39.78 -50.60 -33.57
C LYS E 39 -38.50 -50.48 -32.73
N ALA E 40 -38.07 -49.26 -32.39
CA ALA E 40 -36.85 -49.09 -31.54
C ALA E 40 -36.99 -49.75 -30.16
N TYR E 41 -38.17 -49.69 -29.57
CA TYR E 41 -38.49 -50.38 -28.30
C TYR E 41 -38.69 -51.90 -28.42
N ALA E 42 -38.84 -52.42 -29.62
CA ALA E 42 -39.25 -53.81 -29.85
C ALA E 42 -38.22 -54.86 -29.40
N PHE E 43 -36.99 -54.45 -29.06
CA PHE E 43 -36.01 -55.37 -28.45
C PHE E 43 -36.36 -55.85 -27.04
N ASP E 44 -37.33 -55.19 -26.38
CA ASP E 44 -37.80 -55.58 -25.02
C ASP E 44 -39.27 -55.21 -24.93
N ASP E 45 -40.15 -56.22 -24.85
CA ASP E 45 -41.58 -55.98 -24.81
C ASP E 45 -42.01 -55.27 -23.52
N LYS E 46 -41.29 -55.53 -22.43
CA LYS E 46 -41.55 -54.81 -21.16
C LYS E 46 -41.45 -53.33 -21.36
N LYS E 47 -40.37 -52.89 -22.01
CA LYS E 47 -40.13 -51.49 -22.27
C LYS E 47 -41.14 -50.94 -23.29
N LEU E 48 -41.42 -51.73 -24.32
CA LEU E 48 -42.43 -51.37 -25.34
C LEU E 48 -43.78 -51.15 -24.68
N ARG E 49 -44.19 -52.09 -23.85
CA ARG E 49 -45.43 -51.97 -23.09
C ARG E 49 -45.50 -50.70 -22.25
N ALA E 50 -44.46 -50.46 -21.47
CA ALA E 50 -44.35 -49.31 -20.59
C ALA E 50 -44.48 -48.01 -21.36
N PHE E 51 -43.83 -47.98 -22.51
CA PHE E 51 -43.88 -46.85 -23.41
C PHE E 51 -45.32 -46.63 -23.89
N THR E 52 -45.95 -47.65 -24.48
CA THR E 52 -47.26 -47.47 -25.08
C THR E 52 -48.33 -47.17 -23.97
N ASP E 53 -48.15 -47.73 -22.78
CA ASP E 53 -49.08 -47.42 -21.68
C ASP E 53 -49.07 -45.95 -21.33
N ILE E 54 -47.87 -45.41 -21.16
CA ILE E 54 -47.69 -44.00 -20.77
C ILE E 54 -48.08 -43.07 -21.90
N TYR E 55 -47.70 -43.43 -23.10
CA TYR E 55 -48.08 -42.64 -24.24
C TYR E 55 -49.62 -42.51 -24.41
N ASN E 56 -50.33 -43.63 -24.42
CA ASN E 56 -51.78 -43.62 -24.63
C ASN E 56 -52.54 -42.92 -23.52
N ASP E 57 -52.04 -43.06 -22.29
CA ASP E 57 -52.68 -42.43 -21.14
C ASP E 57 -52.52 -40.91 -21.27
N LEU E 58 -51.30 -40.50 -21.56
CA LEU E 58 -51.00 -39.08 -21.64
C LEU E 58 -51.72 -38.46 -22.78
N MSE E 59 -51.62 -39.07 -23.97
CA MSE E 59 -52.03 -38.39 -25.21
C MSE E 59 -53.51 -38.61 -25.54
O MSE E 59 -54.14 -37.73 -26.11
CB MSE E 59 -51.13 -38.79 -26.38
CG MSE E 59 -49.68 -38.43 -26.13
SE MSE E 59 -49.42 -36.58 -25.68
CE MSE E 59 -49.60 -35.82 -27.43
N LEU E 60 -54.04 -39.77 -25.16
CA LEU E 60 -55.39 -40.16 -25.48
C LEU E 60 -56.30 -40.25 -24.26
N GLY E 61 -55.76 -40.32 -23.05
CA GLY E 61 -56.64 -40.53 -21.87
C GLY E 61 -57.52 -39.32 -21.56
N GLU E 62 -58.44 -39.46 -20.62
CA GLU E 62 -59.39 -38.39 -20.31
C GLU E 62 -58.67 -37.21 -19.61
N SER E 63 -59.00 -35.99 -20.04
CA SER E 63 -58.30 -34.81 -19.54
C SER E 63 -59.17 -33.64 -19.88
N GLY E 64 -58.99 -32.53 -19.16
CA GLY E 64 -59.58 -31.23 -19.54
C GLY E 64 -58.84 -30.59 -20.72
N LEU E 65 -57.72 -31.17 -21.13
CA LEU E 65 -57.04 -30.80 -22.38
C LEU E 65 -57.54 -31.62 -23.56
N SER E 66 -57.80 -30.99 -24.72
CA SER E 66 -58.19 -31.70 -25.93
C SER E 66 -57.00 -32.51 -26.38
N LYS E 67 -57.19 -33.40 -27.36
CA LYS E 67 -56.05 -34.15 -27.92
C LYS E 67 -55.14 -33.21 -28.70
N LEU E 68 -55.72 -32.17 -29.29
CA LEU E 68 -54.95 -31.18 -30.07
C LEU E 68 -54.09 -30.34 -29.14
N ASP E 69 -54.68 -29.89 -28.02
CA ASP E 69 -53.90 -29.20 -26.97
C ASP E 69 -52.63 -29.95 -26.61
N ARG E 70 -52.73 -31.26 -26.43
CA ARG E 70 -51.58 -32.02 -26.00
C ARG E 70 -50.55 -32.22 -27.12
N GLU E 71 -50.98 -32.38 -28.37
CA GLU E 71 -50.06 -32.43 -29.51
C GLU E 71 -49.36 -31.09 -29.71
N MSE E 72 -50.07 -30.00 -29.43
CA MSE E 72 -49.49 -28.69 -29.52
C MSE E 72 -48.39 -28.47 -28.51
O MSE E 72 -47.40 -27.82 -28.87
CB MSE E 72 -50.58 -27.64 -29.34
CG MSE E 72 -51.55 -27.57 -30.52
SE MSE E 72 -52.75 -26.02 -30.33
CE MSE E 72 -51.44 -24.69 -30.63
N ILE E 73 -48.56 -28.99 -27.30
CA ILE E 73 -47.56 -28.94 -26.24
C ILE E 73 -46.33 -29.76 -26.71
N ALA E 74 -46.60 -30.96 -27.18
CA ALA E 74 -45.57 -31.88 -27.74
C ALA E 74 -44.67 -31.22 -28.76
N VAL E 75 -45.27 -30.47 -29.69
CA VAL E 75 -44.53 -29.88 -30.79
C VAL E 75 -43.77 -28.68 -30.34
N ALA E 76 -44.35 -27.89 -29.44
CA ALA E 76 -43.66 -26.68 -28.93
C ALA E 76 -42.37 -27.07 -28.11
N VAL E 77 -42.48 -28.09 -27.28
CA VAL E 77 -41.33 -28.67 -26.56
C VAL E 77 -40.27 -29.19 -27.57
N SER E 78 -40.73 -29.96 -28.57
CA SER E 78 -39.83 -30.57 -29.57
C SER E 78 -39.10 -29.52 -30.44
N SER E 79 -39.78 -28.39 -30.61
CA SER E 79 -39.27 -27.27 -31.38
C SER E 79 -38.14 -26.58 -30.64
N ILE E 80 -38.35 -26.33 -29.35
CA ILE E 80 -37.24 -25.82 -28.51
C ILE E 80 -36.05 -26.78 -28.52
N ASN E 81 -36.31 -28.09 -28.41
CA ASN E 81 -35.21 -29.10 -28.35
C ASN E 81 -34.69 -29.54 -29.72
N HIS E 82 -35.28 -29.03 -30.80
CA HIS E 82 -34.94 -29.41 -32.20
C HIS E 82 -34.94 -30.92 -32.47
N CYS E 83 -35.99 -31.60 -31.99
CA CYS E 83 -36.13 -33.05 -32.15
C CYS E 83 -36.77 -33.36 -33.50
N TYR E 84 -35.96 -33.91 -34.41
CA TYR E 84 -36.43 -34.24 -35.73
C TYR E 84 -37.54 -35.30 -35.70
N TYR E 85 -37.34 -36.38 -34.95
CA TYR E 85 -38.37 -37.42 -34.79
C TYR E 85 -39.74 -36.87 -34.41
N CYS E 86 -39.78 -36.12 -33.31
CA CYS E 86 -41.01 -35.62 -32.74
C CYS E 86 -41.65 -34.47 -33.50
N LEU E 87 -40.84 -33.54 -34.01
CA LEU E 87 -41.41 -32.51 -34.86
C LEU E 87 -42.08 -33.11 -36.09
N THR E 88 -41.47 -34.17 -36.62
CA THR E 88 -42.04 -34.87 -37.76
C THR E 88 -43.34 -35.60 -37.38
N ALA E 89 -43.30 -36.41 -36.33
CA ALA E 89 -44.43 -37.29 -35.97
C ALA E 89 -45.60 -36.47 -35.39
N HIS E 90 -45.29 -35.56 -34.48
CA HIS E 90 -46.30 -34.74 -33.82
C HIS E 90 -46.74 -33.57 -34.62
N GLY E 91 -45.84 -33.01 -35.44
CA GLY E 91 -46.25 -32.06 -36.46
C GLY E 91 -47.34 -32.58 -37.36
N ALA E 92 -47.15 -33.78 -37.92
CA ALA E 92 -48.23 -34.45 -38.67
C ALA E 92 -49.49 -34.62 -37.81
N ALA E 93 -49.36 -34.89 -36.51
CA ALA E 93 -50.56 -34.97 -35.63
C ALA E 93 -51.29 -33.61 -35.54
N VAL E 94 -50.54 -32.52 -35.38
CA VAL E 94 -51.17 -31.21 -35.32
C VAL E 94 -51.92 -30.95 -36.65
N ARG E 95 -51.27 -31.24 -37.78
CA ARG E 95 -51.86 -30.97 -39.07
C ARG E 95 -53.14 -31.80 -39.24
N GLN E 96 -53.03 -33.07 -38.92
CA GLN E 96 -54.18 -33.95 -39.06
C GLN E 96 -55.36 -33.56 -38.16
N LEU E 97 -55.15 -33.41 -36.85
CA LEU E 97 -56.21 -33.07 -35.88
C LEU E 97 -56.84 -31.68 -36.10
N SER E 98 -56.03 -30.70 -36.47
CA SER E 98 -56.55 -29.35 -36.72
C SER E 98 -57.10 -29.18 -38.13
N GLY E 99 -56.62 -30.01 -39.07
CA GLY E 99 -57.03 -29.86 -40.45
C GLY E 99 -56.44 -28.59 -41.06
N ASP E 100 -55.43 -28.03 -40.39
CA ASP E 100 -54.80 -26.80 -40.84
C ASP E 100 -53.27 -27.02 -40.96
N PRO E 101 -52.77 -27.24 -42.18
CA PRO E 101 -51.36 -27.51 -42.38
C PRO E 101 -50.48 -26.35 -41.90
N ALA E 102 -50.89 -25.12 -42.22
CA ALA E 102 -50.27 -23.89 -41.70
C ALA E 102 -49.99 -23.92 -40.20
N LEU E 103 -50.95 -24.42 -39.42
CA LEU E 103 -50.82 -24.43 -37.97
C LEU E 103 -49.74 -25.40 -37.50
N GLY E 104 -49.66 -26.56 -38.17
CA GLY E 104 -48.58 -27.50 -37.94
C GLY E 104 -47.26 -26.81 -38.12
N GLU E 105 -47.15 -26.05 -39.20
CA GLU E 105 -45.88 -25.41 -39.53
C GLU E 105 -45.52 -24.39 -38.45
N MSE E 106 -46.44 -23.50 -38.12
CA MSE E 106 -46.20 -22.51 -37.10
C MSE E 106 -45.72 -23.11 -35.84
O MSE E 106 -44.82 -22.57 -35.24
CB MSE E 106 -47.44 -21.66 -36.81
CG MSE E 106 -47.80 -20.81 -37.99
SE MSE E 106 -49.59 -20.05 -37.95
CE MSE E 106 -49.87 -19.38 -39.75
N LEU E 107 -46.33 -24.20 -35.40
CA LEU E 107 -45.98 -24.79 -34.12
C LEU E 107 -44.59 -25.39 -34.13
N VAL E 108 -44.26 -26.00 -35.26
CA VAL E 108 -42.94 -26.58 -35.46
C VAL E 108 -41.87 -25.44 -35.48
N MSE E 109 -42.23 -24.29 -36.04
CA MSE E 109 -41.26 -23.26 -36.38
C MSE E 109 -41.21 -22.23 -35.28
O MSE E 109 -40.15 -22.03 -34.70
CB MSE E 109 -41.58 -22.61 -37.72
CG MSE E 109 -41.53 -23.59 -38.92
SE MSE E 109 -42.23 -22.87 -40.56
CE MSE E 109 -41.69 -24.21 -41.89
N ASN E 110 -42.36 -21.59 -34.97
CA ASN E 110 -42.48 -20.71 -33.81
C ASN E 110 -43.94 -20.45 -33.44
N PHE E 111 -44.43 -21.07 -32.37
CA PHE E 111 -45.85 -21.01 -32.03
C PHE E 111 -46.33 -19.60 -31.82
N ARG E 112 -45.41 -18.69 -31.48
CA ARG E 112 -45.74 -17.27 -31.30
C ARG E 112 -46.32 -16.64 -32.54
N ALA E 113 -46.08 -17.24 -33.71
CA ALA E 113 -46.70 -16.74 -34.91
C ALA E 113 -48.14 -17.25 -35.03
N ALA E 114 -48.56 -18.22 -34.22
CA ALA E 114 -49.80 -18.93 -34.50
C ALA E 114 -51.13 -18.17 -34.30
N ASP E 115 -51.22 -17.23 -33.35
CA ASP E 115 -52.54 -16.52 -33.12
C ASP E 115 -53.52 -17.44 -32.38
N LEU E 116 -53.09 -17.84 -31.20
CA LEU E 116 -53.73 -18.82 -30.39
C LEU E 116 -54.66 -18.10 -29.42
N SER E 117 -55.59 -18.81 -28.82
CA SER E 117 -56.38 -18.24 -27.73
C SER E 117 -55.50 -17.83 -26.52
N PRO E 118 -56.09 -17.07 -25.58
CA PRO E 118 -55.35 -16.71 -24.38
C PRO E 118 -55.05 -17.95 -23.51
N ARG E 119 -55.95 -18.91 -23.60
CA ARG E 119 -55.84 -20.20 -22.96
C ARG E 119 -54.69 -21.05 -23.54
N GLN E 120 -54.68 -21.19 -24.86
CA GLN E 120 -53.59 -21.92 -25.55
C GLN E 120 -52.22 -21.27 -25.37
N THR E 121 -52.17 -19.94 -25.38
CA THR E 121 -50.92 -19.21 -25.14
C THR E 121 -50.41 -19.37 -23.68
N ALA E 122 -51.32 -19.29 -22.68
CA ALA E 122 -50.95 -19.58 -21.27
C ALA E 122 -50.31 -20.98 -21.16
N MSE E 123 -50.97 -21.98 -21.73
CA MSE E 123 -50.51 -23.36 -21.70
C MSE E 123 -49.13 -23.53 -22.37
O MSE E 123 -48.24 -24.13 -21.78
CB MSE E 123 -51.54 -24.22 -22.42
CG MSE E 123 -51.20 -25.64 -22.70
SE MSE E 123 -52.73 -26.45 -23.69
CE MSE E 123 -52.44 -25.90 -25.57
N LEU E 124 -48.96 -22.99 -23.57
CA LEU E 124 -47.65 -23.07 -24.22
C LEU E 124 -46.52 -22.30 -23.50
N GLU E 125 -46.81 -21.12 -22.95
CA GLU E 125 -45.81 -20.33 -22.22
C GLU E 125 -45.29 -21.13 -21.01
N PHE E 126 -46.17 -21.93 -20.39
CA PHE E 126 -45.76 -22.75 -19.26
C PHE E 126 -44.90 -23.91 -19.75
N ALA E 127 -45.25 -24.49 -20.89
CA ALA E 127 -44.46 -25.59 -21.43
C ALA E 127 -43.04 -25.15 -21.89
N VAL E 128 -42.93 -23.92 -22.36
CA VAL E 128 -41.64 -23.33 -22.78
C VAL E 128 -40.74 -23.19 -21.55
N LYS E 129 -41.29 -22.59 -20.49
CA LYS E 129 -40.51 -22.32 -19.26
C LYS E 129 -40.07 -23.62 -18.63
N LEU E 130 -41.00 -24.56 -18.51
CA LEU E 130 -40.68 -25.87 -17.97
C LEU E 130 -39.57 -26.57 -18.79
N THR E 131 -39.57 -26.34 -20.10
CA THR E 131 -38.58 -26.93 -21.01
C THR E 131 -37.24 -26.24 -20.93
N GLU E 132 -37.23 -24.91 -20.90
CA GLU E 132 -35.94 -24.16 -20.91
C GLU E 132 -35.34 -23.93 -19.53
N GLU E 133 -36.16 -23.77 -18.51
CA GLU E 133 -35.64 -23.46 -17.15
C GLU E 133 -36.52 -24.01 -16.00
N PRO E 134 -36.53 -25.34 -15.84
CA PRO E 134 -37.32 -26.01 -14.80
C PRO E 134 -36.94 -25.57 -13.34
N ALA E 135 -35.66 -25.31 -13.12
CA ALA E 135 -35.16 -24.71 -11.89
C ALA E 135 -35.94 -23.46 -11.48
N LYS E 136 -36.54 -22.74 -12.42
CA LYS E 136 -37.15 -21.45 -12.10
C LYS E 136 -38.67 -21.46 -11.97
N ILE E 137 -39.30 -22.64 -12.01
CA ILE E 137 -40.75 -22.72 -11.87
C ILE E 137 -41.10 -22.30 -10.45
N VAL E 138 -42.09 -21.40 -10.32
CA VAL E 138 -42.53 -20.94 -9.02
C VAL E 138 -44.06 -20.92 -9.03
N GLU E 139 -44.63 -20.57 -7.90
CA GLU E 139 -46.09 -20.50 -7.76
C GLU E 139 -46.73 -19.53 -8.75
N ALA E 140 -46.05 -18.43 -9.03
CA ALA E 140 -46.57 -17.45 -9.96
C ALA E 140 -46.89 -18.14 -11.29
N ASP E 141 -46.13 -19.17 -11.64
CA ASP E 141 -46.31 -19.85 -12.93
C ASP E 141 -47.57 -20.67 -12.95
N ARG E 142 -47.83 -21.36 -11.85
CA ARG E 142 -49.10 -22.09 -11.72
C ARG E 142 -50.28 -21.14 -11.56
N ALA E 143 -50.07 -20.02 -10.90
CA ALA E 143 -51.13 -19.00 -10.73
C ALA E 143 -51.57 -18.41 -12.08
N ALA E 144 -50.63 -18.30 -13.03
CA ALA E 144 -50.92 -17.81 -14.40
C ALA E 144 -51.81 -18.79 -15.17
N LEU E 145 -51.68 -20.06 -14.88
CA LEU E 145 -52.50 -21.09 -15.49
C LEU E 145 -53.95 -21.05 -14.99
N ARG E 146 -54.09 -21.02 -13.67
CA ARG E 146 -55.41 -20.78 -13.04
C ARG E 146 -56.09 -19.53 -13.57
N LYS E 147 -55.38 -18.41 -13.66
CA LYS E 147 -55.99 -17.16 -14.17
C LYS E 147 -56.45 -17.32 -15.62
N ALA E 148 -55.85 -18.23 -16.38
CA ALA E 148 -56.27 -18.50 -17.77
C ALA E 148 -57.35 -19.54 -17.80
N GLY E 149 -57.67 -20.11 -16.64
CA GLY E 149 -58.85 -20.96 -16.54
C GLY E 149 -58.60 -22.44 -16.30
N PHE E 150 -57.35 -22.87 -16.10
CA PHE E 150 -57.04 -24.29 -15.85
C PHE E 150 -57.23 -24.76 -14.43
N SER E 151 -57.89 -25.91 -14.27
CA SER E 151 -57.99 -26.58 -12.99
C SER E 151 -56.64 -27.16 -12.62
N ASP E 152 -56.47 -27.51 -11.34
CA ASP E 152 -55.24 -28.14 -10.86
C ASP E 152 -54.91 -29.41 -11.60
N ARG E 153 -55.95 -30.17 -11.96
CA ARG E 153 -55.73 -31.40 -12.73
C ARG E 153 -55.33 -31.10 -14.17
N ASP E 154 -55.79 -30.00 -14.78
CA ASP E 154 -55.22 -29.63 -16.06
C ASP E 154 -53.76 -29.25 -15.89
N ILE E 155 -53.43 -28.55 -14.82
CA ILE E 155 -52.03 -28.14 -14.64
C ILE E 155 -51.17 -29.38 -14.63
N TRP E 156 -51.55 -30.38 -13.84
CA TRP E 156 -50.88 -31.68 -13.89
C TRP E 156 -50.71 -32.23 -15.29
N ASP E 157 -51.78 -32.20 -16.07
CA ASP E 157 -51.75 -32.76 -17.42
C ASP E 157 -50.88 -31.93 -18.32
N ILE E 158 -50.94 -30.62 -18.18
CA ILE E 158 -50.02 -29.76 -18.97
C ILE E 158 -48.56 -30.07 -18.62
N ALA E 159 -48.28 -30.09 -17.34
CA ALA E 159 -46.91 -30.36 -16.86
C ALA E 159 -46.41 -31.70 -17.34
N SER E 160 -47.32 -32.68 -17.28
CA SER E 160 -46.98 -34.06 -17.55
C SER E 160 -46.66 -34.21 -19.00
N THR E 161 -47.49 -33.62 -19.87
CA THR E 161 -47.25 -33.65 -21.31
C THR E 161 -45.90 -33.05 -21.67
N ALA E 162 -45.65 -31.81 -21.23
CA ALA E 162 -44.37 -31.17 -21.47
C ALA E 162 -43.20 -31.96 -20.92
N ALA E 163 -43.31 -32.48 -19.69
CA ALA E 163 -42.24 -33.29 -19.07
C ALA E 163 -41.84 -34.56 -19.91
N PHE E 164 -42.88 -35.25 -20.37
CA PHE E 164 -42.78 -36.45 -21.17
C PHE E 164 -42.01 -36.19 -22.43
N PHE E 165 -42.32 -35.10 -23.12
CA PHE E 165 -41.59 -34.80 -24.37
C PHE E 165 -40.17 -34.32 -24.18
N ASN E 166 -39.86 -33.84 -22.99
CA ASN E 166 -38.47 -33.57 -22.66
C ASN E 166 -37.69 -34.86 -22.47
N MSE E 167 -38.40 -35.96 -22.17
CA MSE E 167 -37.83 -37.26 -22.14
C MSE E 167 -37.78 -37.83 -23.55
O MSE E 167 -36.72 -38.24 -23.95
CB MSE E 167 -38.57 -38.20 -21.18
CG MSE E 167 -38.20 -39.65 -21.38
SE MSE E 167 -39.06 -40.94 -20.22
CE MSE E 167 -37.82 -42.41 -20.77
N SER E 168 -38.90 -37.84 -24.31
CA SER E 168 -38.92 -38.33 -25.73
C SER E 168 -37.90 -37.67 -26.66
N ASN E 169 -37.76 -36.35 -26.54
CA ASN E 169 -36.85 -35.57 -27.35
C ASN E 169 -35.43 -36.09 -27.13
N ARG E 170 -35.12 -36.40 -25.87
CA ARG E 170 -33.78 -36.84 -25.51
C ARG E 170 -33.49 -38.29 -25.91
N VAL E 171 -34.44 -39.20 -25.72
CA VAL E 171 -34.25 -40.58 -26.15
C VAL E 171 -34.03 -40.54 -27.69
N ALA E 172 -34.88 -39.77 -28.39
CA ALA E 172 -34.76 -39.68 -29.86
C ALA E 172 -33.40 -39.12 -30.31
N ALA E 173 -32.99 -38.02 -29.66
CA ALA E 173 -31.76 -37.34 -30.00
C ALA E 173 -30.53 -38.21 -29.66
N ALA E 174 -30.58 -38.90 -28.51
CA ALA E 174 -29.45 -39.69 -28.09
C ALA E 174 -29.05 -40.77 -29.09
N ILE E 175 -30.06 -41.41 -29.70
CA ILE E 175 -29.88 -42.61 -30.51
C ILE E 175 -30.07 -42.31 -31.98
N ASP E 176 -30.39 -41.06 -32.32
CA ASP E 176 -30.69 -40.64 -33.69
C ASP E 176 -31.87 -41.43 -34.30
N MSE E 177 -33.01 -41.39 -33.58
CA MSE E 177 -34.10 -42.20 -33.98
C MSE E 177 -34.77 -41.52 -35.16
O MSE E 177 -34.95 -40.31 -35.17
CB MSE E 177 -35.05 -42.37 -32.83
CG MSE E 177 -36.32 -43.20 -33.14
SE MSE E 177 -37.60 -42.99 -31.66
CE MSE E 177 -36.45 -43.78 -30.27
N ARG E 178 -35.15 -42.31 -36.15
CA ARG E 178 -35.66 -41.79 -37.41
C ARG E 178 -37.16 -41.95 -37.58
N PRO E 179 -37.87 -40.84 -37.84
CA PRO E 179 -39.32 -40.97 -38.07
C PRO E 179 -39.60 -41.60 -39.42
N ASN E 180 -40.78 -42.20 -39.54
CA ASN E 180 -41.21 -42.77 -40.81
C ASN E 180 -41.36 -41.73 -41.89
N ASP E 181 -40.92 -42.12 -43.10
CA ASP E 181 -41.00 -41.25 -44.26
C ASP E 181 -42.44 -40.75 -44.54
N GLU E 182 -43.42 -41.60 -44.28
CA GLU E 182 -44.83 -41.29 -44.61
C GLU E 182 -45.36 -40.03 -43.92
N TYR E 183 -44.84 -39.72 -42.73
CA TYR E 183 -45.30 -38.55 -42.01
C TYR E 183 -45.11 -37.24 -42.77
N HIS E 184 -44.06 -37.13 -43.59
CA HIS E 184 -43.72 -35.85 -44.24
C HIS E 184 -44.83 -35.36 -45.16
N ALA E 185 -45.51 -36.27 -45.83
CA ALA E 185 -46.50 -35.91 -46.85
C ALA E 185 -47.92 -35.84 -46.27
N MSE E 186 -48.07 -36.19 -45.00
CA MSE E 186 -49.41 -36.33 -44.41
C MSE E 186 -50.08 -35.00 -44.19
O MSE E 186 -49.45 -34.10 -43.62
CB MSE E 186 -49.33 -37.01 -43.05
CG MSE E 186 -49.52 -38.48 -43.07
SE MSE E 186 -49.58 -39.17 -41.23
CE MSE E 186 -48.76 -40.85 -41.80
N ALA E 187 -51.35 -34.89 -44.55
CA ALA E 187 -52.16 -33.76 -44.13
C ALA E 187 -51.53 -32.45 -44.55
N ARG E 188 -51.11 -32.37 -45.82
CA ARG E 188 -50.61 -31.14 -46.44
C ARG E 188 -51.70 -30.49 -47.27
N LYS F 5 -47.66 -31.33 3.11
CA LYS F 5 -48.13 -31.27 1.69
C LYS F 5 -47.11 -31.99 0.82
N ILE F 6 -47.53 -32.98 0.04
CA ILE F 6 -46.62 -33.57 -0.95
C ILE F 6 -46.53 -32.79 -2.28
N SER F 7 -47.38 -31.79 -2.52
CA SER F 7 -47.23 -30.95 -3.71
C SER F 7 -48.04 -29.66 -3.61
N ALA F 8 -47.88 -28.80 -4.61
CA ALA F 8 -48.58 -27.52 -4.63
C ALA F 8 -49.93 -27.57 -5.30
N LEU F 9 -50.31 -28.73 -5.84
CA LEU F 9 -51.61 -28.93 -6.48
C LEU F 9 -52.63 -29.69 -5.61
N ASP F 10 -53.92 -29.42 -5.84
CA ASP F 10 -55.01 -30.11 -5.17
C ASP F 10 -55.79 -30.97 -6.18
N GLY F 14 -60.33 -38.61 -3.37
CA GLY F 14 -60.62 -38.97 -1.97
C GLY F 14 -59.71 -40.09 -1.48
N GLU F 15 -60.32 -41.22 -1.11
CA GLU F 15 -59.59 -42.34 -0.51
C GLU F 15 -58.78 -43.17 -1.52
N LEU F 16 -57.61 -43.64 -1.09
CA LEU F 16 -56.78 -44.56 -1.87
C LEU F 16 -57.54 -45.84 -2.18
N SER F 17 -57.14 -46.53 -3.24
CA SER F 17 -57.75 -47.81 -3.61
C SER F 17 -57.25 -48.94 -2.69
N GLU F 18 -57.90 -50.09 -2.71
CA GLU F 18 -57.39 -51.23 -1.92
C GLU F 18 -56.05 -51.75 -2.49
N PRO F 19 -55.95 -51.90 -3.82
CA PRO F 19 -54.66 -52.23 -4.41
C PRO F 19 -53.52 -51.26 -4.05
N THR F 20 -53.82 -49.96 -3.98
CA THR F 20 -52.82 -48.94 -3.66
C THR F 20 -52.57 -48.85 -2.15
N LYS F 21 -53.61 -49.08 -1.36
CA LYS F 21 -53.44 -49.14 0.10
C LYS F 21 -52.55 -50.30 0.49
N ALA F 22 -52.59 -51.37 -0.31
CA ALA F 22 -51.83 -52.58 -0.03
C ALA F 22 -50.44 -52.43 -0.60
N TYR F 23 -50.31 -51.70 -1.70
CA TYR F 23 -49.00 -51.42 -2.30
C TYR F 23 -48.16 -50.59 -1.35
N PHE F 24 -48.82 -49.67 -0.64
CA PHE F 24 -48.11 -48.80 0.30
C PHE F 24 -47.71 -49.55 1.58
N ALA F 25 -48.60 -50.38 2.12
CA ALA F 25 -48.22 -51.32 3.17
C ALA F 25 -46.88 -52.00 2.85
N LYS F 26 -46.69 -52.44 1.61
CA LYS F 26 -45.47 -53.16 1.24
C LYS F 26 -44.25 -52.25 1.19
N CYS F 27 -44.38 -51.11 0.52
CA CYS F 27 -43.31 -50.10 0.46
C CYS F 27 -42.80 -49.77 1.84
N GLU F 28 -43.75 -49.57 2.76
CA GLU F 28 -43.51 -49.21 4.15
C GLU F 28 -42.72 -50.32 4.86
N GLU F 29 -43.07 -51.59 4.58
CA GLU F 29 -42.27 -52.76 4.99
C GLU F 29 -40.87 -52.79 4.38
N LYS F 30 -40.77 -52.85 3.04
CA LYS F 30 -39.46 -53.01 2.38
C LYS F 30 -38.59 -51.81 2.59
N LEU F 31 -39.11 -50.62 2.27
CA LEU F 31 -38.49 -49.33 2.60
C LEU F 31 -39.11 -48.96 3.92
N GLY F 32 -38.58 -48.00 4.65
CA GLY F 32 -39.22 -47.58 5.91
C GLY F 32 -40.23 -46.45 5.73
N LEU F 33 -40.82 -46.34 4.53
CA LEU F 33 -41.59 -45.16 4.16
C LEU F 33 -42.27 -45.41 2.84
N VAL F 34 -43.31 -44.62 2.55
CA VAL F 34 -43.90 -44.59 1.21
C VAL F 34 -43.34 -43.35 0.45
N PRO F 35 -42.49 -43.56 -0.58
CA PRO F 35 -41.98 -42.43 -1.37
C PRO F 35 -43.08 -41.46 -1.79
N ASN F 36 -42.82 -40.15 -1.68
CA ASN F 36 -43.88 -39.14 -1.78
C ASN F 36 -44.41 -39.04 -3.23
N VAL F 37 -43.54 -39.30 -4.20
CA VAL F 37 -43.95 -39.46 -5.63
C VAL F 37 -45.08 -40.51 -5.84
N LEU F 38 -45.10 -41.57 -5.03
CA LEU F 38 -46.12 -42.59 -5.18
C LEU F 38 -47.46 -42.02 -4.72
N LYS F 39 -47.44 -41.19 -3.68
CA LYS F 39 -48.65 -40.55 -3.17
C LYS F 39 -49.16 -39.47 -4.13
N ALA F 40 -48.25 -38.83 -4.87
CA ALA F 40 -48.67 -37.80 -5.86
C ALA F 40 -49.49 -38.42 -6.98
N TYR F 41 -49.03 -39.57 -7.49
CA TYR F 41 -49.74 -40.32 -8.56
C TYR F 41 -50.99 -41.08 -8.08
N ALA F 42 -51.20 -41.11 -6.77
CA ALA F 42 -52.18 -41.97 -6.15
C ALA F 42 -53.64 -41.57 -6.46
N PHE F 43 -53.85 -40.39 -7.06
CA PHE F 43 -55.20 -39.99 -7.52
C PHE F 43 -55.70 -40.73 -8.75
N ASP F 44 -54.82 -41.51 -9.39
CA ASP F 44 -55.18 -42.36 -10.51
C ASP F 44 -54.29 -43.58 -10.55
N ASP F 45 -54.83 -44.74 -10.31
CA ASP F 45 -54.03 -45.97 -10.27
C ASP F 45 -53.42 -46.33 -11.62
N LYS F 46 -54.12 -46.00 -12.70
CA LYS F 46 -53.60 -46.12 -14.06
C LYS F 46 -52.30 -45.34 -14.22
N LYS F 47 -52.29 -44.11 -13.71
CA LYS F 47 -51.09 -43.29 -13.77
C LYS F 47 -50.01 -43.78 -12.80
N LEU F 48 -50.41 -44.19 -11.61
CA LEU F 48 -49.49 -44.78 -10.65
C LEU F 48 -48.83 -46.06 -11.18
N ARG F 49 -49.62 -46.97 -11.75
CA ARG F 49 -49.05 -48.18 -12.33
C ARG F 49 -48.11 -47.92 -13.46
N ALA F 50 -48.48 -47.02 -14.37
CA ALA F 50 -47.60 -46.60 -15.45
C ALA F 50 -46.23 -46.09 -14.94
N PHE F 51 -46.27 -45.20 -13.96
CA PHE F 51 -45.04 -44.65 -13.39
C PHE F 51 -44.22 -45.75 -12.73
N THR F 52 -44.85 -46.56 -11.88
CA THR F 52 -44.07 -47.55 -11.13
C THR F 52 -43.47 -48.59 -12.10
N ASP F 53 -44.18 -48.86 -13.18
CA ASP F 53 -43.71 -49.76 -14.23
C ASP F 53 -42.48 -49.21 -14.93
N ILE F 54 -42.50 -47.94 -15.30
CA ILE F 54 -41.33 -47.36 -15.96
C ILE F 54 -40.18 -47.15 -14.98
N TYR F 55 -40.50 -46.64 -13.80
CA TYR F 55 -39.49 -46.44 -12.78
C TYR F 55 -38.73 -47.74 -12.52
N ASN F 56 -39.44 -48.82 -12.24
CA ASN F 56 -38.80 -50.08 -11.85
C ASN F 56 -37.99 -50.78 -12.94
N ASP F 57 -38.50 -50.79 -14.16
CA ASP F 57 -37.73 -51.27 -15.30
C ASP F 57 -36.46 -50.41 -15.44
N LEU F 58 -36.61 -49.09 -15.45
CA LEU F 58 -35.43 -48.21 -15.66
C LEU F 58 -34.36 -48.37 -14.55
N MSE F 59 -34.77 -48.33 -13.28
CA MSE F 59 -33.84 -48.26 -12.17
C MSE F 59 -33.46 -49.60 -11.60
O MSE F 59 -32.34 -49.78 -11.18
CB MSE F 59 -34.36 -47.33 -11.09
CG MSE F 59 -34.67 -45.93 -11.66
SE MSE F 59 -33.14 -44.98 -12.42
CE MSE F 59 -32.22 -44.68 -10.71
N LEU F 60 -34.41 -50.56 -11.58
CA LEU F 60 -34.15 -51.86 -10.96
C LEU F 60 -34.09 -52.97 -11.99
N GLY F 61 -34.41 -52.70 -13.24
CA GLY F 61 -34.47 -53.74 -14.25
C GLY F 61 -33.10 -54.11 -14.77
N GLU F 62 -33.10 -55.06 -15.70
CA GLU F 62 -31.91 -55.61 -16.30
C GLU F 62 -31.18 -54.54 -17.14
N SER F 63 -29.85 -54.54 -17.11
CA SER F 63 -29.04 -53.46 -17.75
C SER F 63 -27.54 -53.81 -17.71
N GLY F 64 -26.78 -53.25 -18.64
CA GLY F 64 -25.31 -53.30 -18.53
C GLY F 64 -24.77 -52.36 -17.46
N LEU F 65 -25.59 -51.39 -17.05
CA LEU F 65 -25.29 -50.46 -15.93
C LEU F 65 -25.68 -51.04 -14.54
N SER F 66 -24.85 -50.83 -13.53
CA SER F 66 -25.22 -51.23 -12.17
C SER F 66 -26.34 -50.29 -11.73
N LYS F 67 -27.00 -50.61 -10.62
CA LYS F 67 -28.06 -49.74 -10.09
C LYS F 67 -27.42 -48.42 -9.63
N LEU F 68 -26.21 -48.48 -9.06
CA LEU F 68 -25.49 -47.26 -8.67
C LEU F 68 -25.14 -46.42 -9.88
N ASP F 69 -24.73 -47.04 -10.98
CA ASP F 69 -24.46 -46.26 -12.21
C ASP F 69 -25.68 -45.39 -12.59
N ARG F 70 -26.86 -45.98 -12.50
CA ARG F 70 -28.11 -45.28 -12.87
C ARG F 70 -28.56 -44.23 -11.84
N GLU F 71 -28.37 -44.51 -10.56
CA GLU F 71 -28.58 -43.50 -9.52
C GLU F 71 -27.63 -42.31 -9.71
N MSE F 72 -26.40 -42.56 -10.12
CA MSE F 72 -25.42 -41.51 -10.41
C MSE F 72 -25.85 -40.62 -11.55
O MSE F 72 -25.75 -39.40 -11.46
CB MSE F 72 -24.04 -42.10 -10.69
CG MSE F 72 -23.37 -42.60 -9.44
SE MSE F 72 -21.57 -43.36 -9.68
CE MSE F 72 -20.70 -41.80 -10.50
N ILE F 73 -26.35 -41.24 -12.62
CA ILE F 73 -26.93 -40.51 -13.75
C ILE F 73 -28.11 -39.68 -13.27
N ALA F 74 -28.97 -40.25 -12.43
CA ALA F 74 -30.15 -39.54 -11.93
C ALA F 74 -29.74 -38.29 -11.19
N VAL F 75 -28.78 -38.43 -10.27
CA VAL F 75 -28.30 -37.26 -9.52
C VAL F 75 -27.65 -36.15 -10.37
N ALA F 76 -26.74 -36.54 -11.26
CA ALA F 76 -26.04 -35.60 -12.18
C ALA F 76 -27.01 -34.74 -13.08
N VAL F 77 -28.03 -35.38 -13.63
CA VAL F 77 -29.12 -34.72 -14.36
C VAL F 77 -29.92 -33.80 -13.41
N SER F 78 -30.30 -34.33 -12.25
CA SER F 78 -31.03 -33.55 -11.24
C SER F 78 -30.20 -32.36 -10.74
N SER F 79 -28.89 -32.50 -10.72
CA SER F 79 -28.02 -31.42 -10.33
C SER F 79 -28.08 -30.29 -11.32
N ILE F 80 -28.02 -30.59 -12.63
CA ILE F 80 -28.07 -29.55 -13.69
C ILE F 80 -29.40 -28.80 -13.60
N ASN F 81 -30.48 -29.57 -13.42
CA ASN F 81 -31.85 -29.03 -13.39
C ASN F 81 -32.30 -28.42 -12.06
N HIS F 82 -31.45 -28.56 -11.05
CA HIS F 82 -31.68 -28.10 -9.68
C HIS F 82 -33.02 -28.62 -9.12
N CYS F 83 -33.19 -29.95 -9.15
CA CYS F 83 -34.44 -30.58 -8.73
C CYS F 83 -34.32 -31.03 -7.24
N TYR F 84 -35.03 -30.31 -6.38
CA TYR F 84 -35.00 -30.55 -4.97
C TYR F 84 -35.45 -31.98 -4.68
N TYR F 85 -36.62 -32.40 -5.17
CA TYR F 85 -37.10 -33.78 -4.91
C TYR F 85 -36.04 -34.85 -5.23
N CYS F 86 -35.54 -34.82 -6.47
CA CYS F 86 -34.67 -35.88 -7.02
C CYS F 86 -33.28 -35.89 -6.53
N LEU F 87 -32.70 -34.70 -6.27
CA LEU F 87 -31.42 -34.64 -5.54
C LEU F 87 -31.46 -35.20 -4.13
N THR F 88 -32.53 -34.91 -3.41
CA THR F 88 -32.76 -35.48 -2.08
C THR F 88 -32.90 -37.02 -2.11
N ALA F 89 -33.75 -37.51 -3.01
CA ALA F 89 -34.14 -38.93 -3.05
C ALA F 89 -33.04 -39.80 -3.60
N HIS F 90 -32.52 -39.41 -4.76
CA HIS F 90 -31.47 -40.17 -5.42
C HIS F 90 -30.09 -39.91 -4.87
N GLY F 91 -29.87 -38.73 -4.31
CA GLY F 91 -28.71 -38.51 -3.44
C GLY F 91 -28.66 -39.47 -2.27
N ALA F 92 -29.78 -39.66 -1.57
CA ALA F 92 -29.88 -40.68 -0.51
C ALA F 92 -29.46 -42.02 -1.08
N ALA F 93 -30.01 -42.36 -2.26
CA ALA F 93 -29.73 -43.66 -2.88
C ALA F 93 -28.26 -43.88 -3.20
N VAL F 94 -27.57 -42.87 -3.71
CA VAL F 94 -26.11 -42.96 -3.96
C VAL F 94 -25.31 -43.14 -2.69
N ARG F 95 -25.66 -42.38 -1.65
CA ARG F 95 -25.03 -42.56 -0.33
C ARG F 95 -25.18 -44.00 0.17
N GLN F 96 -26.42 -44.51 0.07
CA GLN F 96 -26.77 -45.87 0.49
C GLN F 96 -26.02 -46.94 -0.32
N LEU F 97 -26.21 -46.95 -1.64
CA LEU F 97 -25.64 -47.98 -2.50
C LEU F 97 -24.11 -47.97 -2.49
N SER F 98 -23.49 -46.80 -2.35
CA SER F 98 -22.04 -46.68 -2.41
C SER F 98 -21.35 -46.87 -1.04
N GLY F 99 -22.12 -46.64 0.03
CA GLY F 99 -21.58 -46.63 1.39
C GLY F 99 -20.70 -45.41 1.62
N ASP F 100 -20.82 -44.40 0.77
CA ASP F 100 -19.89 -43.24 0.78
C ASP F 100 -20.68 -41.93 0.72
N PRO F 101 -20.96 -41.35 1.91
CA PRO F 101 -21.72 -40.12 2.07
C PRO F 101 -21.14 -38.93 1.23
N ALA F 102 -19.81 -38.84 1.14
CA ALA F 102 -19.13 -37.79 0.35
C ALA F 102 -19.45 -37.91 -1.15
N LEU F 103 -19.50 -39.13 -1.69
CA LEU F 103 -19.86 -39.38 -3.10
C LEU F 103 -21.25 -38.83 -3.48
N GLY F 104 -22.24 -39.06 -2.62
CA GLY F 104 -23.57 -38.50 -2.84
C GLY F 104 -23.47 -36.97 -2.99
N GLU F 105 -22.77 -36.35 -2.06
CA GLU F 105 -22.63 -34.92 -2.04
C GLU F 105 -21.91 -34.40 -3.29
N MSE F 106 -20.81 -35.04 -3.68
CA MSE F 106 -20.12 -34.65 -4.93
C MSE F 106 -21.03 -34.71 -6.15
O MSE F 106 -21.00 -33.85 -7.03
CB MSE F 106 -18.92 -35.55 -5.15
CG MSE F 106 -17.81 -35.25 -4.22
SE MSE F 106 -16.33 -36.51 -4.29
CE MSE F 106 -15.80 -36.45 -2.42
N LEU F 107 -21.85 -35.74 -6.25
CA LEU F 107 -22.72 -35.89 -7.41
C LEU F 107 -23.85 -34.88 -7.41
N VAL F 108 -24.37 -34.56 -6.23
CA VAL F 108 -25.35 -33.50 -6.06
C VAL F 108 -24.77 -32.13 -6.44
N MSE F 109 -23.50 -31.91 -6.11
CA MSE F 109 -22.91 -30.58 -6.17
C MSE F 109 -22.19 -30.29 -7.49
O MSE F 109 -22.54 -29.35 -8.24
CB MSE F 109 -21.98 -30.38 -4.98
CG MSE F 109 -22.72 -30.25 -3.65
SE MSE F 109 -21.56 -30.37 -2.14
CE MSE F 109 -22.97 -30.37 -0.73
N ASN F 110 -21.17 -31.11 -7.77
CA ASN F 110 -20.46 -31.12 -9.04
C ASN F 110 -19.72 -32.49 -9.19
N PHE F 111 -20.19 -33.33 -10.12
CA PHE F 111 -19.63 -34.64 -10.33
C PHE F 111 -18.14 -34.62 -10.78
N ARG F 112 -17.69 -33.50 -11.31
CA ARG F 112 -16.33 -33.39 -11.74
C ARG F 112 -15.39 -33.37 -10.54
N ALA F 113 -15.88 -33.15 -9.32
CA ALA F 113 -15.04 -33.28 -8.08
C ALA F 113 -14.78 -34.72 -7.68
N ALA F 114 -15.57 -35.65 -8.19
CA ALA F 114 -15.49 -37.05 -7.77
C ALA F 114 -14.43 -37.78 -8.60
N ASP F 115 -13.79 -38.74 -7.97
CA ASP F 115 -12.66 -39.40 -8.57
C ASP F 115 -13.17 -40.65 -9.26
N LEU F 116 -13.84 -40.44 -10.39
CA LEU F 116 -14.57 -41.47 -11.09
C LEU F 116 -13.66 -42.17 -12.09
N SER F 117 -14.02 -43.42 -12.46
CA SER F 117 -13.34 -44.16 -13.54
C SER F 117 -13.60 -43.44 -14.87
N PRO F 118 -12.75 -43.69 -15.87
CA PRO F 118 -13.02 -43.17 -17.22
C PRO F 118 -14.41 -43.54 -17.77
N ARG F 119 -14.93 -44.69 -17.33
CA ARG F 119 -16.18 -45.24 -17.79
C ARG F 119 -17.31 -44.43 -17.22
N GLN F 120 -17.26 -44.27 -15.89
CA GLN F 120 -18.17 -43.37 -15.19
C GLN F 120 -18.15 -41.94 -15.71
N THR F 121 -16.97 -41.36 -15.86
CA THR F 121 -16.86 -40.05 -16.43
C THR F 121 -17.52 -39.96 -17.83
N ALA F 122 -17.19 -40.89 -18.73
CA ALA F 122 -17.81 -40.91 -20.04
C ALA F 122 -19.36 -40.93 -19.94
N MSE F 123 -19.91 -41.62 -18.95
CA MSE F 123 -21.34 -41.84 -18.86
C MSE F 123 -22.03 -40.56 -18.42
O MSE F 123 -23.04 -40.17 -18.98
CB MSE F 123 -21.57 -42.96 -17.86
CG MSE F 123 -22.96 -43.18 -17.38
SE MSE F 123 -22.78 -44.67 -16.08
CE MSE F 123 -21.99 -43.72 -14.55
N LEU F 124 -21.45 -39.90 -17.42
CA LEU F 124 -21.98 -38.66 -16.91
C LEU F 124 -21.81 -37.49 -17.89
N GLU F 125 -20.71 -37.44 -18.65
CA GLU F 125 -20.56 -36.34 -19.60
C GLU F 125 -21.60 -36.44 -20.73
N PHE F 126 -21.96 -37.65 -21.15
CA PHE F 126 -23.07 -37.83 -22.11
C PHE F 126 -24.41 -37.40 -21.52
N ALA F 127 -24.64 -37.74 -20.25
CA ALA F 127 -25.94 -37.43 -19.61
C ALA F 127 -26.10 -35.92 -19.45
N VAL F 128 -24.96 -35.26 -19.19
CA VAL F 128 -24.88 -33.82 -19.14
C VAL F 128 -25.19 -33.20 -20.52
N LYS F 129 -24.61 -33.70 -21.62
CA LYS F 129 -24.86 -33.07 -22.93
C LYS F 129 -26.31 -33.27 -23.35
N LEU F 130 -26.85 -34.44 -23.12
CA LEU F 130 -28.25 -34.76 -23.39
C LEU F 130 -29.25 -33.89 -22.57
N THR F 131 -28.87 -33.59 -21.32
CA THR F 131 -29.64 -32.70 -20.48
C THR F 131 -29.55 -31.28 -20.98
N GLU F 132 -28.32 -30.78 -21.22
CA GLU F 132 -28.17 -29.34 -21.50
C GLU F 132 -28.41 -28.92 -22.98
N GLU F 133 -28.00 -29.75 -23.93
CA GLU F 133 -28.19 -29.46 -25.36
C GLU F 133 -28.43 -30.73 -26.14
N PRO F 134 -29.65 -31.28 -26.04
CA PRO F 134 -29.93 -32.50 -26.75
C PRO F 134 -29.98 -32.31 -28.28
N ALA F 135 -30.32 -31.11 -28.74
CA ALA F 135 -30.15 -30.74 -30.17
C ALA F 135 -28.76 -31.07 -30.81
N LYS F 136 -27.70 -31.11 -30.00
CA LYS F 136 -26.36 -31.08 -30.50
C LYS F 136 -25.66 -32.45 -30.39
N ILE F 137 -26.42 -33.50 -30.09
CA ILE F 137 -25.86 -34.84 -30.02
C ILE F 137 -25.51 -35.27 -31.44
N VAL F 138 -24.31 -35.83 -31.57
CA VAL F 138 -23.80 -36.25 -32.87
C VAL F 138 -23.19 -37.63 -32.68
N GLU F 139 -22.93 -38.30 -33.79
CA GLU F 139 -22.34 -39.62 -33.73
C GLU F 139 -21.08 -39.68 -32.83
N ALA F 140 -20.22 -38.65 -32.76
CA ALA F 140 -19.02 -38.69 -31.88
C ALA F 140 -19.40 -38.78 -30.39
N ASP F 141 -20.59 -38.33 -30.01
CA ASP F 141 -21.06 -38.55 -28.64
C ASP F 141 -21.28 -40.06 -28.42
N ARG F 142 -21.82 -40.77 -29.42
CA ARG F 142 -22.00 -42.22 -29.27
C ARG F 142 -20.66 -42.94 -29.38
N ALA F 143 -19.86 -42.58 -30.38
CA ALA F 143 -18.48 -43.11 -30.50
C ALA F 143 -17.67 -43.01 -29.20
N ALA F 144 -17.83 -41.92 -28.45
CA ALA F 144 -17.08 -41.71 -27.19
C ALA F 144 -17.48 -42.67 -26.06
N LEU F 145 -18.76 -43.05 -26.03
CA LEU F 145 -19.26 -44.08 -25.12
C LEU F 145 -18.67 -45.45 -25.47
N ARG F 146 -18.65 -45.76 -26.75
CA ARG F 146 -18.05 -47.00 -27.20
C ARG F 146 -16.59 -47.10 -26.80
N LYS F 147 -15.84 -46.03 -27.01
CA LYS F 147 -14.41 -46.02 -26.64
C LYS F 147 -14.27 -46.33 -25.15
N ALA F 148 -15.17 -45.77 -24.35
CA ALA F 148 -15.15 -45.98 -22.92
C ALA F 148 -15.55 -47.40 -22.57
N GLY F 149 -16.16 -48.11 -23.53
CA GLY F 149 -16.40 -49.56 -23.44
C GLY F 149 -17.88 -49.95 -23.32
N PHE F 150 -18.77 -49.03 -23.70
CA PHE F 150 -20.19 -49.27 -23.60
C PHE F 150 -20.68 -49.95 -24.88
N SER F 151 -21.47 -51.00 -24.73
CA SER F 151 -22.17 -51.58 -25.88
C SER F 151 -23.27 -50.59 -26.32
N ASP F 152 -23.92 -50.87 -27.47
CA ASP F 152 -25.07 -50.04 -27.96
C ASP F 152 -26.31 -50.10 -27.06
N ARG F 153 -26.49 -51.23 -26.38
CA ARG F 153 -27.54 -51.38 -25.38
C ARG F 153 -27.26 -50.59 -24.09
N ASP F 154 -25.99 -50.50 -23.70
CA ASP F 154 -25.57 -49.64 -22.58
C ASP F 154 -25.83 -48.17 -22.91
N ILE F 155 -25.56 -47.81 -24.15
CA ILE F 155 -25.80 -46.44 -24.63
C ILE F 155 -27.30 -46.12 -24.55
N TRP F 156 -28.14 -47.06 -25.01
CA TRP F 156 -29.60 -47.00 -24.83
C TRP F 156 -30.02 -46.75 -23.37
N ASP F 157 -29.47 -47.55 -22.46
CA ASP F 157 -29.75 -47.44 -21.02
C ASP F 157 -29.29 -46.12 -20.41
N ILE F 158 -28.11 -45.66 -20.75
CA ILE F 158 -27.65 -44.32 -20.31
C ILE F 158 -28.58 -43.23 -20.82
N ALA F 159 -28.89 -43.27 -22.13
CA ALA F 159 -29.73 -42.27 -22.76
C ALA F 159 -31.11 -42.24 -22.09
N SER F 160 -31.72 -43.41 -21.94
CA SER F 160 -33.03 -43.57 -21.27
C SER F 160 -33.03 -43.14 -19.82
N THR F 161 -32.02 -43.58 -19.06
CA THR F 161 -31.95 -43.12 -17.67
C THR F 161 -31.86 -41.56 -17.68
N ALA F 162 -30.96 -40.98 -18.47
CA ALA F 162 -30.82 -39.53 -18.44
C ALA F 162 -32.12 -38.85 -18.89
N ALA F 163 -32.76 -39.38 -19.94
CA ALA F 163 -33.98 -38.77 -20.51
C ALA F 163 -35.12 -38.77 -19.46
N PHE F 164 -35.24 -39.89 -18.76
CA PHE F 164 -36.26 -40.11 -17.73
C PHE F 164 -36.22 -39.08 -16.59
N PHE F 165 -35.02 -38.71 -16.18
CA PHE F 165 -34.90 -37.73 -15.08
C PHE F 165 -35.04 -36.33 -15.61
N ASN F 166 -34.85 -36.14 -16.91
CA ASN F 166 -35.35 -34.91 -17.55
C ASN F 166 -36.89 -34.71 -17.53
N MSE F 167 -37.63 -35.82 -17.53
CA MSE F 167 -39.04 -35.81 -17.33
C MSE F 167 -39.41 -35.67 -15.84
O MSE F 167 -40.26 -34.84 -15.51
CB MSE F 167 -39.68 -37.06 -17.90
CG MSE F 167 -41.10 -37.17 -17.59
SE MSE F 167 -42.07 -38.73 -18.29
CE MSE F 167 -43.94 -38.14 -17.90
N SER F 168 -38.75 -36.44 -14.98
CA SER F 168 -39.01 -36.44 -13.54
C SER F 168 -38.71 -35.13 -12.89
N ASN F 169 -37.59 -34.56 -13.28
CA ASN F 169 -37.18 -33.27 -12.77
C ASN F 169 -38.25 -32.24 -13.09
N ARG F 170 -38.78 -32.31 -14.31
CA ARG F 170 -39.79 -31.35 -14.76
C ARG F 170 -41.19 -31.55 -14.16
N VAL F 171 -41.58 -32.78 -13.84
CA VAL F 171 -42.90 -32.99 -13.16
C VAL F 171 -42.82 -32.43 -11.72
N ALA F 172 -41.79 -32.87 -10.99
CA ALA F 172 -41.45 -32.38 -9.66
C ALA F 172 -41.39 -30.86 -9.59
N ALA F 173 -40.66 -30.23 -10.51
CA ALA F 173 -40.52 -28.79 -10.51
C ALA F 173 -41.91 -28.14 -10.76
N ALA F 174 -42.70 -28.70 -11.68
CA ALA F 174 -43.95 -28.07 -12.08
C ALA F 174 -44.96 -28.01 -10.94
N ILE F 175 -44.99 -29.07 -10.14
CA ILE F 175 -46.01 -29.26 -9.13
C ILE F 175 -45.47 -29.01 -7.74
N ASP F 176 -44.19 -28.70 -7.65
CA ASP F 176 -43.49 -28.50 -6.36
C ASP F 176 -43.64 -29.73 -5.47
N MSE F 177 -43.13 -30.84 -5.98
CA MSE F 177 -43.25 -32.12 -5.29
C MSE F 177 -42.21 -32.21 -4.18
O MSE F 177 -41.06 -31.93 -4.43
CB MSE F 177 -43.03 -33.27 -6.25
CG MSE F 177 -43.51 -34.62 -5.69
SE MSE F 177 -42.94 -36.06 -6.85
CE MSE F 177 -44.25 -35.68 -8.24
N ARG F 178 -42.64 -32.67 -3.00
CA ARG F 178 -41.82 -32.62 -1.80
C ARG F 178 -41.28 -33.99 -1.42
N PRO F 179 -39.96 -34.11 -1.24
CA PRO F 179 -39.43 -35.40 -0.85
C PRO F 179 -39.63 -35.64 0.61
N ASN F 180 -39.59 -36.92 0.98
CA ASN F 180 -39.74 -37.37 2.36
C ASN F 180 -38.57 -36.80 3.21
N ASP F 181 -38.90 -36.31 4.40
CA ASP F 181 -37.93 -35.74 5.32
C ASP F 181 -36.85 -36.77 5.65
N GLU F 182 -37.26 -38.02 5.84
CA GLU F 182 -36.35 -39.04 6.31
C GLU F 182 -35.19 -39.20 5.35
N TYR F 183 -35.36 -38.83 4.10
CA TYR F 183 -34.27 -38.97 3.13
C TYR F 183 -32.99 -38.23 3.54
N HIS F 184 -33.14 -37.08 4.19
CA HIS F 184 -32.03 -36.17 4.44
C HIS F 184 -31.01 -36.75 5.41
N ALA F 185 -31.52 -37.39 6.46
CA ALA F 185 -30.72 -38.00 7.52
C ALA F 185 -30.09 -39.34 7.13
N MSE F 186 -30.57 -39.92 6.03
CA MSE F 186 -30.16 -41.28 5.67
C MSE F 186 -28.71 -41.40 5.26
O MSE F 186 -28.19 -40.53 4.56
CB MSE F 186 -31.02 -41.77 4.51
CG MSE F 186 -32.23 -42.56 4.91
SE MSE F 186 -33.08 -43.10 3.26
CE MSE F 186 -34.94 -43.10 3.89
N ALA F 187 -28.06 -42.49 5.67
CA ALA F 187 -26.78 -42.87 5.07
C ALA F 187 -25.74 -41.77 5.10
N ARG F 188 -25.64 -41.07 6.23
CA ARG F 188 -24.63 -40.02 6.40
C ARG F 188 -23.46 -40.60 7.20
N MSE G 2 8.57 0.76 38.48
CA MSE G 2 7.66 1.79 37.89
C MSE G 2 6.42 1.20 37.25
O MSE G 2 5.43 1.92 37.03
CB MSE G 2 8.38 2.62 36.82
CG MSE G 2 9.34 3.67 37.33
SE MSE G 2 8.45 4.82 38.59
CE MSE G 2 7.24 5.75 37.40
N THR G 3 6.48 -0.07 36.91
CA THR G 3 5.42 -0.76 36.16
C THR G 3 3.93 -0.42 36.49
N GLY G 4 3.51 -0.39 37.74
CA GLY G 4 2.10 -0.03 38.01
C GLY G 4 1.73 1.46 38.05
N LYS G 5 2.66 2.37 37.73
CA LYS G 5 2.56 3.76 38.18
C LYS G 5 2.30 4.81 37.08
N ILE G 6 1.76 5.95 37.49
CA ILE G 6 1.54 7.08 36.60
C ILE G 6 2.82 7.89 36.45
N SER G 7 3.58 8.02 37.53
CA SER G 7 4.86 8.72 37.49
C SER G 7 5.63 8.39 38.74
N ALA G 8 6.80 9.02 38.90
CA ALA G 8 7.64 8.83 40.11
C ALA G 8 7.26 9.79 41.27
N LEU G 9 6.35 10.73 41.05
CA LEU G 9 5.94 11.62 42.13
C LEU G 9 4.73 11.07 42.90
N ASP G 10 4.68 11.30 44.21
CA ASP G 10 3.50 10.96 44.99
C ASP G 10 2.57 12.17 45.03
N LEU G 11 1.59 12.21 44.12
CA LEU G 11 0.69 13.36 44.02
C LEU G 11 -0.77 12.97 44.32
N GLY G 14 -6.24 13.08 48.19
CA GLY G 14 -7.44 12.22 48.24
C GLY G 14 -8.03 11.78 46.89
N GLU G 15 -9.36 11.78 46.82
CA GLU G 15 -10.05 11.36 45.59
C GLU G 15 -9.80 12.43 44.51
N LEU G 16 -10.09 12.08 43.26
CA LEU G 16 -10.31 13.07 42.24
C LEU G 16 -11.59 13.83 42.59
N SER G 17 -11.80 14.97 41.93
CA SER G 17 -13.09 15.68 42.06
C SER G 17 -14.14 14.92 41.27
N GLU G 18 -15.40 15.21 41.53
CA GLU G 18 -16.47 14.55 40.80
C GLU G 18 -16.46 14.93 39.31
N PRO G 19 -16.28 16.21 38.97
CA PRO G 19 -16.15 16.53 37.54
C PRO G 19 -15.03 15.75 36.79
N THR G 20 -13.88 15.57 37.45
CA THR G 20 -12.76 14.84 36.86
C THR G 20 -13.09 13.36 36.69
N LYS G 21 -13.68 12.74 37.67
CA LYS G 21 -14.14 11.37 37.54
C LYS G 21 -15.11 11.27 36.38
N ALA G 22 -16.10 12.16 36.32
CA ALA G 22 -17.10 12.17 35.25
C ALA G 22 -16.38 12.24 33.90
N TYR G 23 -15.44 13.16 33.81
CA TYR G 23 -14.67 13.37 32.61
C TYR G 23 -13.86 12.14 32.23
N PHE G 24 -13.26 11.48 33.23
CA PHE G 24 -12.47 10.25 32.94
C PHE G 24 -13.35 9.10 32.51
N ALA G 25 -14.56 8.99 33.08
CA ALA G 25 -15.53 8.00 32.65
C ALA G 25 -15.94 8.21 31.18
N LYS G 26 -16.16 9.47 30.81
CA LYS G 26 -16.38 9.85 29.42
C LYS G 26 -15.22 9.40 28.55
N CYS G 27 -13.98 9.74 28.92
CA CYS G 27 -12.78 9.29 28.19
C CYS G 27 -12.77 7.81 27.95
N GLU G 28 -12.97 7.05 29.03
CA GLU G 28 -12.92 5.60 28.98
C GLU G 28 -13.97 5.05 28.02
N GLU G 29 -15.14 5.66 28.04
CA GLU G 29 -16.25 5.43 27.09
C GLU G 29 -15.77 5.61 25.64
N LYS G 30 -15.08 6.70 25.39
CA LYS G 30 -14.76 7.18 24.05
C LYS G 30 -13.42 6.67 23.52
N LEU G 31 -12.46 6.43 24.42
CA LEU G 31 -11.13 6.00 24.02
C LEU G 31 -10.80 4.57 24.42
N GLY G 32 -11.52 4.00 25.38
CA GLY G 32 -11.20 2.67 25.90
C GLY G 32 -10.11 2.79 26.94
N LEU G 33 -9.72 4.03 27.25
CA LEU G 33 -8.70 4.31 28.24
C LEU G 33 -8.69 5.78 28.60
N VAL G 34 -8.08 6.06 29.74
CA VAL G 34 -7.85 7.42 30.23
C VAL G 34 -6.36 7.71 30.11
N PRO G 35 -5.96 8.55 29.14
CA PRO G 35 -4.54 8.92 28.97
C PRO G 35 -3.87 9.25 30.29
N ASN G 36 -2.75 8.64 30.57
CA ASN G 36 -2.12 8.83 31.89
C ASN G 36 -1.72 10.27 32.21
N VAL G 37 -1.46 11.08 31.18
CA VAL G 37 -1.17 12.50 31.41
C VAL G 37 -2.29 13.18 32.21
N LEU G 38 -3.53 12.85 31.89
CA LEU G 38 -4.68 13.44 32.57
C LEU G 38 -4.70 13.03 34.02
N LYS G 39 -4.31 11.78 34.30
CA LYS G 39 -4.30 11.26 35.68
C LYS G 39 -3.22 11.95 36.48
N ALA G 40 -2.12 12.30 35.80
CA ALA G 40 -1.00 13.01 36.41
C ALA G 40 -1.40 14.38 36.90
N TYR G 41 -2.20 15.09 36.10
CA TYR G 41 -2.72 16.45 36.38
C TYR G 41 -3.96 16.54 37.27
N ALA G 42 -4.67 15.42 37.44
CA ALA G 42 -5.91 15.38 38.20
C ALA G 42 -5.83 15.71 39.73
N PHE G 43 -4.64 15.82 40.32
CA PHE G 43 -4.51 16.37 41.68
C PHE G 43 -4.95 17.85 41.81
N ASP G 44 -5.00 18.60 40.72
CA ASP G 44 -5.51 19.99 40.73
C ASP G 44 -6.32 20.22 39.46
N ASP G 45 -7.62 20.40 39.63
CA ASP G 45 -8.52 20.59 38.48
C ASP G 45 -8.19 21.82 37.61
N LYS G 46 -7.69 22.89 38.25
CA LYS G 46 -7.31 24.12 37.54
C LYS G 46 -6.17 23.85 36.55
N LYS G 47 -5.21 23.03 36.94
CA LYS G 47 -4.09 22.68 36.10
C LYS G 47 -4.55 21.72 34.99
N LEU G 48 -5.29 20.67 35.34
CA LEU G 48 -5.88 19.75 34.36
C LEU G 48 -6.65 20.45 33.25
N ARG G 49 -7.50 21.39 33.63
CA ARG G 49 -8.27 22.20 32.69
C ARG G 49 -7.44 23.12 31.84
N ALA G 50 -6.50 23.81 32.48
CA ALA G 50 -5.59 24.64 31.73
C ALA G 50 -4.88 23.78 30.68
N PHE G 51 -4.40 22.60 31.06
CA PHE G 51 -3.70 21.72 30.12
C PHE G 51 -4.61 21.22 28.98
N THR G 52 -5.78 20.68 29.30
CA THR G 52 -6.69 20.14 28.29
C THR G 52 -7.17 21.24 27.31
N ASP G 53 -7.23 22.48 27.78
CA ASP G 53 -7.65 23.62 26.97
C ASP G 53 -6.62 23.98 25.91
N ILE G 54 -5.38 24.04 26.35
CA ILE G 54 -4.27 24.32 25.48
C ILE G 54 -4.07 23.13 24.57
N TYR G 55 -4.14 21.93 25.14
CA TYR G 55 -3.84 20.76 24.31
C TYR G 55 -4.84 20.68 23.16
N ASN G 56 -6.10 20.86 23.49
CA ASN G 56 -7.15 20.67 22.50
C ASN G 56 -7.11 21.76 21.46
N ASP G 57 -6.86 22.99 21.89
CA ASP G 57 -6.82 24.07 20.93
C ASP G 57 -5.71 23.80 19.92
N LEU G 58 -4.56 23.34 20.41
CA LEU G 58 -3.36 23.25 19.63
C LEU G 58 -3.39 22.11 18.67
N MSE G 59 -3.82 20.96 19.18
CA MSE G 59 -3.71 19.70 18.44
C MSE G 59 -4.92 19.44 17.63
O MSE G 59 -4.84 18.73 16.64
CB MSE G 59 -3.50 18.54 19.41
CG MSE G 59 -2.23 18.68 20.23
SE MSE G 59 -0.70 18.85 19.07
CE MSE G 59 -0.58 17.00 18.51
N LEU G 60 -6.07 19.98 18.07
CA LEU G 60 -7.33 19.72 17.42
C LEU G 60 -8.03 20.93 16.83
N GLY G 61 -7.53 22.14 17.07
CA GLY G 61 -8.18 23.35 16.57
C GLY G 61 -7.91 23.55 15.08
N GLU G 62 -8.64 24.47 14.46
CA GLU G 62 -8.45 24.77 13.04
C GLU G 62 -7.07 25.36 12.84
N SER G 63 -6.46 25.03 11.71
CA SER G 63 -5.06 25.32 11.49
C SER G 63 -4.86 25.03 10.02
N GLY G 64 -3.92 25.69 9.37
CA GLY G 64 -3.50 25.24 8.07
C GLY G 64 -2.68 23.95 8.15
N LEU G 65 -2.31 23.52 9.35
CA LEU G 65 -1.70 22.20 9.57
C LEU G 65 -2.78 21.14 9.84
N SER G 66 -2.63 19.97 9.23
CA SER G 66 -3.47 18.83 9.55
C SER G 66 -3.20 18.37 10.99
N LYS G 67 -4.10 17.56 11.51
CA LYS G 67 -3.86 16.91 12.79
C LYS G 67 -2.66 16.00 12.70
N LEU G 68 -2.50 15.30 11.58
CA LEU G 68 -1.30 14.50 11.37
C LEU G 68 -0.04 15.39 11.42
N ASP G 69 -0.03 16.53 10.73
CA ASP G 69 1.14 17.46 10.76
C ASP G 69 1.65 17.78 12.13
N ARG G 70 0.71 18.04 13.03
CA ARG G 70 1.01 18.42 14.40
C ARG G 70 1.50 17.26 15.26
N GLU G 71 0.85 16.13 15.14
CA GLU G 71 1.36 14.90 15.69
C GLU G 71 2.76 14.49 15.18
N MSE G 72 3.07 14.77 13.91
CA MSE G 72 4.44 14.51 13.41
C MSE G 72 5.47 15.45 13.97
O MSE G 72 6.60 15.03 14.19
CB MSE G 72 4.53 14.62 11.87
CG MSE G 72 3.73 13.54 11.18
SE MSE G 72 3.82 13.71 9.22
CE MSE G 72 5.17 12.45 9.04
N ILE G 73 5.08 16.70 14.18
CA ILE G 73 5.92 17.68 14.87
C ILE G 73 6.16 17.19 16.32
N ALA G 74 5.10 16.70 16.95
CA ALA G 74 5.14 16.20 18.29
C ALA G 74 6.17 15.08 18.47
N VAL G 75 6.18 14.17 17.51
CA VAL G 75 7.08 13.00 17.55
C VAL G 75 8.52 13.39 17.22
N ALA G 76 8.71 14.18 16.19
CA ALA G 76 10.02 14.68 15.86
C ALA G 76 10.71 15.36 17.08
N VAL G 77 10.00 16.22 17.79
CA VAL G 77 10.53 16.97 18.93
C VAL G 77 10.82 15.97 20.05
N SER G 78 9.88 15.06 20.28
CA SER G 78 10.00 14.03 21.33
C SER G 78 11.12 13.07 21.04
N SER G 79 11.47 12.91 19.77
CA SER G 79 12.55 12.03 19.38
C SER G 79 13.86 12.68 19.76
N ILE G 80 13.96 14.01 19.55
CA ILE G 80 15.21 14.73 19.93
C ILE G 80 15.43 14.65 21.45
N ASN G 81 14.35 14.80 22.20
CA ASN G 81 14.36 14.86 23.67
C ASN G 81 14.33 13.44 24.32
N HIS G 82 14.18 12.41 23.50
CA HIS G 82 14.09 11.00 23.96
C HIS G 82 13.03 10.86 25.05
N CYS G 83 11.84 11.39 24.77
CA CYS G 83 10.75 11.37 25.74
C CYS G 83 9.88 10.12 25.59
N TYR G 84 10.07 9.16 26.48
CA TYR G 84 9.33 7.89 26.44
C TYR G 84 7.80 8.11 26.42
N TYR G 85 7.27 8.94 27.33
CA TYR G 85 5.84 9.16 27.39
C TYR G 85 5.32 9.66 25.99
N CYS G 86 5.92 10.71 25.50
CA CYS G 86 5.44 11.36 24.28
C CYS G 86 5.68 10.57 22.95
N LEU G 87 6.83 9.91 22.84
CA LEU G 87 7.12 8.94 21.73
C LEU G 87 6.10 7.79 21.63
N THR G 88 5.74 7.23 22.78
CA THR G 88 4.76 6.14 22.86
C THR G 88 3.35 6.65 22.47
N ALA G 89 2.92 7.69 23.16
CA ALA G 89 1.57 8.26 22.99
C ALA G 89 1.31 8.86 21.63
N HIS G 90 2.23 9.73 21.16
CA HIS G 90 2.07 10.46 19.88
C HIS G 90 2.57 9.69 18.67
N GLY G 91 3.52 8.80 18.90
CA GLY G 91 3.85 7.74 17.94
C GLY G 91 2.65 6.89 17.58
N ALA G 92 1.86 6.50 18.57
CA ALA G 92 0.60 5.81 18.34
C ALA G 92 -0.35 6.70 17.54
N ALA G 93 -0.46 7.99 17.90
CA ALA G 93 -1.24 8.97 17.09
C ALA G 93 -0.84 9.08 15.59
N VAL G 94 0.45 9.04 15.29
CA VAL G 94 0.94 9.13 13.92
C VAL G 94 0.53 7.86 13.18
N ARG G 95 0.76 6.71 13.80
CA ARG G 95 0.35 5.45 13.19
C ARG G 95 -1.13 5.47 12.86
N GLN G 96 -1.96 5.95 13.80
CA GLN G 96 -3.41 5.94 13.60
C GLN G 96 -3.88 6.96 12.52
N LEU G 97 -3.36 8.17 12.62
CA LEU G 97 -3.82 9.27 11.80
C LEU G 97 -3.30 9.09 10.38
N SER G 98 -2.15 8.46 10.22
CA SER G 98 -1.55 8.26 8.89
C SER G 98 -2.03 6.99 8.30
N GLY G 99 -2.41 6.04 9.14
CA GLY G 99 -2.71 4.70 8.66
C GLY G 99 -1.45 3.94 8.22
N ASP G 100 -0.27 4.45 8.60
CA ASP G 100 1.04 3.93 8.16
C ASP G 100 1.92 3.60 9.38
N PRO G 101 1.95 2.33 9.78
CA PRO G 101 2.75 2.01 10.98
C PRO G 101 4.25 2.33 10.88
N ALA G 102 4.83 2.15 9.70
CA ALA G 102 6.25 2.46 9.48
C ALA G 102 6.55 3.93 9.68
N LEU G 103 5.62 4.81 9.28
CA LEU G 103 5.78 6.27 9.46
C LEU G 103 5.96 6.62 10.91
N GLY G 104 5.14 6.05 11.78
CA GLY G 104 5.24 6.34 13.20
C GLY G 104 6.63 5.97 13.63
N GLU G 105 7.14 4.83 13.14
CA GLU G 105 8.47 4.32 13.54
C GLU G 105 9.62 5.18 13.02
N MSE G 106 9.52 5.62 11.79
CA MSE G 106 10.52 6.51 11.23
C MSE G 106 10.59 7.82 11.95
O MSE G 106 11.66 8.29 12.20
CB MSE G 106 10.27 6.77 9.75
CG MSE G 106 10.43 5.57 8.92
SE MSE G 106 9.57 5.75 7.15
CE MSE G 106 10.41 4.24 6.22
N LEU G 107 9.45 8.42 12.32
CA LEU G 107 9.47 9.69 13.06
C LEU G 107 9.97 9.54 14.48
N VAL G 108 9.61 8.44 15.14
CA VAL G 108 10.20 8.11 16.45
C VAL G 108 11.73 8.02 16.41
N MSE G 109 12.25 7.37 15.36
CA MSE G 109 13.65 7.00 15.27
C MSE G 109 14.51 8.08 14.58
O MSE G 109 15.49 8.58 15.16
CB MSE G 109 13.77 5.64 14.60
CG MSE G 109 13.05 4.54 15.35
SE MSE G 109 12.91 2.94 14.32
CE MSE G 109 11.98 1.70 15.59
N ASN G 110 14.14 8.45 13.36
CA ASN G 110 14.83 9.49 12.60
C ASN G 110 13.96 9.91 11.43
N PHE G 111 13.29 11.04 11.54
CA PHE G 111 12.40 11.54 10.47
C PHE G 111 13.09 11.67 9.15
N ARG G 112 14.41 11.79 9.14
CA ARG G 112 15.11 11.90 7.86
C ARG G 112 15.05 10.64 6.99
N ALA G 113 14.64 9.51 7.57
CA ALA G 113 14.39 8.28 6.81
C ALA G 113 13.01 8.26 6.16
N ALA G 114 12.10 9.13 6.61
CA ALA G 114 10.77 9.23 6.06
C ALA G 114 10.84 9.85 4.66
N ASP G 115 9.93 9.46 3.80
CA ASP G 115 9.97 9.93 2.43
C ASP G 115 8.90 11.05 2.35
N LEU G 116 9.29 12.21 2.89
CA LEU G 116 8.38 13.31 3.26
C LEU G 116 8.39 14.34 2.17
N SER G 117 7.30 15.07 2.03
CA SER G 117 7.23 16.13 1.02
C SER G 117 8.15 17.27 1.45
N PRO G 118 8.46 18.21 0.52
CA PRO G 118 9.30 19.35 0.82
C PRO G 118 8.66 20.17 1.90
N ARG G 119 7.34 20.34 1.81
CA ARG G 119 6.56 21.05 2.80
C ARG G 119 6.70 20.41 4.23
N GLN G 120 6.53 19.08 4.33
CA GLN G 120 6.66 18.36 5.59
C GLN G 120 8.09 18.39 6.12
N THR G 121 9.06 18.43 5.22
CA THR G 121 10.49 18.43 5.60
C THR G 121 10.93 19.73 6.22
N ALA G 122 10.57 20.82 5.54
CA ALA G 122 10.76 22.21 6.00
C ALA G 122 10.13 22.43 7.38
N MSE G 123 8.91 21.95 7.53
CA MSE G 123 8.19 22.03 8.79
C MSE G 123 8.97 21.33 9.91
O MSE G 123 9.18 21.90 11.00
CB MSE G 123 6.80 21.42 8.58
CG MSE G 123 5.94 21.31 9.81
SE MSE G 123 4.25 20.43 9.42
CE MSE G 123 4.87 18.58 9.47
N LEU G 124 9.44 20.10 9.63
CA LEU G 124 10.17 19.34 10.64
C LEU G 124 11.57 19.91 10.90
N GLU G 125 12.27 20.37 9.87
CA GLU G 125 13.57 21.02 10.05
C GLU G 125 13.47 22.20 10.99
N PHE G 126 12.45 23.04 10.79
CA PHE G 126 12.17 24.14 11.72
C PHE G 126 11.95 23.65 13.16
N ALA G 127 11.04 22.68 13.34
CA ALA G 127 10.85 22.02 14.63
C ALA G 127 12.16 21.59 15.26
N VAL G 128 12.98 20.88 14.49
CA VAL G 128 14.27 20.41 15.01
C VAL G 128 15.14 21.55 15.53
N LYS G 129 15.30 22.60 14.71
CA LYS G 129 16.11 23.75 15.11
C LYS G 129 15.54 24.49 16.32
N LEU G 130 14.22 24.74 16.35
CA LEU G 130 13.64 25.36 17.54
C LEU G 130 13.93 24.49 18.79
N THR G 131 13.92 23.17 18.62
CA THR G 131 14.17 22.24 19.73
C THR G 131 15.62 22.23 20.15
N GLU G 132 16.54 22.14 19.19
CA GLU G 132 18.00 22.00 19.49
C GLU G 132 18.72 23.32 19.78
N GLU G 133 18.40 24.38 19.03
CA GLU G 133 19.13 25.62 19.22
C GLU G 133 18.28 26.87 18.98
N PRO G 134 17.28 27.08 19.86
CA PRO G 134 16.37 28.20 19.72
C PRO G 134 17.10 29.55 19.74
N ALA G 135 18.22 29.63 20.46
CA ALA G 135 19.01 30.87 20.52
C ALA G 135 19.43 31.31 19.12
N LYS G 136 19.39 30.39 18.15
CA LYS G 136 19.91 30.64 16.79
C LYS G 136 18.85 30.81 15.70
N ILE G 137 17.59 30.93 16.07
CA ILE G 137 16.49 31.09 15.11
C ILE G 137 16.70 32.48 14.54
N VAL G 138 16.56 32.63 13.21
CA VAL G 138 16.71 33.94 12.55
C VAL G 138 15.69 34.04 11.43
N GLU G 139 15.62 35.21 10.80
CA GLU G 139 14.66 35.47 9.74
C GLU G 139 14.77 34.46 8.61
N ALA G 140 15.98 34.11 8.22
CA ALA G 140 16.15 33.07 7.18
C ALA G 140 15.29 31.84 7.49
N ASP G 141 15.21 31.48 8.78
CA ASP G 141 14.43 30.31 9.20
C ASP G 141 12.94 30.46 8.90
N ARG G 142 12.36 31.62 9.25
CA ARG G 142 11.00 31.96 8.81
C ARG G 142 10.84 31.96 7.27
N ALA G 143 11.76 32.64 6.55
CA ALA G 143 11.69 32.75 5.08
C ALA G 143 11.67 31.38 4.39
N ALA G 144 12.47 30.46 4.89
CA ALA G 144 12.47 29.05 4.46
C ALA G 144 11.08 28.37 4.57
N LEU G 145 10.34 28.68 5.62
CA LEU G 145 8.98 28.18 5.81
C LEU G 145 8.00 28.81 4.84
N ARG G 146 8.17 30.10 4.58
CA ARG G 146 7.34 30.80 3.59
C ARG G 146 7.62 30.31 2.20
N LYS G 147 8.89 30.07 1.89
CA LYS G 147 9.28 29.44 0.62
C LYS G 147 8.61 28.06 0.42
N ALA G 148 8.41 27.34 1.52
CA ALA G 148 7.75 26.04 1.49
C ALA G 148 6.22 26.14 1.38
N GLY G 149 5.68 27.35 1.51
CA GLY G 149 4.26 27.58 1.27
C GLY G 149 3.41 27.69 2.52
N PHE G 150 4.07 27.90 3.66
CA PHE G 150 3.40 28.20 4.91
C PHE G 150 3.10 29.71 5.03
N SER G 151 1.94 30.05 5.58
CA SER G 151 1.61 31.44 5.89
C SER G 151 2.13 31.73 7.29
N ASP G 152 2.05 32.98 7.71
CA ASP G 152 2.59 33.32 9.04
C ASP G 152 1.78 32.70 10.18
N ARG G 153 0.50 32.48 9.94
CA ARG G 153 -0.34 31.77 10.88
C ARG G 153 0.11 30.31 10.97
N ASP G 154 0.47 29.70 9.84
CA ASP G 154 1.03 28.36 9.87
C ASP G 154 2.32 28.35 10.67
N ILE G 155 3.17 29.35 10.44
CA ILE G 155 4.46 29.43 11.12
C ILE G 155 4.24 29.50 12.63
N TRP G 156 3.26 30.31 13.04
CA TRP G 156 2.81 30.39 14.42
C TRP G 156 2.36 29.01 14.96
N ASP G 157 1.64 28.27 14.12
CA ASP G 157 1.13 26.96 14.52
C ASP G 157 2.26 25.90 14.58
N ILE G 158 3.19 25.91 13.63
CA ILE G 158 4.38 25.01 13.73
C ILE G 158 5.14 25.35 15.02
N ALA G 159 5.42 26.64 15.23
CA ALA G 159 6.18 27.12 16.38
C ALA G 159 5.52 26.81 17.73
N SER G 160 4.21 27.04 17.83
CA SER G 160 3.49 26.76 19.02
C SER G 160 3.42 25.28 19.32
N THR G 161 3.19 24.46 18.30
CA THR G 161 3.25 22.98 18.47
C THR G 161 4.60 22.47 18.97
N ALA G 162 5.67 22.87 18.30
CA ALA G 162 7.00 22.42 18.64
C ALA G 162 7.43 22.91 20.03
N ALA G 163 7.12 24.18 20.31
CA ALA G 163 7.30 24.78 21.67
C ALA G 163 6.50 23.98 22.70
N PHE G 164 5.26 23.63 22.36
CA PHE G 164 4.41 22.89 23.27
C PHE G 164 5.03 21.54 23.68
N PHE G 165 5.60 20.85 22.74
CA PHE G 165 6.17 19.55 23.08
C PHE G 165 7.51 19.63 23.76
N ASN G 166 8.17 20.77 23.65
CA ASN G 166 9.34 20.99 24.43
C ASN G 166 9.05 21.24 25.93
N MSE G 167 7.82 21.63 26.22
CA MSE G 167 7.28 21.69 27.56
C MSE G 167 6.81 20.31 28.05
O MSE G 167 7.15 19.88 29.16
CB MSE G 167 6.12 22.69 27.61
CG MSE G 167 5.32 22.59 28.88
SE MSE G 167 4.04 24.01 29.18
CE MSE G 167 3.70 23.56 31.07
N SER G 168 6.02 19.63 27.23
CA SER G 168 5.46 18.31 27.55
C SER G 168 6.54 17.26 27.85
N ASN G 169 7.55 17.24 26.98
CA ASN G 169 8.65 16.36 27.11
C ASN G 169 9.32 16.56 28.45
N ARG G 170 9.51 17.83 28.80
CA ARG G 170 10.18 18.17 30.04
C ARG G 170 9.36 17.84 31.27
N VAL G 171 8.06 18.07 31.24
CA VAL G 171 7.21 17.66 32.35
C VAL G 171 7.30 16.13 32.52
N ALA G 172 7.09 15.42 31.44
CA ALA G 172 7.21 13.94 31.42
C ALA G 172 8.53 13.46 31.99
N ALA G 173 9.63 14.08 31.54
CA ALA G 173 11.00 13.62 31.87
C ALA G 173 11.25 13.91 33.33
N ALA G 174 10.72 15.03 33.78
CA ALA G 174 11.02 15.49 35.13
C ALA G 174 10.39 14.55 36.18
N ILE G 175 9.19 14.02 35.89
CA ILE G 175 8.43 13.23 36.86
C ILE G 175 8.43 11.72 36.57
N ASP G 176 9.01 11.36 35.44
CA ASP G 176 9.02 10.00 34.89
C ASP G 176 7.59 9.51 34.65
N MSE G 177 6.88 10.27 33.80
CA MSE G 177 5.48 10.00 33.48
C MSE G 177 5.39 8.77 32.62
O MSE G 177 6.16 8.62 31.70
CB MSE G 177 4.86 11.18 32.74
CG MSE G 177 3.39 11.32 32.95
SE MSE G 177 2.65 12.63 31.75
CE MSE G 177 2.90 14.12 32.90
N ARG G 178 4.43 7.91 32.91
CA ARG G 178 4.37 6.60 32.28
C ARG G 178 3.17 6.54 31.38
N PRO G 179 3.40 6.17 30.10
CA PRO G 179 2.33 6.16 29.15
C PRO G 179 1.53 4.89 29.27
N ASN G 180 0.24 4.92 28.92
CA ASN G 180 -0.64 3.73 29.03
C ASN G 180 -0.08 2.54 28.21
N ASP G 181 -0.18 1.34 28.77
CA ASP G 181 0.36 0.15 28.12
C ASP G 181 -0.29 -0.17 26.78
N GLU G 182 -1.56 0.21 26.64
CA GLU G 182 -2.38 0.02 25.42
C GLU G 182 -1.79 0.69 24.19
N TYR G 183 -1.03 1.73 24.36
CA TYR G 183 -0.45 2.47 23.25
C TYR G 183 0.47 1.66 22.35
N HIS G 184 1.30 0.84 22.97
CA HIS G 184 2.34 0.12 22.26
C HIS G 184 1.78 -0.80 21.18
N ALA G 185 0.66 -1.46 21.43
CA ALA G 185 0.03 -2.40 20.47
C ALA G 185 -0.92 -1.73 19.45
N MSE G 186 -1.25 -0.45 19.64
CA MSE G 186 -2.22 0.22 18.77
C MSE G 186 -1.72 0.43 17.36
O MSE G 186 -0.56 0.82 17.16
CB MSE G 186 -2.55 1.61 19.29
CG MSE G 186 -3.45 1.61 20.39
SE MSE G 186 -3.94 3.41 20.80
CE MSE G 186 -4.57 2.77 22.53
N ALA G 187 -2.60 0.24 16.38
CA ALA G 187 -2.33 0.65 15.00
C ALA G 187 -1.00 0.10 14.50
N ARG G 188 -0.80 -1.21 14.54
CA ARG G 188 0.48 -1.81 14.10
C ARG G 188 0.23 -2.66 12.85
N LYS H 5 7.30 47.18 16.25
CA LYS H 5 7.25 45.70 16.07
C LYS H 5 7.05 44.92 17.38
N ILE H 6 5.97 44.13 17.45
CA ILE H 6 5.72 43.15 18.53
C ILE H 6 6.34 41.77 18.20
N SER H 7 6.25 41.36 16.94
CA SER H 7 6.92 40.13 16.46
C SER H 7 7.35 40.33 15.00
N ALA H 8 7.96 39.29 14.42
CA ALA H 8 8.25 39.24 12.96
C ALA H 8 7.10 38.64 12.16
N LEU H 9 6.01 38.24 12.79
CA LEU H 9 4.85 37.70 12.06
C LEU H 9 3.65 38.68 11.95
N ASP H 10 2.93 38.60 10.83
CA ASP H 10 1.56 39.17 10.68
C ASP H 10 0.71 39.11 11.96
N GLU H 15 -9.93 43.97 14.46
CA GLU H 15 -10.19 44.81 15.64
C GLU H 15 -10.30 43.94 16.87
N LEU H 16 -9.72 44.40 17.97
CA LEU H 16 -9.76 43.64 19.23
C LEU H 16 -11.20 43.48 19.73
N SER H 17 -11.44 42.38 20.45
CA SER H 17 -12.77 42.11 20.98
C SER H 17 -12.99 42.94 22.25
N GLU H 18 -14.24 43.31 22.48
CA GLU H 18 -14.64 44.12 23.67
C GLU H 18 -14.10 43.61 25.03
N PRO H 19 -14.09 42.27 25.24
CA PRO H 19 -13.53 41.68 26.45
C PRO H 19 -12.03 41.88 26.60
N THR H 20 -11.30 41.78 25.49
CA THR H 20 -9.84 41.93 25.49
C THR H 20 -9.43 43.40 25.63
N LYS H 21 -10.12 44.30 24.91
CA LYS H 21 -9.96 45.74 25.11
C LYS H 21 -10.07 46.08 26.62
N ALA H 22 -11.15 45.59 27.24
CA ALA H 22 -11.38 45.75 28.68
C ALA H 22 -10.24 45.16 29.49
N TYR H 23 -9.82 43.97 29.10
CA TYR H 23 -8.70 43.30 29.76
C TYR H 23 -7.42 44.10 29.65
N PHE H 24 -7.10 44.58 28.46
CA PHE H 24 -5.93 45.45 28.29
C PHE H 24 -6.05 46.75 29.06
N ALA H 25 -7.27 47.30 29.15
CA ALA H 25 -7.55 48.43 30.03
C ALA H 25 -7.05 48.19 31.45
N LYS H 26 -7.38 47.02 32.01
CA LYS H 26 -6.97 46.68 33.38
C LYS H 26 -5.48 46.28 33.47
N CYS H 27 -4.88 45.88 32.36
CA CYS H 27 -3.42 45.70 32.30
C CYS H 27 -2.76 47.07 32.48
N GLU H 28 -3.09 47.95 31.54
CA GLU H 28 -2.61 49.31 31.50
C GLU H 28 -2.66 49.95 32.90
N GLU H 29 -3.84 49.93 33.51
CA GLU H 29 -4.07 50.53 34.83
C GLU H 29 -3.08 50.08 35.94
N LYS H 30 -2.95 48.76 36.11
CA LYS H 30 -2.23 48.15 37.22
C LYS H 30 -0.76 47.77 36.94
N LEU H 31 -0.44 47.29 35.72
CA LEU H 31 0.97 47.00 35.35
C LEU H 31 1.65 48.29 34.89
N GLY H 32 0.88 49.19 34.30
CA GLY H 32 1.41 50.40 33.64
C GLY H 32 1.38 50.21 32.13
N LEU H 33 1.84 49.04 31.70
CA LEU H 33 1.90 48.65 30.30
C LEU H 33 1.03 47.41 30.05
N VAL H 34 0.70 47.17 28.78
CA VAL H 34 0.08 45.90 28.36
C VAL H 34 1.18 44.95 27.81
N PRO H 35 1.52 43.89 28.58
CA PRO H 35 2.60 43.02 28.10
C PRO H 35 2.42 42.60 26.63
N ASN H 36 3.51 42.73 25.87
CA ASN H 36 3.50 42.53 24.43
C ASN H 36 3.09 41.11 24.05
N VAL H 37 3.42 40.15 24.91
CA VAL H 37 2.98 38.77 24.69
C VAL H 37 1.49 38.68 24.59
N LEU H 38 0.75 39.45 25.38
CA LEU H 38 -0.71 39.41 25.35
C LEU H 38 -1.31 39.94 24.03
N LYS H 39 -0.57 40.83 23.36
CA LYS H 39 -0.96 41.38 22.07
C LYS H 39 -0.68 40.44 20.90
N ALA H 40 0.35 39.59 21.02
CA ALA H 40 0.65 38.54 20.05
C ALA H 40 -0.48 37.52 20.00
N TYR H 41 -0.95 37.09 21.17
CA TYR H 41 -2.10 36.20 21.28
C TYR H 41 -3.44 36.82 20.96
N ALA H 42 -3.47 38.15 20.81
CA ALA H 42 -4.70 38.90 20.70
C ALA H 42 -5.52 38.55 19.45
N PHE H 43 -4.94 37.83 18.48
CA PHE H 43 -5.67 37.38 17.29
C PHE H 43 -6.75 36.31 17.53
N ASP H 44 -6.62 35.53 18.59
CA ASP H 44 -7.65 34.57 18.96
C ASP H 44 -7.75 34.62 20.45
N ASP H 45 -8.91 35.05 20.93
CA ASP H 45 -9.18 35.13 22.36
C ASP H 45 -9.34 33.75 23.02
N LYS H 46 -9.61 32.72 22.23
CA LYS H 46 -9.50 31.35 22.69
C LYS H 46 -8.07 31.13 23.18
N LYS H 47 -7.11 31.32 22.28
CA LYS H 47 -5.69 31.22 22.60
C LYS H 47 -5.17 32.17 23.69
N LEU H 48 -5.69 33.39 23.73
CA LEU H 48 -5.30 34.38 24.73
C LEU H 48 -5.71 33.95 26.13
N ARG H 49 -6.98 33.59 26.29
CA ARG H 49 -7.51 33.15 27.58
C ARG H 49 -6.80 31.91 28.07
N ALA H 50 -6.33 31.07 27.16
CA ALA H 50 -5.62 29.85 27.51
C ALA H 50 -4.19 30.18 27.99
N PHE H 51 -3.55 31.12 27.28
CA PHE H 51 -2.25 31.58 27.73
C PHE H 51 -2.35 32.21 29.10
N THR H 52 -3.27 33.16 29.28
CA THR H 52 -3.34 33.84 30.58
C THR H 52 -3.75 32.84 31.66
N ASP H 53 -4.53 31.83 31.29
CA ASP H 53 -4.94 30.82 32.27
C ASP H 53 -3.77 29.95 32.73
N ILE H 54 -2.89 29.48 31.83
CA ILE H 54 -1.70 28.74 32.26
C ILE H 54 -0.74 29.66 33.01
N TYR H 55 -0.53 30.86 32.49
CA TYR H 55 0.45 31.77 33.06
C TYR H 55 0.09 32.16 34.49
N ASN H 56 -1.14 32.60 34.71
CA ASN H 56 -1.54 33.03 36.06
C ASN H 56 -1.52 31.89 37.08
N ASP H 57 -1.89 30.68 36.66
CA ASP H 57 -1.98 29.55 37.60
C ASP H 57 -0.57 29.20 38.00
N LEU H 58 0.28 29.05 36.99
CA LEU H 58 1.70 28.74 37.16
C LEU H 58 2.52 29.76 37.96
N MSE H 59 2.35 31.05 37.66
CA MSE H 59 3.25 32.06 38.21
C MSE H 59 2.72 32.67 39.47
O MSE H 59 3.50 33.12 40.33
CB MSE H 59 3.56 33.15 37.19
CG MSE H 59 4.29 32.66 35.98
SE MSE H 59 5.94 31.67 36.36
CE MSE H 59 7.17 33.18 36.55
N LEU H 60 1.40 32.71 39.58
CA LEU H 60 0.74 33.38 40.69
C LEU H 60 -0.14 32.46 41.55
N GLY H 61 -0.38 31.23 41.11
CA GLY H 61 -1.21 30.32 41.91
C GLY H 61 -0.52 29.80 43.17
N GLU H 62 -1.29 29.13 44.02
CA GLU H 62 -0.79 28.60 45.30
C GLU H 62 0.30 27.58 44.98
N SER H 63 1.44 27.72 45.65
CA SER H 63 2.61 26.86 45.42
C SER H 63 3.44 26.93 46.69
N GLY H 64 4.23 25.90 46.92
CA GLY H 64 5.25 25.93 47.96
C GLY H 64 6.48 26.68 47.51
N LEU H 65 6.52 27.04 46.22
CA LEU H 65 7.51 27.97 45.66
C LEU H 65 7.01 29.38 45.77
N SER H 66 7.80 30.33 46.26
CA SER H 66 7.39 31.73 46.25
C SER H 66 7.18 32.25 44.82
N LYS H 67 6.64 33.44 44.67
CA LYS H 67 6.48 34.07 43.35
C LYS H 67 7.86 34.40 42.75
N LEU H 68 8.81 34.82 43.60
CA LEU H 68 10.20 35.05 43.21
C LEU H 68 10.94 33.78 42.83
N ASP H 69 10.74 32.70 43.57
CA ASP H 69 11.29 31.38 43.12
C ASP H 69 10.96 31.06 41.68
N ARG H 70 9.70 31.20 41.33
CA ARG H 70 9.27 30.89 39.98
C ARG H 70 9.79 31.89 38.94
N GLU H 71 9.95 33.15 39.32
CA GLU H 71 10.62 34.12 38.42
C GLU H 71 12.10 33.81 38.23
N MSE H 72 12.76 33.34 39.28
CA MSE H 72 14.16 32.92 39.16
C MSE H 72 14.36 31.73 38.23
O MSE H 72 15.37 31.67 37.48
CB MSE H 72 14.74 32.61 40.54
CG MSE H 72 15.00 33.85 41.31
SE MSE H 72 15.60 33.51 43.11
CE MSE H 72 16.79 32.00 42.88
N ILE H 73 13.42 30.80 38.28
CA ILE H 73 13.45 29.67 37.35
C ILE H 73 13.25 30.18 35.93
N ALA H 74 12.28 31.09 35.72
CA ALA H 74 11.99 31.65 34.41
C ALA H 74 13.25 32.22 33.80
N VAL H 75 14.02 32.96 34.61
CA VAL H 75 15.22 33.65 34.09
C VAL H 75 16.40 32.70 33.87
N ALA H 76 16.59 31.75 34.79
CA ALA H 76 17.69 30.77 34.66
C ALA H 76 17.52 29.98 33.38
N VAL H 77 16.30 29.55 33.08
CA VAL H 77 15.99 28.84 31.81
C VAL H 77 16.16 29.76 30.55
N SER H 78 15.61 30.97 30.63
CA SER H 78 15.66 31.89 29.52
C SER H 78 17.09 32.28 29.22
N SER H 79 17.93 32.21 30.24
CA SER H 79 19.33 32.52 30.13
C SER H 79 20.09 31.46 29.35
N ILE H 80 19.81 30.18 29.63
CA ILE H 80 20.44 29.08 28.90
C ILE H 80 20.02 29.13 27.44
N ASN H 81 18.75 29.45 27.22
CA ASN H 81 18.18 29.56 25.87
C ASN H 81 18.40 30.92 25.18
N HIS H 82 19.01 31.87 25.88
CA HIS H 82 19.29 33.21 25.33
C HIS H 82 18.02 33.90 24.78
N CYS H 83 16.99 33.98 25.61
CA CYS H 83 15.71 34.57 25.19
C CYS H 83 15.54 36.05 25.58
N TYR H 84 15.55 36.93 24.57
CA TYR H 84 15.50 38.36 24.78
C TYR H 84 14.23 38.75 25.47
N TYR H 85 13.11 38.23 24.99
CA TYR H 85 11.82 38.57 25.58
C TYR H 85 11.80 38.25 27.07
N CYS H 86 12.05 36.99 27.40
CA CYS H 86 11.80 36.52 28.75
C CYS H 86 12.84 37.02 29.71
N LEU H 87 14.08 37.14 29.24
CA LEU H 87 15.13 37.71 30.07
C LEU H 87 14.82 39.20 30.37
N THR H 88 14.16 39.89 29.44
CA THR H 88 13.80 41.30 29.67
C THR H 88 12.64 41.38 30.67
N ALA H 89 11.58 40.63 30.36
CA ALA H 89 10.34 40.66 31.11
C ALA H 89 10.47 40.05 32.49
N HIS H 90 11.12 38.88 32.57
CA HIS H 90 11.26 38.17 33.85
C HIS H 90 12.44 38.63 34.69
N GLY H 91 13.45 39.22 34.06
CA GLY H 91 14.52 39.91 34.82
C GLY H 91 13.97 41.10 35.61
N ALA H 92 13.21 41.95 34.91
CA ALA H 92 12.44 43.03 35.53
C ALA H 92 11.62 42.51 36.70
N ALA H 93 10.93 41.38 36.53
CA ALA H 93 10.18 40.81 37.64
C ALA H 93 11.08 40.38 38.81
N VAL H 94 12.21 39.70 38.53
CA VAL H 94 13.12 39.36 39.62
C VAL H 94 13.59 40.61 40.39
N ARG H 95 13.96 41.69 39.68
CA ARG H 95 14.45 42.91 40.30
C ARG H 95 13.35 43.56 41.15
N GLN H 96 12.11 43.54 40.64
CA GLN H 96 10.96 44.15 41.30
C GLN H 96 10.54 43.35 42.53
N LEU H 97 10.48 42.03 42.42
CA LEU H 97 10.11 41.19 43.57
C LEU H 97 11.17 41.19 44.65
N SER H 98 12.42 41.11 44.26
CA SER H 98 13.51 40.95 45.23
C SER H 98 13.97 42.26 45.84
N GLY H 99 13.69 43.38 45.18
CA GLY H 99 14.25 44.69 45.61
C GLY H 99 15.73 44.85 45.31
N ASP H 100 16.29 43.95 44.51
CA ASP H 100 17.75 43.79 44.36
C ASP H 100 18.12 43.69 42.89
N PRO H 101 18.38 44.83 42.26
CA PRO H 101 18.85 44.91 40.87
C PRO H 101 20.01 43.96 40.52
N ALA H 102 20.97 43.82 41.45
CA ALA H 102 22.08 42.89 41.25
C ALA H 102 21.62 41.45 41.11
N LEU H 103 20.63 41.05 41.90
CA LEU H 103 20.14 39.69 41.81
C LEU H 103 19.58 39.40 40.43
N GLY H 104 18.73 40.29 39.91
CA GLY H 104 18.19 40.18 38.55
C GLY H 104 19.29 39.99 37.54
N GLU H 105 20.28 40.88 37.57
CA GLU H 105 21.43 40.80 36.66
C GLU H 105 22.14 39.46 36.76
N MSE H 106 22.36 38.98 37.98
CA MSE H 106 23.11 37.75 38.16
C MSE H 106 22.42 36.55 37.56
O MSE H 106 23.08 35.63 37.13
CB MSE H 106 23.39 37.49 39.65
CG MSE H 106 24.48 38.37 40.22
SE MSE H 106 24.40 38.32 42.16
CE MSE H 106 26.16 39.01 42.61
N LEU H 107 21.09 36.53 37.59
CA LEU H 107 20.33 35.37 37.08
C LEU H 107 20.23 35.40 35.56
N VAL H 108 20.22 36.60 34.98
CA VAL H 108 20.26 36.78 33.52
C VAL H 108 21.59 36.29 32.97
N MSE H 109 22.65 36.47 33.75
CA MSE H 109 24.02 36.26 33.29
C MSE H 109 24.57 34.93 33.69
O MSE H 109 25.02 34.19 32.86
CB MSE H 109 24.90 37.36 33.87
CG MSE H 109 24.38 38.72 33.51
SE MSE H 109 25.37 40.18 34.23
CE MSE H 109 24.77 41.41 32.87
N ASN H 110 24.51 34.62 34.99
CA ASN H 110 24.90 33.32 35.47
C ASN H 110 24.54 33.20 36.95
N PHE H 111 23.49 32.45 37.25
CA PHE H 111 23.00 32.29 38.63
C PHE H 111 24.03 31.75 39.66
N ARG H 112 25.05 31.04 39.18
CA ARG H 112 26.09 30.52 40.04
C ARG H 112 26.98 31.61 40.64
N ALA H 113 26.73 32.86 40.26
CA ALA H 113 27.34 34.02 40.91
C ALA H 113 26.46 34.65 41.97
N ALA H 114 25.26 34.12 42.24
CA ALA H 114 24.25 34.87 43.01
C ALA H 114 24.18 34.68 44.55
N ASP H 115 24.95 33.78 45.15
CA ASP H 115 24.98 33.65 46.63
C ASP H 115 23.64 33.11 47.12
N LEU H 116 23.13 32.12 46.41
CA LEU H 116 21.81 31.61 46.70
C LEU H 116 21.83 30.66 47.89
N SER H 117 20.66 30.38 48.45
CA SER H 117 20.57 29.36 49.48
C SER H 117 20.74 28.00 48.81
N PRO H 118 21.09 26.97 49.61
CA PRO H 118 21.11 25.56 49.16
C PRO H 118 19.85 25.12 48.40
N ARG H 119 18.69 25.55 48.89
CA ARG H 119 17.39 25.32 48.29
C ARG H 119 17.27 25.94 46.90
N GLN H 120 17.71 27.19 46.78
CA GLN H 120 17.62 27.92 45.51
C GLN H 120 18.58 27.34 44.50
N THR H 121 19.77 26.97 44.97
CA THR H 121 20.75 26.29 44.12
C THR H 121 20.23 24.99 43.55
N ALA H 122 19.72 24.13 44.43
CA ALA H 122 19.14 22.85 44.01
C ALA H 122 18.06 23.03 42.98
N MSE H 123 17.14 23.95 43.25
CA MSE H 123 16.04 24.27 42.36
C MSE H 123 16.52 24.67 40.94
O MSE H 123 16.05 24.13 39.98
CB MSE H 123 15.19 25.37 43.04
CG MSE H 123 14.21 26.02 42.16
SE MSE H 123 13.21 27.27 43.22
CE MSE H 123 14.32 28.86 42.91
N LEU H 124 17.48 25.60 40.84
CA LEU H 124 17.97 26.11 39.56
C LEU H 124 18.84 25.08 38.85
N GLU H 125 19.66 24.37 39.62
CA GLU H 125 20.48 23.29 39.05
C GLU H 125 19.60 22.23 38.37
N PHE H 126 18.46 21.85 38.99
CA PHE H 126 17.54 20.95 38.36
C PHE H 126 16.91 21.56 37.07
N ALA H 127 16.51 22.84 37.15
CA ALA H 127 15.97 23.60 35.99
C ALA H 127 16.99 23.70 34.84
N VAL H 128 18.25 23.87 35.16
CA VAL H 128 19.33 23.86 34.15
C VAL H 128 19.36 22.52 33.44
N LYS H 129 19.31 21.44 34.21
CA LYS H 129 19.39 20.11 33.62
C LYS H 129 18.17 19.73 32.78
N LEU H 130 16.98 20.04 33.26
CA LEU H 130 15.77 19.84 32.49
C LEU H 130 15.82 20.60 31.15
N THR H 131 16.40 21.80 31.16
CA THR H 131 16.56 22.68 29.98
C THR H 131 17.62 22.19 29.00
N GLU H 132 18.77 21.75 29.50
CA GLU H 132 19.87 21.33 28.62
C GLU H 132 19.85 19.85 28.18
N GLU H 133 19.44 18.95 29.07
CA GLU H 133 19.42 17.53 28.73
C GLU H 133 18.30 16.77 29.48
N PRO H 134 17.05 16.96 29.02
CA PRO H 134 15.91 16.31 29.72
C PRO H 134 15.90 14.78 29.59
N ALA H 135 16.48 14.25 28.48
CA ALA H 135 16.72 12.81 28.27
C ALA H 135 17.52 12.17 29.39
N LYS H 136 18.34 12.95 30.09
CA LYS H 136 19.19 12.42 31.18
C LYS H 136 18.66 12.63 32.61
N ILE H 137 17.40 13.05 32.76
CA ILE H 137 16.81 13.12 34.10
C ILE H 137 16.57 11.72 34.66
N VAL H 138 16.99 11.53 35.91
CA VAL H 138 16.87 10.24 36.57
C VAL H 138 16.46 10.45 38.04
N GLU H 139 16.19 9.35 38.74
CA GLU H 139 15.68 9.44 40.08
C GLU H 139 16.66 10.27 40.94
N ALA H 140 17.97 10.12 40.73
CA ALA H 140 18.93 10.83 41.60
C ALA H 140 18.67 12.35 41.57
N ASP H 141 18.07 12.86 40.49
CA ASP H 141 17.78 14.30 40.33
C ASP H 141 16.62 14.76 41.20
N ARG H 142 15.56 13.94 41.28
CA ARG H 142 14.46 14.20 42.20
C ARG H 142 14.90 14.07 43.61
N ALA H 143 15.72 13.04 43.88
CA ALA H 143 16.26 12.82 45.20
C ALA H 143 17.07 14.02 45.73
N ALA H 144 17.83 14.67 44.86
CA ALA H 144 18.62 15.85 45.25
C ALA H 144 17.65 16.95 45.63
N LEU H 145 16.53 17.04 44.92
CA LEU H 145 15.51 18.04 45.25
C LEU H 145 14.85 17.80 46.58
N ARG H 146 14.51 16.55 46.90
CA ARG H 146 14.00 16.21 48.23
C ARG H 146 15.00 16.53 49.33
N LYS H 147 16.26 16.18 49.13
CA LYS H 147 17.33 16.55 50.08
C LYS H 147 17.43 18.04 50.33
N ALA H 148 16.99 18.89 49.40
CA ALA H 148 16.99 20.35 49.61
C ALA H 148 15.67 20.81 50.20
N GLY H 149 14.80 19.84 50.53
CA GLY H 149 13.57 20.07 51.28
C GLY H 149 12.27 20.20 50.49
N PHE H 150 12.33 19.95 49.20
CA PHE H 150 11.15 20.05 48.37
C PHE H 150 10.22 18.86 48.55
N SER H 151 8.91 19.13 48.58
CA SER H 151 7.85 18.09 48.52
C SER H 151 7.69 17.63 47.10
N ASP H 152 6.93 16.56 46.88
CA ASP H 152 6.73 16.15 45.50
C ASP H 152 5.90 17.12 44.69
N ARG H 153 4.99 17.84 45.35
CA ARG H 153 4.24 18.86 44.67
C ARG H 153 5.19 19.99 44.28
N ASP H 154 6.17 20.29 45.14
CA ASP H 154 7.15 21.31 44.84
C ASP H 154 7.97 20.90 43.65
N ILE H 155 8.35 19.61 43.58
CA ILE H 155 9.08 19.13 42.39
C ILE H 155 8.23 19.28 41.11
N TRP H 156 6.97 18.87 41.15
CA TRP H 156 6.01 19.19 40.09
C TRP H 156 6.03 20.66 39.69
N ASP H 157 6.03 21.54 40.68
CA ASP H 157 5.96 22.96 40.42
C ASP H 157 7.26 23.49 39.78
N ILE H 158 8.42 23.01 40.25
CA ILE H 158 9.70 23.40 39.64
C ILE H 158 9.83 22.95 38.16
N ALA H 159 9.45 21.69 37.89
CA ALA H 159 9.53 21.05 36.58
C ALA H 159 8.63 21.78 35.61
N SER H 160 7.41 22.08 36.08
CA SER H 160 6.41 22.76 35.27
C SER H 160 6.80 24.18 34.84
N THR H 161 7.29 24.94 35.81
CA THR H 161 7.75 26.32 35.58
C THR H 161 8.89 26.26 34.59
N ALA H 162 9.87 25.40 34.85
CA ALA H 162 11.03 25.27 33.94
C ALA H 162 10.59 24.78 32.58
N ALA H 163 9.65 23.85 32.53
CA ALA H 163 9.16 23.32 31.30
C ALA H 163 8.37 24.43 30.56
N PHE H 164 7.57 25.20 31.31
CA PHE H 164 6.76 26.26 30.68
C PHE H 164 7.62 27.29 29.96
N PHE H 165 8.74 27.64 30.57
CA PHE H 165 9.63 28.63 29.98
C PHE H 165 10.50 28.08 28.87
N ASN H 166 10.64 26.76 28.82
CA ASN H 166 11.20 26.12 27.63
C ASN H 166 10.26 26.20 26.40
N MSE H 167 8.95 26.29 26.65
CA MSE H 167 7.99 26.56 25.58
C MSE H 167 7.92 28.07 25.31
O MSE H 167 7.92 28.46 24.18
CB MSE H 167 6.61 26.03 25.93
CG MSE H 167 5.52 26.45 24.95
SE MSE H 167 3.72 25.98 25.56
CE MSE H 167 2.75 26.47 23.89
N SER H 168 7.83 28.91 26.32
CA SER H 168 7.80 30.36 26.08
C SER H 168 8.99 30.88 25.29
N ASN H 169 10.18 30.42 25.70
CA ASN H 169 11.42 30.82 25.06
C ASN H 169 11.37 30.51 23.57
N ARG H 170 10.71 29.40 23.24
CA ARG H 170 10.67 28.92 21.87
C ARG H 170 9.61 29.59 21.01
N VAL H 171 8.46 29.94 21.57
CA VAL H 171 7.50 30.80 20.87
C VAL H 171 8.14 32.17 20.63
N ALA H 172 8.69 32.77 21.68
CA ALA H 172 9.30 34.10 21.53
C ALA H 172 10.36 34.09 20.45
N ALA H 173 11.23 33.07 20.46
CA ALA H 173 12.36 32.96 19.52
C ALA H 173 11.88 32.69 18.09
N ALA H 174 10.85 31.87 17.97
CA ALA H 174 10.29 31.53 16.67
C ALA H 174 9.81 32.77 15.93
N ILE H 175 9.05 33.61 16.61
CA ILE H 175 8.36 34.73 15.95
C ILE H 175 9.08 36.06 16.16
N ASP H 176 10.20 36.03 16.87
CA ASP H 176 10.97 37.22 17.24
C ASP H 176 10.13 38.23 18.07
N MSE H 177 9.58 37.73 19.18
CA MSE H 177 8.70 38.52 20.01
C MSE H 177 9.51 39.55 20.80
O MSE H 177 10.45 39.21 21.51
CB MSE H 177 7.87 37.62 20.91
CG MSE H 177 6.61 38.23 21.43
SE MSE H 177 5.96 37.15 22.96
CE MSE H 177 5.34 35.58 21.97
N ARG H 178 9.10 40.81 20.66
CA ARG H 178 9.84 41.95 21.21
C ARG H 178 9.16 42.40 22.49
N PRO H 179 9.93 42.52 23.61
CA PRO H 179 9.39 42.90 24.92
C PRO H 179 9.17 44.37 24.99
N ASN H 180 8.25 44.80 25.86
CA ASN H 180 7.97 46.21 26.06
C ASN H 180 9.24 46.98 26.50
N ASP H 181 9.57 48.05 25.80
CA ASP H 181 10.79 48.82 26.11
C ASP H 181 10.86 49.34 27.56
N GLU H 182 9.70 49.47 28.19
CA GLU H 182 9.60 49.96 29.56
C GLU H 182 10.18 49.00 30.60
N TYR H 183 10.30 47.72 30.29
CA TYR H 183 10.93 46.80 31.21
C TYR H 183 12.39 47.17 31.50
N HIS H 184 13.13 47.64 30.50
CA HIS H 184 14.57 47.86 30.67
C HIS H 184 14.86 48.81 31.82
N ALA H 185 14.08 49.89 31.92
CA ALA H 185 14.29 50.91 32.94
C ALA H 185 13.76 50.54 34.33
N MSE H 186 12.86 49.55 34.43
CA MSE H 186 12.23 49.19 35.71
C MSE H 186 13.18 48.67 36.79
O MSE H 186 14.09 47.90 36.49
CB MSE H 186 11.19 48.10 35.51
CG MSE H 186 9.93 48.55 34.84
SE MSE H 186 8.60 47.13 34.81
CE MSE H 186 7.21 48.27 33.97
N ALA H 187 12.91 49.05 38.04
CA ALA H 187 13.50 48.39 39.20
C ALA H 187 15.01 48.28 39.12
N ARG H 188 15.66 49.41 38.81
CA ARG H 188 17.11 49.47 38.67
C ARG H 188 17.80 50.10 39.90
N GLY I 4 11.18 0.86 -0.85
CA GLY I 4 11.60 0.32 -2.19
C GLY I 4 13.08 -0.10 -2.25
N LYS I 5 13.97 0.83 -1.86
CA LYS I 5 15.41 0.62 -2.04
C LYS I 5 15.98 0.00 -0.79
N ILE I 6 17.06 -0.75 -0.92
CA ILE I 6 17.85 -1.18 0.23
C ILE I 6 18.64 0.03 0.78
N SER I 7 18.98 0.97 -0.13
CA SER I 7 19.84 2.10 0.23
C SER I 7 19.80 3.19 -0.83
N ALA I 8 20.42 4.31 -0.50
CA ALA I 8 20.54 5.44 -1.38
C ALA I 8 21.71 5.36 -2.37
N LEU I 9 22.52 4.30 -2.31
CA LEU I 9 23.63 4.11 -3.26
C LEU I 9 23.32 3.13 -4.39
N ASP I 10 23.87 3.37 -5.59
CA ASP I 10 23.74 2.41 -6.68
C ASP I 10 24.62 1.20 -6.38
N GLU I 15 24.31 -10.45 -10.54
CA GLU I 15 23.41 -11.37 -9.83
C GLU I 15 24.02 -11.76 -8.49
N LEU I 16 23.21 -12.33 -7.61
CA LEU I 16 23.76 -12.93 -6.38
C LEU I 16 24.58 -14.17 -6.81
N SER I 17 25.70 -14.43 -6.14
CA SER I 17 26.43 -15.70 -6.37
C SER I 17 25.64 -16.84 -5.76
N GLU I 18 25.97 -18.07 -6.15
CA GLU I 18 25.27 -19.25 -5.65
C GLU I 18 25.38 -19.44 -4.13
N PRO I 19 26.57 -19.18 -3.54
CA PRO I 19 26.66 -19.18 -2.10
C PRO I 19 25.74 -18.16 -1.42
N THR I 20 25.65 -16.94 -1.97
CA THR I 20 24.75 -15.91 -1.38
C THR I 20 23.28 -16.23 -1.55
N LYS I 21 22.91 -16.79 -2.68
CA LYS I 21 21.57 -17.31 -2.83
C LYS I 21 21.24 -18.35 -1.74
N ALA I 22 22.13 -19.32 -1.57
CA ALA I 22 21.95 -20.42 -0.61
C ALA I 22 21.79 -19.87 0.80
N TYR I 23 22.67 -18.93 1.15
CA TYR I 23 22.65 -18.34 2.41
C TYR I 23 21.37 -17.50 2.65
N PHE I 24 20.91 -16.78 1.64
CA PHE I 24 19.67 -15.98 1.70
C PHE I 24 18.41 -16.88 1.80
N ALA I 25 18.42 -18.02 1.09
CA ALA I 25 17.36 -19.05 1.28
C ALA I 25 17.35 -19.50 2.72
N LYS I 26 18.53 -19.79 3.25
CA LYS I 26 18.63 -20.23 4.63
C LYS I 26 18.09 -19.20 5.60
N CYS I 27 18.27 -17.90 5.31
CA CYS I 27 17.79 -16.83 6.16
C CYS I 27 16.27 -16.74 6.15
N GLU I 28 15.72 -16.93 4.97
CA GLU I 28 14.31 -16.85 4.78
C GLU I 28 13.60 -18.00 5.50
N GLU I 29 14.20 -19.19 5.42
CA GLU I 29 13.73 -20.37 6.17
C GLU I 29 13.72 -20.11 7.65
N LYS I 30 14.76 -19.45 8.15
CA LYS I 30 15.06 -19.45 9.56
C LYS I 30 14.65 -18.17 10.27
N LEU I 31 14.48 -17.07 9.52
CA LEU I 31 14.08 -15.78 10.07
C LEU I 31 12.78 -15.20 9.51
N GLY I 32 12.27 -15.77 8.43
CA GLY I 32 11.09 -15.24 7.75
C GLY I 32 11.39 -14.15 6.75
N LEU I 33 12.66 -13.76 6.69
CA LEU I 33 13.10 -12.65 5.83
C LEU I 33 14.62 -12.73 5.65
N VAL I 34 15.12 -11.99 4.67
CA VAL I 34 16.56 -11.78 4.46
C VAL I 34 16.84 -10.36 4.96
N PRO I 35 17.62 -10.20 6.06
CA PRO I 35 17.96 -8.87 6.55
C PRO I 35 18.55 -8.00 5.46
N ASN I 36 18.05 -6.78 5.32
CA ASN I 36 18.42 -5.94 4.18
C ASN I 36 19.89 -5.54 4.23
N VAL I 37 20.48 -5.64 5.42
CA VAL I 37 21.91 -5.38 5.59
C VAL I 37 22.77 -6.40 4.83
N LEU I 38 22.37 -7.68 4.80
CA LEU I 38 23.07 -8.71 4.03
C LEU I 38 22.95 -8.42 2.54
N LYS I 39 21.85 -7.81 2.15
CA LYS I 39 21.67 -7.40 0.75
C LYS I 39 22.60 -6.24 0.32
N ALA I 40 22.77 -5.26 1.21
CA ALA I 40 23.72 -4.17 1.04
C ALA I 40 25.13 -4.68 0.77
N TYR I 41 25.54 -5.76 1.45
CA TYR I 41 26.90 -6.29 1.39
C TYR I 41 27.12 -7.27 0.27
N ALA I 42 26.03 -7.69 -0.41
CA ALA I 42 26.13 -8.74 -1.45
C ALA I 42 26.72 -8.30 -2.79
N PHE I 43 27.05 -7.01 -2.96
CA PHE I 43 27.79 -6.56 -4.15
C PHE I 43 29.22 -7.09 -4.12
N ASP I 44 29.61 -7.65 -2.98
CA ASP I 44 30.88 -8.33 -2.80
C ASP I 44 30.79 -9.38 -1.71
N ASP I 45 31.02 -10.64 -2.08
CA ASP I 45 30.89 -11.73 -1.14
C ASP I 45 31.98 -11.81 -0.08
N LYS I 46 33.15 -11.22 -0.30
CA LYS I 46 34.18 -11.21 0.77
C LYS I 46 33.74 -10.32 1.90
N LYS I 47 33.23 -9.15 1.56
CA LYS I 47 32.62 -8.24 2.51
C LYS I 47 31.44 -8.84 3.27
N LEU I 48 30.49 -9.41 2.54
CA LEU I 48 29.35 -10.11 3.16
C LEU I 48 29.81 -11.17 4.19
N ARG I 49 30.73 -12.04 3.78
CA ARG I 49 31.27 -13.08 4.64
C ARG I 49 31.93 -12.51 5.92
N ALA I 50 32.85 -11.57 5.74
CA ALA I 50 33.49 -10.88 6.82
C ALA I 50 32.46 -10.27 7.76
N PHE I 51 31.47 -9.58 7.20
CA PHE I 51 30.45 -8.97 8.05
C PHE I 51 29.76 -10.05 8.89
N THR I 52 29.20 -11.06 8.24
CA THR I 52 28.36 -12.03 8.91
C THR I 52 29.16 -12.82 9.94
N ASP I 53 30.43 -13.07 9.59
CA ASP I 53 31.40 -13.67 10.48
C ASP I 53 31.50 -12.93 11.81
N ILE I 54 31.72 -11.62 11.76
CA ILE I 54 31.89 -10.81 12.98
C ILE I 54 30.59 -10.60 13.72
N TYR I 55 29.52 -10.45 12.96
CA TYR I 55 28.21 -10.26 13.57
C TYR I 55 27.77 -11.45 14.46
N ASN I 56 27.81 -12.64 13.89
CA ASN I 56 27.31 -13.84 14.56
C ASN I 56 28.17 -14.18 15.75
N ASP I 57 29.49 -14.02 15.61
CA ASP I 57 30.39 -14.22 16.73
C ASP I 57 30.03 -13.34 17.89
N LEU I 58 29.87 -12.06 17.59
CA LEU I 58 29.60 -11.04 18.59
C LEU I 58 28.27 -11.23 19.27
N MSE I 59 27.24 -11.44 18.45
CA MSE I 59 25.86 -11.46 18.94
C MSE I 59 25.39 -12.82 19.46
O MSE I 59 24.57 -12.89 20.40
CB MSE I 59 24.92 -10.94 17.84
CG MSE I 59 25.30 -9.53 17.40
SE MSE I 59 25.26 -8.23 18.87
CE MSE I 59 23.38 -8.10 19.07
N LEU I 60 25.94 -13.91 18.90
CA LEU I 60 25.49 -15.26 19.18
C LEU I 60 26.57 -16.18 19.79
N GLY I 61 27.81 -15.73 19.86
CA GLY I 61 28.85 -16.52 20.49
C GLY I 61 28.73 -16.61 22.02
N GLU I 62 29.60 -17.41 22.59
CA GLU I 62 29.60 -17.60 24.04
C GLU I 62 30.04 -16.32 24.73
N SER I 63 29.42 -16.02 25.87
CA SER I 63 29.64 -14.77 26.60
C SER I 63 28.97 -14.92 27.96
N GLY I 64 29.39 -14.16 28.96
CA GLY I 64 28.60 -14.04 30.18
C GLY I 64 27.40 -13.11 29.95
N LEU I 65 27.32 -12.48 28.80
CA LEU I 65 26.17 -11.68 28.41
C LEU I 65 25.19 -12.58 27.65
N SER I 66 23.91 -12.47 28.00
CA SER I 66 22.85 -13.10 27.22
C SER I 66 22.80 -12.49 25.83
N LYS I 67 22.14 -13.16 24.91
CA LYS I 67 21.88 -12.56 23.58
C LYS I 67 21.00 -11.31 23.75
N LEU I 68 20.07 -11.32 24.72
CA LEU I 68 19.27 -10.11 24.97
C LEU I 68 20.10 -8.94 25.44
N ASP I 69 21.12 -9.21 26.27
CA ASP I 69 22.02 -8.15 26.79
C ASP I 69 22.63 -7.40 25.65
N ARG I 70 23.13 -8.14 24.68
CA ARG I 70 23.86 -7.56 23.55
C ARG I 70 22.97 -6.82 22.60
N GLU I 71 21.77 -7.35 22.41
CA GLU I 71 20.71 -6.60 21.69
C GLU I 71 20.26 -5.32 22.38
N MSE I 72 20.19 -5.35 23.72
CA MSE I 72 19.85 -4.15 24.46
C MSE I 72 20.94 -3.10 24.31
O MSE I 72 20.62 -1.90 24.20
CB MSE I 72 19.64 -4.42 25.94
CG MSE I 72 18.40 -5.20 26.22
SE MSE I 72 18.29 -5.65 28.12
CE MSE I 72 18.11 -3.94 28.86
N ILE I 73 22.20 -3.54 24.28
CA ILE I 73 23.31 -2.62 24.11
C ILE I 73 23.20 -2.04 22.69
N ALA I 74 22.81 -2.87 21.73
CA ALA I 74 22.66 -2.41 20.34
C ALA I 74 21.66 -1.29 20.20
N VAL I 75 20.47 -1.47 20.79
CA VAL I 75 19.38 -0.47 20.71
C VAL I 75 19.71 0.84 21.43
N ALA I 76 20.32 0.76 22.62
CA ALA I 76 20.74 1.88 23.42
C ALA I 76 21.72 2.77 22.63
N VAL I 77 22.75 2.20 22.03
CA VAL I 77 23.67 2.93 21.19
C VAL I 77 22.97 3.52 19.95
N SER I 78 22.14 2.72 19.31
CA SER I 78 21.40 3.11 18.11
C SER I 78 20.39 4.16 18.46
N SER I 79 19.95 4.20 19.72
CA SER I 79 19.03 5.26 20.20
C SER I 79 19.74 6.62 20.29
N ILE I 80 20.96 6.62 20.76
CA ILE I 80 21.79 7.84 20.88
C ILE I 80 22.08 8.41 19.50
N ASN I 81 22.45 7.54 18.58
CA ASN I 81 22.82 7.92 17.21
C ASN I 81 21.62 8.08 16.24
N HIS I 82 20.40 7.88 16.72
CA HIS I 82 19.16 7.94 15.86
C HIS I 82 19.24 7.14 14.55
N CYS I 83 19.63 5.88 14.68
CA CYS I 83 19.81 5.00 13.56
C CYS I 83 18.55 4.21 13.28
N TYR I 84 17.80 4.63 12.24
CA TYR I 84 16.56 4.00 11.85
C TYR I 84 16.70 2.48 11.57
N TYR I 85 17.78 2.07 10.90
CA TYR I 85 17.94 0.67 10.51
C TYR I 85 18.00 -0.19 11.79
N CYS I 86 18.90 0.19 12.68
CA CYS I 86 19.25 -0.65 13.82
C CYS I 86 18.21 -0.61 14.89
N LEU I 87 17.58 0.56 15.10
CA LEU I 87 16.44 0.66 16.05
C LEU I 87 15.27 -0.20 15.57
N THR I 88 15.05 -0.30 14.25
CA THR I 88 14.00 -1.18 13.72
C THR I 88 14.36 -2.66 13.89
N ALA I 89 15.53 -3.04 13.36
CA ALA I 89 16.02 -4.44 13.38
C ALA I 89 16.23 -4.93 14.80
N HIS I 90 17.00 -4.22 15.61
CA HIS I 90 17.30 -4.74 16.95
C HIS I 90 16.27 -4.46 17.99
N GLY I 91 15.44 -3.44 17.78
CA GLY I 91 14.23 -3.24 18.60
C GLY I 91 13.33 -4.46 18.46
N ALA I 92 13.23 -4.98 17.24
CA ALA I 92 12.49 -6.24 17.05
C ALA I 92 13.10 -7.43 17.77
N ALA I 93 14.41 -7.56 17.72
CA ALA I 93 15.13 -8.66 18.45
C ALA I 93 14.88 -8.58 19.97
N VAL I 94 14.92 -7.38 20.50
CA VAL I 94 14.63 -7.17 21.93
C VAL I 94 13.21 -7.62 22.31
N ARG I 95 12.22 -7.14 21.56
CA ARG I 95 10.84 -7.60 21.67
C ARG I 95 10.73 -9.13 21.60
N GLN I 96 11.39 -9.73 20.63
CA GLN I 96 11.40 -11.20 20.49
C GLN I 96 12.11 -11.97 21.62
N LEU I 97 13.33 -11.58 21.92
CA LEU I 97 14.11 -12.27 22.93
C LEU I 97 13.51 -12.14 24.34
N SER I 98 12.89 -11.00 24.65
CA SER I 98 12.40 -10.74 25.98
C SER I 98 11.01 -11.28 26.14
N GLY I 99 10.25 -11.33 25.05
CA GLY I 99 8.81 -11.60 25.12
C GLY I 99 8.04 -10.41 25.68
N ASP I 100 8.68 -9.26 25.76
CA ASP I 100 8.09 -8.05 26.28
C ASP I 100 8.16 -6.96 25.23
N PRO I 101 7.07 -6.74 24.48
CA PRO I 101 7.02 -5.67 23.47
C PRO I 101 7.29 -4.26 24.01
N ALA I 102 6.82 -3.97 25.23
CA ALA I 102 7.12 -2.70 25.87
C ALA I 102 8.59 -2.45 26.14
N LEU I 103 9.35 -3.50 26.46
CA LEU I 103 10.79 -3.35 26.72
C LEU I 103 11.57 -2.88 25.50
N GLY I 104 11.25 -3.39 24.32
CA GLY I 104 11.89 -2.94 23.14
C GLY I 104 11.60 -1.49 22.87
N GLU I 105 10.34 -1.09 23.06
CA GLU I 105 9.96 0.35 22.94
C GLU I 105 10.70 1.28 23.88
N MSE I 106 10.80 0.88 25.14
CA MSE I 106 11.53 1.66 26.15
C MSE I 106 12.97 1.83 25.78
O MSE I 106 13.51 2.94 25.84
CB MSE I 106 11.42 1.03 27.51
CG MSE I 106 10.03 1.09 28.02
SE MSE I 106 9.78 -0.04 29.60
CE MSE I 106 8.62 1.26 30.41
N LEU I 107 13.60 0.75 25.36
CA LEU I 107 15.01 0.86 24.98
C LEU I 107 15.24 1.71 23.71
N VAL I 108 14.34 1.59 22.71
CA VAL I 108 14.38 2.47 21.51
C VAL I 108 14.22 3.97 21.85
N MSE I 109 13.40 4.29 22.85
CA MSE I 109 12.99 5.65 23.12
C MSE I 109 13.87 6.28 24.21
O MSE I 109 14.43 7.35 23.99
CB MSE I 109 11.52 5.69 23.49
CG MSE I 109 10.55 5.11 22.39
SE MSE I 109 8.78 4.98 23.09
CE MSE I 109 7.88 4.44 21.45
N ASN I 110 14.03 5.59 25.33
CA ASN I 110 14.93 6.02 26.46
C ASN I 110 15.05 4.91 27.51
N PHE I 111 16.22 4.25 27.57
CA PHE I 111 16.40 3.08 28.44
C PHE I 111 16.14 3.40 29.92
N ARG I 112 16.41 4.66 30.31
CA ARG I 112 16.22 5.12 31.66
C ARG I 112 14.75 4.92 32.13
N ALA I 113 13.81 4.75 31.20
CA ALA I 113 12.42 4.46 31.59
C ALA I 113 12.18 2.97 31.77
N ALA I 114 13.11 2.14 31.27
CA ALA I 114 13.02 0.70 31.46
C ALA I 114 13.24 0.28 32.93
N ASP I 115 12.51 -0.71 33.37
CA ASP I 115 12.75 -1.22 34.71
C ASP I 115 13.89 -2.24 34.75
N LEU I 116 15.13 -1.76 34.64
CA LEU I 116 16.32 -2.61 34.46
C LEU I 116 16.98 -3.01 35.78
N SER I 117 17.66 -4.16 35.83
CA SER I 117 18.41 -4.54 37.05
C SER I 117 19.65 -3.65 37.22
N PRO I 118 20.27 -3.64 38.42
CA PRO I 118 21.57 -2.92 38.56
C PRO I 118 22.62 -3.36 37.54
N ARG I 119 22.63 -4.66 37.24
CA ARG I 119 23.54 -5.22 36.23
CA ARG I 119 23.49 -5.25 36.23
C ARG I 119 23.25 -4.69 34.82
N GLN I 120 21.98 -4.68 34.43
CA GLN I 120 21.60 -4.16 33.09
C GLN I 120 21.88 -2.67 32.97
N THR I 121 21.61 -1.95 34.04
CA THR I 121 21.88 -0.51 34.14
C THR I 121 23.34 -0.14 34.04
N ALA I 122 24.19 -0.83 34.81
CA ALA I 122 25.64 -0.55 34.80
C ALA I 122 26.15 -0.74 33.36
N MSE I 123 25.73 -1.85 32.78
CA MSE I 123 26.13 -2.27 31.44
C MSE I 123 25.73 -1.22 30.39
O MSE I 123 26.51 -0.88 29.54
CB MSE I 123 25.46 -3.59 31.13
CG MSE I 123 25.59 -4.07 29.69
SE MSE I 123 24.55 -5.71 29.40
CE MSE I 123 22.76 -4.84 29.42
N LEU I 124 24.51 -0.74 30.45
CA LEU I 124 24.06 0.26 29.45
C LEU I 124 24.63 1.67 29.74
N GLU I 125 24.93 2.00 31.00
CA GLU I 125 25.56 3.28 31.30
C GLU I 125 26.99 3.34 30.67
N PHE I 126 27.75 2.28 30.78
CA PHE I 126 29.04 2.22 30.11
C PHE I 126 28.89 2.32 28.57
N ALA I 127 27.93 1.60 28.03
CA ALA I 127 27.62 1.71 26.59
C ALA I 127 27.32 3.17 26.13
N VAL I 128 26.47 3.87 26.87
CA VAL I 128 26.18 5.28 26.63
C VAL I 128 27.42 6.16 26.67
N LYS I 129 28.27 6.03 27.70
CA LYS I 129 29.47 6.87 27.81
C LYS I 129 30.43 6.59 26.64
N LEU I 130 30.56 5.32 26.31
CA LEU I 130 31.45 4.93 25.21
C LEU I 130 30.90 5.47 23.85
N THR I 131 29.59 5.67 23.74
CA THR I 131 28.98 6.20 22.52
C THR I 131 29.13 7.70 22.39
N GLU I 132 28.91 8.39 23.51
CA GLU I 132 28.87 9.83 23.57
C GLU I 132 30.24 10.51 23.75
N GLU I 133 31.11 9.91 24.56
CA GLU I 133 32.43 10.51 24.96
C GLU I 133 33.47 9.42 25.20
N PRO I 134 33.85 8.68 24.15
CA PRO I 134 34.90 7.69 24.32
C PRO I 134 36.21 8.32 24.80
N ALA I 135 36.46 9.58 24.42
CA ALA I 135 37.70 10.24 24.85
C ALA I 135 37.89 10.29 26.39
N LYS I 136 36.79 10.10 27.14
CA LYS I 136 36.74 10.31 28.59
C LYS I 136 36.59 9.02 29.39
N ILE I 137 36.73 7.87 28.74
CA ILE I 137 36.62 6.55 29.39
C ILE I 137 37.86 6.42 30.24
N VAL I 138 37.67 6.14 31.53
CA VAL I 138 38.77 6.01 32.50
C VAL I 138 38.65 4.70 33.28
N GLU I 139 39.70 4.35 34.03
CA GLU I 139 39.66 3.16 34.88
C GLU I 139 38.42 3.10 35.78
N ALA I 140 37.98 4.25 36.28
CA ALA I 140 36.75 4.30 37.08
C ALA I 140 35.55 3.66 36.36
N ASP I 141 35.43 3.92 35.06
CA ASP I 141 34.33 3.33 34.25
C ASP I 141 34.33 1.80 34.25
N ARG I 142 35.51 1.22 34.00
CA ARG I 142 35.72 -0.22 34.14
C ARG I 142 35.50 -0.72 35.56
N ALA I 143 35.98 0.02 36.56
CA ALA I 143 35.76 -0.38 37.99
C ALA I 143 34.27 -0.43 38.33
N ALA I 144 33.48 0.48 37.74
CA ALA I 144 32.05 0.48 37.92
C ALA I 144 31.40 -0.81 37.39
N LEU I 145 31.89 -1.33 36.27
CA LEU I 145 31.37 -2.60 35.74
C LEU I 145 31.74 -3.79 36.62
N ARG I 146 32.98 -3.82 37.07
CA ARG I 146 33.38 -4.87 38.00
C ARG I 146 32.58 -4.84 39.30
N LYS I 147 32.33 -3.65 39.84
CA LYS I 147 31.49 -3.56 41.07
C LYS I 147 30.12 -4.16 40.87
N ALA I 148 29.62 -4.01 39.64
CA ALA I 148 28.33 -4.48 39.21
C ALA I 148 28.28 -6.00 38.94
N GLY I 149 29.44 -6.67 39.02
CA GLY I 149 29.55 -8.10 38.81
C GLY I 149 30.06 -8.58 37.45
N PHE I 150 30.68 -7.71 36.66
CA PHE I 150 31.15 -8.10 35.34
C PHE I 150 32.61 -8.53 35.44
N SER I 151 32.97 -9.61 34.78
CA SER I 151 34.35 -10.08 34.69
C SER I 151 35.07 -9.24 33.64
N ASP I 152 36.38 -9.43 33.48
CA ASP I 152 37.14 -8.63 32.50
C ASP I 152 36.68 -8.99 31.06
N ARG I 153 36.29 -10.24 30.87
CA ARG I 153 35.84 -10.73 29.58
C ARG I 153 34.41 -10.24 29.22
N ASP I 154 33.59 -10.14 30.24
CA ASP I 154 32.33 -9.43 30.13
C ASP I 154 32.51 -8.00 29.67
N ILE I 155 33.41 -7.29 30.32
CA ILE I 155 33.76 -5.93 29.97
C ILE I 155 34.22 -5.86 28.51
N TRP I 156 35.11 -6.76 28.10
CA TRP I 156 35.49 -6.87 26.71
C TRP I 156 34.27 -6.99 25.80
N ASP I 157 33.40 -7.94 26.12
CA ASP I 157 32.19 -8.21 25.35
C ASP I 157 31.27 -6.99 25.29
N ILE I 158 31.10 -6.32 26.43
CA ILE I 158 30.26 -5.13 26.50
C ILE I 158 30.80 -4.04 25.62
N ALA I 159 32.10 -3.78 25.78
CA ALA I 159 32.78 -2.78 24.99
C ALA I 159 32.76 -3.09 23.50
N SER I 160 33.01 -4.34 23.13
CA SER I 160 33.04 -4.74 21.72
C SER I 160 31.68 -4.59 21.04
N THR I 161 30.60 -4.87 21.76
CA THR I 161 29.23 -4.78 21.20
C THR I 161 28.83 -3.34 20.99
N ALA I 162 29.10 -2.48 21.97
CA ALA I 162 28.79 -1.03 21.86
C ALA I 162 29.58 -0.40 20.73
N ALA I 163 30.87 -0.77 20.69
CA ALA I 163 31.80 -0.30 19.67
C ALA I 163 31.30 -0.69 18.27
N PHE I 164 31.01 -1.98 18.09
CA PHE I 164 30.46 -2.50 16.86
C PHE I 164 29.23 -1.74 16.33
N PHE I 165 28.24 -1.42 17.17
CA PHE I 165 27.09 -0.65 16.71
C PHE I 165 27.34 0.81 16.52
N ASN I 166 28.45 1.33 17.03
CA ASN I 166 28.89 2.66 16.63
C ASN I 166 29.38 2.66 15.20
N MSE I 167 29.97 1.55 14.75
CA MSE I 167 30.24 1.36 13.33
C MSE I 167 29.00 1.11 12.48
O MSE I 167 28.80 1.78 11.50
CB MSE I 167 31.26 0.21 13.11
CG MSE I 167 31.49 -0.09 11.68
SE MSE I 167 32.80 -1.50 11.44
CE MSE I 167 32.91 -1.40 9.44
N SER I 168 28.19 0.14 12.88
CA SER I 168 26.98 -0.19 12.18
C SER I 168 26.09 1.00 11.93
N ASN I 169 25.82 1.78 12.97
CA ASN I 169 24.95 2.95 12.86
C ASN I 169 25.50 3.93 11.83
N ARG I 170 26.82 4.01 11.73
CA ARG I 170 27.41 4.98 10.80
C ARG I 170 27.44 4.51 9.34
N VAL I 171 27.56 3.22 9.11
CA VAL I 171 27.41 2.71 7.76
C VAL I 171 25.95 2.85 7.34
N ALA I 172 24.99 2.45 8.20
CA ALA I 172 23.54 2.66 7.88
C ALA I 172 23.16 4.12 7.59
N ALA I 173 23.61 5.03 8.44
CA ALA I 173 23.38 6.46 8.24
C ALA I 173 24.00 7.00 6.93
N ALA I 174 25.22 6.54 6.63
CA ALA I 174 25.98 7.09 5.51
C ALA I 174 25.26 6.84 4.24
N ILE I 175 24.68 5.63 4.11
CA ILE I 175 24.16 5.13 2.84
C ILE I 175 22.65 5.06 2.83
N ASP I 176 22.02 5.47 3.94
CA ASP I 176 20.57 5.47 4.15
C ASP I 176 19.97 4.07 3.99
N MSE I 177 20.55 3.14 4.72
CA MSE I 177 20.13 1.74 4.70
C MSE I 177 18.73 1.58 5.31
O MSE I 177 18.42 2.17 6.36
CB MSE I 177 21.16 0.85 5.42
CG MSE I 177 21.12 -0.65 5.02
SE MSE I 177 22.24 -1.62 6.33
CE MSE I 177 23.91 -1.62 5.35
N ARG I 178 17.92 0.78 4.63
CA ARG I 178 16.49 0.61 4.94
C ARG I 178 16.20 -0.77 5.53
N PRO I 179 15.63 -0.84 6.75
CA PRO I 179 15.33 -2.12 7.33
C PRO I 179 14.12 -2.74 6.67
N ASN I 180 14.05 -4.05 6.66
CA ASN I 180 12.86 -4.74 6.22
C ASN I 180 11.62 -4.28 6.93
N ASP I 181 10.56 -4.12 6.14
CA ASP I 181 9.29 -3.64 6.62
C ASP I 181 8.60 -4.60 7.58
N GLU I 182 8.92 -5.88 7.45
CA GLU I 182 8.37 -6.95 8.28
C GLU I 182 8.83 -6.82 9.76
N TYR I 183 9.95 -6.17 10.01
CA TYR I 183 10.34 -5.94 11.40
C TYR I 183 9.27 -5.16 12.18
N HIS I 184 8.61 -4.20 11.54
CA HIS I 184 7.74 -3.26 12.26
C HIS I 184 6.61 -3.94 13.02
N ALA I 185 5.96 -4.93 12.38
CA ALA I 185 4.86 -5.68 13.01
C ALA I 185 5.30 -6.86 13.90
N MSE I 186 6.59 -7.19 13.98
CA MSE I 186 7.01 -8.37 14.74
C MSE I 186 6.90 -8.18 16.23
O MSE I 186 7.21 -7.12 16.76
CB MSE I 186 8.47 -8.68 14.48
CG MSE I 186 8.73 -9.37 13.20
SE MSE I 186 10.62 -9.88 13.23
CE MSE I 186 10.69 -10.29 11.35
N ALA I 187 6.49 -9.24 16.92
CA ALA I 187 6.69 -9.33 18.34
C ALA I 187 6.04 -8.12 19.01
N ARG I 188 4.79 -7.88 18.62
CA ARG I 188 3.96 -6.82 19.18
C ARG I 188 2.93 -7.36 20.21
N GLY J 4 54.95 -3.83 28.47
CA GLY J 4 54.66 -5.30 28.56
C GLY J 4 53.20 -5.69 28.40
N LYS J 5 52.32 -5.04 29.16
CA LYS J 5 50.87 -5.29 29.10
C LYS J 5 50.26 -4.24 28.14
N ILE J 6 49.58 -4.74 27.13
CA ILE J 6 49.03 -3.87 26.07
C ILE J 6 47.60 -3.36 26.33
N SER J 7 46.91 -3.85 27.36
CA SER J 7 45.61 -3.30 27.75
C SER J 7 45.34 -3.39 29.24
N ALA J 8 44.33 -2.66 29.72
CA ALA J 8 43.88 -2.72 31.12
C ALA J 8 42.98 -3.91 31.48
N LEU J 9 42.71 -4.82 30.52
CA LEU J 9 41.96 -6.07 30.82
C LEU J 9 42.81 -7.37 30.96
N ASP J 10 42.34 -8.31 31.79
CA ASP J 10 42.94 -9.64 31.92
C ASP J 10 42.13 -10.71 31.20
N LEU J 11 42.50 -10.97 29.94
CA LEU J 11 41.78 -11.93 29.08
C LEU J 11 42.66 -13.12 28.72
N GLY J 14 46.34 -18.66 29.04
CA GLY J 14 47.75 -19.03 28.91
C GLY J 14 48.55 -18.20 27.89
N GLU J 15 49.64 -18.78 27.37
CA GLU J 15 50.50 -18.11 26.39
C GLU J 15 49.94 -18.18 24.95
N LEU J 16 50.52 -17.39 24.05
CA LEU J 16 50.12 -17.39 22.64
C LEU J 16 50.22 -18.79 22.07
N SER J 17 49.27 -19.16 21.21
CA SER J 17 49.29 -20.49 20.58
C SER J 17 50.38 -20.53 19.53
N GLU J 18 50.81 -21.74 19.17
CA GLU J 18 51.88 -21.89 18.19
C GLU J 18 51.51 -21.22 16.86
N PRO J 19 50.27 -21.39 16.39
CA PRO J 19 49.92 -20.74 15.13
C PRO J 19 50.09 -19.24 15.18
N THR J 20 49.55 -18.61 16.22
CA THR J 20 49.64 -17.17 16.44
C THR J 20 51.09 -16.70 16.53
N LYS J 21 51.93 -17.51 17.18
CA LYS J 21 53.37 -17.25 17.17
C LYS J 21 53.92 -17.29 15.75
N ALA J 22 53.57 -18.29 14.96
CA ALA J 22 54.06 -18.37 13.59
C ALA J 22 53.69 -17.09 12.89
N TYR J 23 52.49 -16.59 13.17
CA TYR J 23 51.93 -15.44 12.46
C TYR J 23 52.52 -14.11 12.93
N PHE J 24 52.85 -13.99 14.21
CA PHE J 24 53.49 -12.78 14.69
C PHE J 24 54.95 -12.72 14.23
N ALA J 25 55.55 -13.88 13.91
CA ALA J 25 56.91 -13.94 13.31
C ALA J 25 56.88 -13.40 11.88
N LYS J 26 55.84 -13.73 11.13
CA LYS J 26 55.59 -13.11 9.83
C LYS J 26 55.48 -11.59 9.95
N CYS J 27 54.73 -11.11 10.94
CA CYS J 27 54.62 -9.66 11.21
C CYS J 27 55.94 -9.02 11.51
N GLU J 28 56.71 -9.66 12.38
CA GLU J 28 58.02 -9.14 12.77
C GLU J 28 58.99 -9.01 11.56
N GLU J 29 58.90 -9.96 10.62
CA GLU J 29 59.68 -9.93 9.37
C GLU J 29 59.19 -8.87 8.36
N LYS J 30 57.87 -8.64 8.26
CA LYS J 30 57.37 -7.68 7.26
C LYS J 30 57.56 -6.28 7.81
N LEU J 31 56.83 -6.02 8.90
CA LEU J 31 56.86 -4.77 9.62
C LEU J 31 57.97 -5.08 10.59
N GLY J 32 58.50 -4.12 11.34
CA GLY J 32 59.58 -4.45 12.27
C GLY J 32 59.07 -4.80 13.65
N LEU J 33 57.79 -5.16 13.73
CA LEU J 33 57.10 -5.32 15.00
C LEU J 33 55.81 -6.11 14.85
N VAL J 34 55.15 -6.36 15.98
CA VAL J 34 53.79 -6.89 15.99
C VAL J 34 52.92 -5.76 16.49
N PRO J 35 52.05 -5.22 15.64
CA PRO J 35 51.09 -4.23 16.15
C PRO J 35 50.36 -4.68 17.46
N ASN J 36 50.38 -3.87 18.50
CA ASN J 36 49.77 -4.29 19.79
C ASN J 36 48.29 -4.66 19.72
N VAL J 37 47.57 -4.12 18.74
CA VAL J 37 46.17 -4.49 18.54
C VAL J 37 46.01 -5.98 18.32
N LEU J 38 46.91 -6.58 17.54
CA LEU J 38 46.90 -8.03 17.31
C LEU J 38 47.17 -8.81 18.60
N LYS J 39 48.09 -8.31 19.41
CA LYS J 39 48.33 -8.93 20.72
C LYS J 39 47.11 -8.82 21.63
N ALA J 40 46.33 -7.75 21.52
CA ALA J 40 45.10 -7.61 22.31
C ALA J 40 44.00 -8.64 21.93
N TYR J 41 43.88 -8.94 20.63
CA TYR J 41 42.90 -9.90 20.13
C TYR J 41 43.35 -11.34 20.31
N ALA J 42 44.64 -11.56 20.59
CA ALA J 42 45.25 -12.91 20.58
C ALA J 42 44.86 -13.82 21.75
N PHE J 43 44.05 -13.34 22.69
CA PHE J 43 43.42 -14.21 23.70
C PHE J 43 42.43 -15.18 23.05
N ASP J 44 42.06 -14.91 21.81
CA ASP J 44 41.18 -15.81 21.07
C ASP J 44 41.50 -15.72 19.58
N ASP J 45 42.14 -16.77 19.08
CA ASP J 45 42.62 -16.88 17.69
C ASP J 45 41.54 -16.67 16.62
N LYS J 46 40.31 -17.05 16.90
CA LYS J 46 39.20 -16.88 15.98
C LYS J 46 38.88 -15.40 15.83
N LYS J 47 38.86 -14.66 16.94
CA LYS J 47 38.66 -13.22 16.94
C LYS J 47 39.82 -12.51 16.27
N LEU J 48 41.04 -12.98 16.52
CA LEU J 48 42.23 -12.32 15.95
C LEU J 48 42.17 -12.40 14.43
N ARG J 49 41.92 -13.62 13.98
CA ARG J 49 41.86 -13.92 12.55
C ARG J 49 40.74 -13.14 11.87
N ALA J 50 39.61 -12.98 12.54
CA ALA J 50 38.51 -12.14 12.05
C ALA J 50 38.87 -10.65 11.99
N PHE J 51 39.70 -10.21 12.93
CA PHE J 51 40.09 -8.82 12.97
C PHE J 51 41.01 -8.50 11.80
N THR J 52 42.05 -9.32 11.65
CA THR J 52 43.05 -9.09 10.61
C THR J 52 42.41 -9.06 9.24
N ASP J 53 41.34 -9.85 9.06
CA ASP J 53 40.71 -10.01 7.77
C ASP J 53 39.84 -8.81 7.44
N ILE J 54 39.02 -8.34 8.38
CA ILE J 54 38.30 -7.09 8.15
C ILE J 54 39.31 -5.98 7.93
N TYR J 55 40.37 -5.97 8.73
CA TYR J 55 41.27 -4.82 8.73
C TYR J 55 41.96 -4.70 7.37
N ASN J 56 42.41 -5.84 6.86
CA ASN J 56 43.20 -5.91 5.66
C ASN J 56 42.35 -5.63 4.46
N ASP J 57 41.15 -6.16 4.45
CA ASP J 57 40.22 -5.87 3.34
C ASP J 57 39.87 -4.40 3.31
N LEU J 58 39.52 -3.84 4.47
CA LEU J 58 39.20 -2.43 4.54
C LEU J 58 40.40 -1.53 4.17
N MSE J 59 41.55 -1.78 4.78
CA MSE J 59 42.69 -0.85 4.64
C MSE J 59 43.58 -1.11 3.43
O MSE J 59 44.21 -0.18 2.92
CB MSE J 59 43.55 -0.83 5.89
CG MSE J 59 42.86 -0.30 7.08
SE MSE J 59 41.95 1.41 6.88
CE MSE J 59 43.47 2.62 6.93
N LEU J 60 43.67 -2.36 2.99
CA LEU J 60 44.58 -2.74 1.93
C LEU J 60 43.92 -3.30 0.68
N GLY J 61 42.62 -3.57 0.72
CA GLY J 61 41.91 -4.19 -0.39
C GLY J 61 41.62 -3.19 -1.49
N GLU J 62 41.26 -3.70 -2.68
CA GLU J 62 40.96 -2.84 -3.83
C GLU J 62 39.88 -1.83 -3.45
N SER J 63 40.05 -0.60 -3.94
CA SER J 63 39.14 0.49 -3.63
C SER J 63 39.54 1.68 -4.47
N GLY J 64 38.57 2.50 -4.85
CA GLY J 64 38.87 3.77 -5.50
C GLY J 64 39.76 4.66 -4.65
N LEU J 65 39.76 4.44 -3.34
CA LEU J 65 40.57 5.22 -2.37
C LEU J 65 41.94 4.61 -2.27
N SER J 66 42.94 5.49 -2.23
CA SER J 66 44.32 5.07 -2.06
C SER J 66 44.45 4.52 -0.64
N LYS J 67 45.48 3.75 -0.41
CA LYS J 67 45.87 3.35 0.95
C LYS J 67 46.02 4.57 1.85
N LEU J 68 46.65 5.64 1.36
CA LEU J 68 46.83 6.90 2.11
C LEU J 68 45.54 7.66 2.44
N ASP J 69 44.62 7.76 1.47
CA ASP J 69 43.26 8.30 1.68
C ASP J 69 42.62 7.65 2.90
N ARG J 70 42.67 6.33 2.93
CA ARG J 70 42.09 5.55 3.98
C ARG J 70 42.78 5.80 5.34
N GLU J 71 44.10 5.85 5.36
CA GLU J 71 44.82 6.18 6.60
C GLU J 71 44.58 7.62 7.05
N MSE J 72 44.32 8.51 6.09
CA MSE J 72 43.92 9.89 6.41
C MSE J 72 42.55 9.97 7.09
O MSE J 72 42.40 10.67 8.09
CB MSE J 72 43.98 10.80 5.18
CG MSE J 72 45.40 11.16 4.75
SE MSE J 72 45.43 12.13 3.04
CE MSE J 72 44.45 13.71 3.58
N ILE J 73 41.58 9.23 6.57
CA ILE J 73 40.28 9.11 7.26
C ILE J 73 40.45 8.59 8.71
N ALA J 74 41.29 7.57 8.88
CA ALA J 74 41.58 6.96 10.18
C ALA J 74 42.03 7.99 11.17
N VAL J 75 42.99 8.79 10.72
CA VAL J 75 43.60 9.79 11.57
C VAL J 75 42.64 10.92 11.92
N ALA J 76 41.84 11.37 10.96
CA ALA J 76 40.92 12.48 11.17
C ALA J 76 39.79 12.10 12.16
N VAL J 77 39.20 10.92 11.95
CA VAL J 77 38.26 10.33 12.87
C VAL J 77 38.84 10.15 14.30
N SER J 78 40.03 9.59 14.39
CA SER J 78 40.69 9.34 15.69
C SER J 78 41.04 10.65 16.38
N SER J 79 41.37 11.66 15.60
CA SER J 79 41.61 12.98 16.13
C SER J 79 40.36 13.51 16.85
N ILE J 80 39.21 13.38 16.21
CA ILE J 80 37.97 13.85 16.82
C ILE J 80 37.71 13.13 18.13
N ASN J 81 38.01 11.84 18.14
CA ASN J 81 37.68 10.96 19.26
C ASN J 81 38.77 10.90 20.31
N HIS J 82 39.84 11.66 20.07
CA HIS J 82 41.06 11.66 20.90
C HIS J 82 41.56 10.28 21.34
N CYS J 83 41.76 9.42 20.34
CA CYS J 83 42.22 8.06 20.52
C CYS J 83 43.72 7.94 20.37
N TYR J 84 44.37 7.78 21.52
CA TYR J 84 45.82 7.71 21.66
C TYR J 84 46.40 6.55 20.82
N TYR J 85 45.76 5.36 20.78
CA TYR J 85 46.28 4.20 20.06
C TYR J 85 46.34 4.47 18.57
N CYS J 86 45.19 4.89 18.02
CA CYS J 86 44.99 5.09 16.61
C CYS J 86 45.70 6.32 16.08
N LEU J 87 45.67 7.40 16.84
CA LEU J 87 46.49 8.57 16.46
C LEU J 87 47.98 8.21 16.36
N THR J 88 48.48 7.36 17.27
CA THR J 88 49.89 6.98 17.20
C THR J 88 50.22 6.08 16.00
N ALA J 89 49.48 4.98 15.88
CA ALA J 89 49.66 3.97 14.85
C ALA J 89 49.38 4.49 13.41
N HIS J 90 48.24 5.14 13.24
CA HIS J 90 47.84 5.60 11.91
C HIS J 90 48.44 6.93 11.52
N GLY J 91 48.81 7.73 12.51
CA GLY J 91 49.69 8.88 12.32
C GLY J 91 51.04 8.50 11.77
N ALA J 92 51.60 7.41 12.29
CA ALA J 92 52.85 6.86 11.77
C ALA J 92 52.67 6.41 10.32
N ALA J 93 51.54 5.76 10.05
CA ALA J 93 51.28 5.26 8.71
C ALA J 93 51.19 6.43 7.68
N VAL J 94 50.53 7.53 8.05
CA VAL J 94 50.45 8.72 7.19
C VAL J 94 51.81 9.33 6.84
N ARG J 95 52.67 9.49 7.85
CA ARG J 95 54.02 10.03 7.68
C ARG J 95 54.83 9.12 6.79
N GLN J 96 54.59 7.81 6.91
CA GLN J 96 55.35 6.79 6.16
C GLN J 96 54.90 6.71 4.72
N LEU J 97 53.60 6.58 4.49
CA LEU J 97 53.08 6.53 3.12
C LEU J 97 53.20 7.84 2.34
N SER J 98 53.17 8.97 3.02
CA SER J 98 53.20 10.28 2.35
C SER J 98 54.61 10.76 2.13
N GLY J 99 55.55 10.22 2.90
CA GLY J 99 56.89 10.78 2.96
C GLY J 99 56.95 12.19 3.55
N ASP J 100 55.90 12.62 4.26
CA ASP J 100 55.81 13.98 4.80
C ASP J 100 55.42 13.87 6.30
N PRO J 101 56.42 14.02 7.20
CA PRO J 101 56.17 14.08 8.64
C PRO J 101 55.11 15.13 9.05
N ALA J 102 55.18 16.33 8.47
CA ALA J 102 54.22 17.41 8.79
C ALA J 102 52.77 17.03 8.45
N LEU J 103 52.57 16.31 7.34
CA LEU J 103 51.22 15.95 6.95
C LEU J 103 50.56 15.11 8.04
N GLY J 104 51.31 14.15 8.57
CA GLY J 104 50.85 13.38 9.70
C GLY J 104 50.52 14.18 10.96
N GLU J 105 51.34 15.16 11.28
CA GLU J 105 51.08 15.99 12.45
C GLU J 105 49.78 16.74 12.22
N MSE J 106 49.64 17.30 11.04
CA MSE J 106 48.46 18.12 10.71
C MSE J 106 47.16 17.36 10.78
O MSE J 106 46.13 17.90 11.19
CB MSE J 106 48.65 18.73 9.33
CG MSE J 106 49.75 19.76 9.28
SE MSE J 106 50.14 20.32 7.45
CE MSE J 106 51.97 20.94 7.63
N LEU J 107 47.16 16.11 10.40
CA LEU J 107 45.95 15.34 10.46
C LEU J 107 45.64 14.90 11.89
N VAL J 108 46.67 14.59 12.69
CA VAL J 108 46.48 14.35 14.12
C VAL J 108 45.90 15.60 14.80
N MSE J 109 46.46 16.76 14.48
CA MSE J 109 46.11 17.99 15.17
C MSE J 109 44.90 18.75 14.59
O MSE J 109 43.95 18.98 15.31
CB MSE J 109 47.34 18.90 15.24
CG MSE J 109 48.52 18.30 16.00
SE MSE J 109 50.11 19.29 15.59
CE MSE J 109 51.43 18.29 16.58
N ASN J 110 44.92 19.12 13.32
CA ASN J 110 43.74 19.71 12.66
C ASN J 110 43.93 19.60 11.15
N PHE J 111 43.26 18.64 10.51
CA PHE J 111 43.46 18.51 9.04
C PHE J 111 43.14 19.78 8.28
N ARG J 112 42.36 20.69 8.90
CA ARG J 112 42.00 21.95 8.24
C ARG J 112 43.23 22.79 7.93
N ALA J 113 44.34 22.53 8.62
CA ALA J 113 45.63 23.19 8.38
C ALA J 113 46.45 22.63 7.23
N ALA J 114 46.03 21.50 6.68
CA ALA J 114 46.91 20.64 5.89
C ALA J 114 47.17 21.06 4.45
N ASP J 115 46.30 21.89 3.88
CA ASP J 115 46.48 22.34 2.48
C ASP J 115 46.12 21.18 1.53
N LEU J 116 44.91 20.66 1.66
CA LEU J 116 44.51 19.45 0.93
C LEU J 116 43.85 19.85 -0.38
N SER J 117 43.54 18.87 -1.22
CA SER J 117 42.74 19.12 -2.43
C SER J 117 41.26 19.23 -2.03
N PRO J 118 40.42 19.82 -2.91
CA PRO J 118 38.96 19.74 -2.71
C PRO J 118 38.43 18.30 -2.55
N ARG J 119 39.05 17.31 -3.19
CA ARG J 119 38.69 15.88 -3.03
C ARG J 119 38.99 15.36 -1.59
N GLN J 120 40.23 15.52 -1.13
CA GLN J 120 40.60 15.13 0.23
C GLN J 120 39.82 15.89 1.25
N THR J 121 39.56 17.16 1.00
CA THR J 121 38.76 17.96 1.96
C THR J 121 37.36 17.40 2.07
N ALA J 122 36.71 17.18 0.92
CA ALA J 122 35.34 16.68 0.92
C ALA J 122 35.21 15.36 1.70
N MSE J 123 36.09 14.42 1.39
CA MSE J 123 36.19 13.15 2.09
C MSE J 123 36.31 13.23 3.61
O MSE J 123 35.68 12.49 4.38
CB MSE J 123 37.45 12.45 1.56
CG MSE J 123 37.79 11.07 2.06
SE MSE J 123 39.42 10.46 1.11
CE MSE J 123 40.80 11.56 2.01
N LEU J 124 37.21 14.10 4.06
CA LEU J 124 37.47 14.24 5.48
C LEU J 124 36.36 15.01 6.14
N GLU J 125 35.75 15.98 5.44
CA GLU J 125 34.57 16.62 6.02
C GLU J 125 33.40 15.66 6.24
N PHE J 126 33.16 14.77 5.28
CA PHE J 126 32.11 13.77 5.48
C PHE J 126 32.40 12.89 6.69
N ALA J 127 33.66 12.47 6.82
CA ALA J 127 34.10 11.55 7.88
C ALA J 127 33.92 12.22 9.26
N VAL J 128 34.22 13.51 9.33
CA VAL J 128 33.99 14.30 10.54
C VAL J 128 32.52 14.31 10.88
N LYS J 129 31.68 14.55 9.87
CA LYS J 129 30.26 14.71 10.16
C LYS J 129 29.69 13.35 10.56
N LEU J 130 30.09 12.31 9.86
CA LEU J 130 29.71 10.95 10.24
C LEU J 130 30.16 10.57 11.67
N THR J 131 31.29 11.13 12.12
CA THR J 131 31.84 10.87 13.48
C THR J 131 31.13 11.67 14.59
N GLU J 132 31.00 12.98 14.36
CA GLU J 132 30.27 13.88 15.31
C GLU J 132 28.74 13.78 15.33
N GLU J 133 28.10 13.56 14.19
CA GLU J 133 26.63 13.60 14.10
C GLU J 133 26.02 12.73 13.00
N PRO J 134 26.19 11.42 13.14
CA PRO J 134 25.60 10.50 12.18
C PRO J 134 24.06 10.62 12.04
N ALA J 135 23.34 11.07 13.07
CA ALA J 135 21.90 11.25 12.96
C ALA J 135 21.51 12.26 11.86
N LYS J 136 22.44 13.16 11.52
CA LYS J 136 22.21 14.29 10.63
C LYS J 136 22.66 14.11 9.16
N ILE J 137 23.07 12.91 8.78
CA ILE J 137 23.53 12.70 7.41
C ILE J 137 22.32 12.65 6.51
N VAL J 138 22.42 13.33 5.38
CA VAL J 138 21.28 13.44 4.49
C VAL J 138 21.81 13.31 3.07
N GLU J 139 20.91 13.30 2.09
CA GLU J 139 21.30 13.12 0.70
C GLU J 139 22.30 14.18 0.24
N ALA J 140 22.17 15.39 0.75
CA ALA J 140 23.08 16.44 0.34
C ALA J 140 24.56 16.15 0.75
N ASP J 141 24.80 15.37 1.80
CA ASP J 141 26.18 15.02 2.20
C ASP J 141 26.75 14.05 1.17
N ARG J 142 25.94 13.11 0.71
CA ARG J 142 26.30 12.27 -0.42
C ARG J 142 26.48 13.00 -1.75
N ALA J 143 25.60 13.97 -2.09
CA ALA J 143 25.77 14.73 -3.33
C ALA J 143 27.07 15.54 -3.35
N ALA J 144 27.52 15.99 -2.17
CA ALA J 144 28.77 16.74 -2.08
C ALA J 144 30.01 15.89 -2.31
N LEU J 145 29.99 14.67 -1.80
CA LEU J 145 31.07 13.72 -2.08
C LEU J 145 31.14 13.44 -3.58
N ARG J 146 29.97 13.28 -4.23
CA ARG J 146 29.87 13.12 -5.69
C ARG J 146 30.38 14.32 -6.46
N LYS J 147 29.95 15.51 -6.07
CA LYS J 147 30.48 16.70 -6.69
C LYS J 147 32.00 16.70 -6.53
N ALA J 148 32.53 16.19 -5.41
CA ALA J 148 33.98 16.19 -5.17
C ALA J 148 34.79 15.17 -6.04
N GLY J 149 34.10 14.19 -6.63
CA GLY J 149 34.75 13.21 -7.52
C GLY J 149 34.85 11.81 -6.91
N PHE J 150 33.80 11.42 -6.20
CA PHE J 150 33.68 10.12 -5.62
C PHE J 150 32.52 9.37 -6.23
N SER J 151 32.72 8.07 -6.43
CA SER J 151 31.70 7.16 -6.93
C SER J 151 30.88 6.69 -5.75
N ASP J 152 29.77 6.01 -6.02
CA ASP J 152 28.99 5.39 -4.94
C ASP J 152 29.82 4.36 -4.13
N ARG J 153 30.65 3.62 -4.83
CA ARG J 153 31.50 2.61 -4.16
C ARG J 153 32.58 3.29 -3.29
N ASP J 154 33.07 4.44 -3.75
CA ASP J 154 33.97 5.30 -2.94
C ASP J 154 33.23 5.85 -1.72
N ILE J 155 31.94 6.19 -1.88
CA ILE J 155 31.14 6.62 -0.70
C ILE J 155 30.98 5.48 0.30
N TRP J 156 30.65 4.28 -0.18
CA TRP J 156 30.63 3.09 0.70
C TRP J 156 31.95 2.91 1.44
N ASP J 157 33.07 3.14 0.75
CA ASP J 157 34.41 2.89 1.33
C ASP J 157 34.81 3.98 2.30
N ILE J 158 34.44 5.23 2.02
CA ILE J 158 34.68 6.32 3.02
C ILE J 158 33.92 6.08 4.30
N ALA J 159 32.67 5.65 4.13
CA ALA J 159 31.74 5.50 5.22
C ALA J 159 32.20 4.33 6.08
N SER J 160 32.58 3.23 5.43
CA SER J 160 33.08 2.02 6.12
C SER J 160 34.40 2.26 6.83
N THR J 161 35.32 2.94 6.16
CA THR J 161 36.55 3.36 6.84
C THR J 161 36.31 4.22 8.07
N ALA J 162 35.51 5.28 7.94
CA ALA J 162 35.19 6.15 9.03
C ALA J 162 34.41 5.45 10.15
N ALA J 163 33.46 4.62 9.78
CA ALA J 163 32.68 3.88 10.77
C ALA J 163 33.57 2.89 11.53
N PHE J 164 34.49 2.23 10.81
CA PHE J 164 35.38 1.24 11.39
C PHE J 164 36.25 1.88 12.44
N PHE J 165 36.78 3.06 12.13
CA PHE J 165 37.54 3.76 13.15
C PHE J 165 36.73 4.34 14.29
N ASN J 166 35.44 4.56 14.11
CA ASN J 166 34.61 4.89 15.27
C ASN J 166 34.44 3.72 16.19
N MSE J 167 34.46 2.50 15.63
CA MSE J 167 34.54 1.27 16.38
C MSE J 167 35.90 1.02 17.06
O MSE J 167 35.96 0.72 18.26
CB MSE J 167 34.23 0.07 15.47
CG MSE J 167 34.34 -1.26 16.24
SE MSE J 167 33.90 -2.85 15.24
CE MSE J 167 33.67 -4.08 16.83
N SER J 168 36.96 1.06 16.26
CA SER J 168 38.32 0.84 16.74
C SER J 168 38.71 1.78 17.87
N ASN J 169 38.40 3.06 17.72
CA ASN J 169 38.64 4.08 18.73
C ASN J 169 37.99 3.69 20.09
N ARG J 170 36.73 3.26 20.02
CA ARG J 170 35.98 2.87 21.19
C ARG J 170 36.46 1.59 21.87
N VAL J 171 36.91 0.59 21.12
CA VAL J 171 37.56 -0.60 21.70
C VAL J 171 38.84 -0.18 22.39
N ALA J 172 39.68 0.60 21.69
CA ALA J 172 40.91 1.11 22.32
C ALA J 172 40.63 1.91 23.60
N ALA J 173 39.63 2.77 23.55
CA ALA J 173 39.35 3.66 24.69
C ALA J 173 38.89 2.79 25.86
N ALA J 174 38.05 1.80 25.55
CA ALA J 174 37.45 0.98 26.58
C ALA J 174 38.49 0.16 27.30
N ILE J 175 39.48 -0.35 26.61
CA ILE J 175 40.45 -1.27 27.25
C ILE J 175 41.80 -0.60 27.47
N ASP J 176 41.94 0.67 27.12
CA ASP J 176 43.18 1.38 27.33
C ASP J 176 44.28 0.65 26.57
N MSE J 177 44.05 0.38 25.30
CA MSE J 177 45.00 -0.32 24.48
C MSE J 177 46.18 0.62 24.19
O MSE J 177 45.98 1.79 23.94
CB MSE J 177 44.33 -0.78 23.19
CG MSE J 177 45.16 -1.73 22.32
SE MSE J 177 44.31 -1.80 20.60
CE MSE J 177 42.79 -2.87 21.21
N ARG J 178 47.39 0.09 24.22
CA ARG J 178 48.60 0.92 24.09
C ARG J 178 49.38 0.71 22.79
N PRO J 179 49.65 1.79 22.03
CA PRO J 179 50.35 1.69 20.75
C PRO J 179 51.79 1.25 20.95
N ASN J 180 52.38 0.64 19.93
CA ASN J 180 53.77 0.24 20.01
C ASN J 180 54.63 1.48 20.19
N ASP J 181 55.59 1.39 21.08
CA ASP J 181 56.49 2.49 21.39
C ASP J 181 57.32 2.85 20.17
N GLU J 182 57.64 1.85 19.35
CA GLU J 182 58.39 2.04 18.08
C GLU J 182 57.68 2.99 17.09
N TYR J 183 56.36 3.12 17.15
CA TYR J 183 55.61 4.05 16.28
C TYR J 183 55.95 5.51 16.42
N HIS J 184 56.39 5.91 17.60
CA HIS J 184 56.58 7.33 17.88
C HIS J 184 57.78 7.92 17.11
N ALA J 185 58.82 7.13 16.97
CA ALA J 185 60.07 7.55 16.36
C ALA J 185 60.09 7.42 14.82
N MSE J 186 59.15 6.65 14.26
CA MSE J 186 59.07 6.37 12.82
C MSE J 186 58.73 7.52 11.94
O MSE J 186 57.73 8.23 12.16
CB MSE J 186 57.94 5.40 12.55
CG MSE J 186 58.33 4.00 12.62
SE MSE J 186 56.81 2.89 12.26
CE MSE J 186 57.17 1.72 13.80
N ALA J 187 59.49 7.63 10.85
CA ALA J 187 59.13 8.49 9.75
C ALA J 187 58.96 9.91 10.25
N ARG J 188 60.02 10.43 10.87
CA ARG J 188 60.06 11.79 11.42
C ARG J 188 61.09 12.63 10.65
N GLY K 4 55.70 28.42 3.30
CA GLY K 4 56.39 29.74 3.18
C GLY K 4 55.72 30.81 4.01
N LYS K 5 54.39 30.90 3.92
CA LYS K 5 53.60 31.93 4.62
C LYS K 5 53.45 31.60 6.11
N ILE K 6 53.24 32.64 6.93
CA ILE K 6 53.03 32.49 8.37
C ILE K 6 51.56 32.72 8.78
N SER K 7 50.76 33.35 7.92
CA SER K 7 49.30 33.44 8.10
C SER K 7 48.57 33.48 6.77
N ALA K 8 47.25 33.38 6.86
CA ALA K 8 46.34 33.66 5.75
C ALA K 8 45.96 35.13 5.65
N LEU K 9 46.44 35.95 6.57
CA LEU K 9 46.20 37.41 6.55
C LEU K 9 47.41 38.22 5.99
N ASP K 10 47.11 39.29 5.25
CA ASP K 10 48.13 40.09 4.58
C ASP K 10 48.09 41.54 5.07
N GLU K 15 58.69 46.34 6.92
CA GLU K 15 60.11 46.07 7.14
C GLU K 15 60.47 46.13 8.62
N LEU K 16 60.58 44.96 9.27
CA LEU K 16 60.79 44.83 10.73
C LEU K 16 61.77 45.88 11.29
N SER K 17 61.49 46.40 12.48
CA SER K 17 62.24 47.55 13.05
C SER K 17 63.64 47.16 13.53
N GLU K 18 64.43 48.16 13.92
CA GLU K 18 65.76 47.90 14.49
C GLU K 18 65.69 47.22 15.86
N PRO K 19 64.78 47.68 16.76
CA PRO K 19 64.53 46.90 17.98
C PRO K 19 64.21 45.43 17.73
N THR K 20 63.18 45.18 16.92
CA THR K 20 62.67 43.83 16.66
C THR K 20 63.73 42.89 16.07
N LYS K 21 64.57 43.43 15.19
CA LYS K 21 65.61 42.65 14.51
C LYS K 21 66.71 42.16 15.45
N ALA K 22 67.11 42.99 16.40
CA ALA K 22 68.04 42.58 17.47
C ALA K 22 67.39 41.56 18.44
N TYR K 23 66.07 41.66 18.59
CA TYR K 23 65.33 40.67 19.35
C TYR K 23 65.33 39.32 18.63
N PHE K 24 65.04 39.34 17.34
CA PHE K 24 65.04 38.12 16.56
C PHE K 24 66.46 37.55 16.43
N ALA K 25 67.46 38.41 16.30
CA ALA K 25 68.86 38.00 16.45
C ALA K 25 69.06 37.26 17.79
N LYS K 26 68.47 37.79 18.85
CA LYS K 26 68.52 37.20 20.20
C LYS K 26 67.73 35.91 20.37
N CYS K 27 66.67 35.73 19.59
CA CYS K 27 65.89 34.46 19.59
C CYS K 27 66.71 33.32 19.00
N GLU K 28 67.00 33.44 17.71
CA GLU K 28 67.94 32.59 17.00
C GLU K 28 69.15 32.19 17.89
N GLU K 29 69.70 33.16 18.63
CA GLU K 29 70.80 32.87 19.55
C GLU K 29 70.43 31.89 20.69
N LYS K 30 69.20 32.00 21.19
CA LYS K 30 68.76 31.28 22.40
C LYS K 30 67.96 30.02 22.06
N LEU K 31 66.99 30.18 21.16
CA LEU K 31 66.31 29.06 20.53
C LEU K 31 67.19 28.75 19.30
N GLY K 32 66.71 27.98 18.35
CA GLY K 32 67.44 27.80 17.09
C GLY K 32 66.83 28.64 15.99
N LEU K 33 65.77 29.37 16.33
CA LEU K 33 64.88 29.92 15.32
C LEU K 33 64.30 31.23 15.84
N VAL K 34 63.32 31.75 15.12
CA VAL K 34 62.46 32.79 15.63
C VAL K 34 61.05 32.25 15.55
N PRO K 35 60.40 32.10 16.72
CA PRO K 35 59.04 31.58 16.73
C PRO K 35 58.11 32.45 15.89
N ASN K 36 57.32 31.79 15.06
CA ASN K 36 56.53 32.47 14.04
C ASN K 36 55.48 33.42 14.61
N VAL K 37 54.99 33.11 15.82
CA VAL K 37 54.05 33.98 16.56
C VAL K 37 54.63 35.38 16.78
N LEU K 38 55.93 35.48 16.99
CA LEU K 38 56.60 36.78 17.12
C LEU K 38 56.61 37.46 15.73
N LYS K 39 56.81 36.67 14.68
CA LYS K 39 56.79 37.19 13.30
C LYS K 39 55.42 37.72 12.94
N ALA K 40 54.36 37.01 13.30
CA ALA K 40 52.98 37.48 13.07
C ALA K 40 52.70 38.81 13.78
N TYR K 41 53.27 38.99 14.97
CA TYR K 41 53.07 40.19 15.75
C TYR K 41 54.06 41.27 15.41
N ALA K 42 55.04 40.97 14.57
CA ALA K 42 56.09 41.93 14.22
C ALA K 42 55.62 43.13 13.37
N PHE K 43 54.37 43.15 12.92
CA PHE K 43 53.84 44.33 12.21
C PHE K 43 53.47 45.51 13.14
N ASP K 44 53.63 45.32 14.45
CA ASP K 44 53.44 46.40 15.42
C ASP K 44 54.23 46.11 16.70
N ASP K 45 55.34 46.82 16.90
CA ASP K 45 56.20 46.63 18.06
C ASP K 45 55.47 46.75 19.40
N LYS K 46 54.45 47.61 19.45
CA LYS K 46 53.61 47.74 20.64
C LYS K 46 52.82 46.45 20.88
N LYS K 47 52.30 45.86 19.79
CA LYS K 47 51.60 44.59 19.89
C LYS K 47 52.58 43.46 20.20
N LEU K 48 53.70 43.42 19.50
CA LEU K 48 54.74 42.41 19.74
C LEU K 48 55.22 42.42 21.19
N ARG K 49 55.48 43.62 21.72
CA ARG K 49 55.91 43.79 23.11
C ARG K 49 54.86 43.31 24.08
N ALA K 50 53.62 43.77 23.90
CA ALA K 50 52.52 43.35 24.77
C ALA K 50 52.31 41.82 24.76
N PHE K 51 52.48 41.17 23.61
CA PHE K 51 52.44 39.71 23.54
C PHE K 51 53.59 39.11 24.36
N THR K 52 54.81 39.53 24.07
CA THR K 52 55.96 39.00 24.80
C THR K 52 55.87 39.28 26.30
N ASP K 53 55.34 40.45 26.67
CA ASP K 53 55.10 40.78 28.08
C ASP K 53 54.08 39.83 28.71
N ILE K 54 52.90 39.73 28.10
CA ILE K 54 51.83 38.87 28.64
C ILE K 54 52.35 37.47 28.80
N TYR K 55 53.15 37.04 27.82
CA TYR K 55 53.62 35.67 27.72
C TYR K 55 54.74 35.30 28.68
N ASN K 56 55.72 36.19 28.87
CA ASN K 56 56.84 35.88 29.76
C ASN K 56 56.36 35.80 31.20
N ASP K 57 55.57 36.78 31.58
CA ASP K 57 54.94 36.82 32.88
C ASP K 57 54.08 35.58 33.13
N LEU K 58 53.56 34.96 32.07
CA LEU K 58 52.71 33.77 32.22
C LEU K 58 53.44 32.43 32.06
N MSE K 59 54.66 32.41 31.52
CA MSE K 59 55.36 31.14 31.32
C MSE K 59 56.85 31.10 31.46
O MSE K 59 57.44 30.03 31.40
CB MSE K 59 55.01 30.53 29.98
CG MSE K 59 54.10 29.33 30.15
SE MSE K 59 52.58 29.42 28.99
CE MSE K 59 52.17 31.33 29.16
N LEU K 60 57.49 32.25 31.64
CA LEU K 60 58.88 32.22 32.02
C LEU K 60 59.10 32.83 33.40
N GLY K 61 58.02 33.26 34.08
CA GLY K 61 58.14 33.98 35.37
C GLY K 61 57.61 33.19 36.57
N GLU K 62 58.10 33.55 37.75
CA GLU K 62 57.70 32.98 39.07
C GLU K 62 56.29 32.34 39.19
N SER K 63 56.21 31.26 39.97
CA SER K 63 55.00 30.41 40.07
C SER K 63 55.24 29.18 40.96
N GLY K 64 54.16 28.60 41.47
CA GLY K 64 54.20 27.31 42.16
C GLY K 64 53.98 26.14 41.21
N LEU K 65 53.85 26.46 39.92
CA LEU K 65 53.86 25.48 38.84
C LEU K 65 55.20 25.60 38.09
N SER K 66 55.79 24.45 37.72
CA SER K 66 56.99 24.40 36.87
C SER K 66 56.63 24.79 35.45
N LYS K 67 57.64 24.93 34.59
CA LYS K 67 57.40 25.25 33.17
C LYS K 67 56.82 24.05 32.43
N LEU K 68 57.22 22.84 32.80
CA LEU K 68 56.58 21.63 32.27
C LEU K 68 55.10 21.56 32.68
N ASP K 69 54.76 21.90 33.93
CA ASP K 69 53.37 21.94 34.33
C ASP K 69 52.56 22.84 33.39
N ARG K 70 53.02 24.08 33.25
CA ARG K 70 52.42 25.04 32.36
C ARG K 70 52.38 24.57 30.90
N GLU K 71 53.43 23.87 30.45
CA GLU K 71 53.44 23.38 29.06
C GLU K 71 52.42 22.26 28.83
N MSE K 72 52.18 21.45 29.85
CA MSE K 72 51.18 20.38 29.76
C MSE K 72 49.77 20.94 29.74
O MSE K 72 48.96 20.47 28.95
CB MSE K 72 51.30 19.39 30.90
CG MSE K 72 52.48 18.48 30.78
SE MSE K 72 52.79 17.63 32.45
CE MSE K 72 51.70 16.08 32.33
N ILE K 73 49.49 21.89 30.62
CA ILE K 73 48.22 22.63 30.59
C ILE K 73 48.02 23.20 29.19
N ALA K 74 49.06 23.85 28.66
CA ALA K 74 48.97 24.48 27.35
C ALA K 74 48.56 23.50 26.24
N VAL K 75 49.12 22.30 26.26
CA VAL K 75 48.90 21.31 25.21
C VAL K 75 47.54 20.64 25.37
N ALA K 76 47.15 20.39 26.63
CA ALA K 76 45.88 19.76 26.91
C ALA K 76 44.76 20.72 26.48
N VAL K 77 44.89 22.03 26.72
CA VAL K 77 43.93 22.99 26.19
C VAL K 77 43.92 22.99 24.66
N SER K 78 45.10 23.01 24.05
CA SER K 78 45.22 23.02 22.58
C SER K 78 44.71 21.74 21.93
N SER K 79 44.75 20.63 22.66
CA SER K 79 44.19 19.35 22.24
C SER K 79 42.67 19.43 22.20
N ILE K 80 42.05 19.96 23.26
CA ILE K 80 40.60 20.16 23.24
C ILE K 80 40.24 21.04 22.04
N ASN K 81 40.99 22.11 21.81
CA ASN K 81 40.66 23.10 20.78
C ASN K 81 41.13 22.75 19.36
N HIS K 82 41.90 21.69 19.22
CA HIS K 82 42.50 21.26 17.94
C HIS K 82 43.29 22.38 17.24
N CYS K 83 44.21 22.96 18.00
CA CYS K 83 45.08 24.06 17.53
C CYS K 83 46.43 23.54 16.99
N TYR K 84 46.56 23.56 15.66
CA TYR K 84 47.74 23.05 14.99
C TYR K 84 49.02 23.75 15.46
N TYR K 85 48.98 25.08 15.62
CA TYR K 85 50.16 25.84 16.00
C TYR K 85 50.66 25.46 17.38
N CYS K 86 49.72 25.40 18.32
CA CYS K 86 50.07 25.29 19.73
C CYS K 86 50.38 23.86 20.12
N LEU K 87 49.67 22.92 19.49
CA LEU K 87 50.03 21.50 19.69
C LEU K 87 51.43 21.21 19.17
N THR K 88 51.79 21.87 18.09
CA THR K 88 53.11 21.72 17.47
C THR K 88 54.23 22.36 18.30
N ALA K 89 54.05 23.64 18.67
CA ALA K 89 55.04 24.39 19.41
C ALA K 89 55.16 23.87 20.83
N HIS K 90 54.03 23.71 21.51
CA HIS K 90 54.09 23.36 22.91
C HIS K 90 54.29 21.87 23.13
N GLY K 91 53.94 21.08 22.12
CA GLY K 91 54.27 19.66 22.14
C GLY K 91 55.76 19.45 22.06
N ALA K 92 56.44 20.26 21.24
CA ALA K 92 57.90 20.21 21.17
C ALA K 92 58.51 20.52 22.54
N ALA K 93 57.87 21.45 23.28
CA ALA K 93 58.30 21.85 24.62
C ALA K 93 58.15 20.80 25.71
N VAL K 94 57.05 20.07 25.71
CA VAL K 94 56.84 19.00 26.70
C VAL K 94 57.83 17.87 26.43
N ARG K 95 58.08 17.60 25.14
CA ARG K 95 59.10 16.62 24.71
C ARG K 95 60.50 17.05 25.14
N GLN K 96 60.84 18.32 24.89
CA GLN K 96 62.14 18.89 25.23
C GLN K 96 62.32 18.92 26.76
N LEU K 97 61.33 19.43 27.47
CA LEU K 97 61.43 19.59 28.94
C LEU K 97 61.40 18.24 29.66
N SER K 98 60.51 17.35 29.26
CA SER K 98 60.37 16.06 29.95
C SER K 98 61.45 15.04 29.62
N GLY K 99 62.09 15.19 28.47
CA GLY K 99 63.02 14.18 27.94
C GLY K 99 62.34 12.97 27.30
N ASP K 100 61.01 13.01 27.23
CA ASP K 100 60.17 11.82 27.03
C ASP K 100 59.26 12.07 25.85
N PRO K 101 59.68 11.67 24.63
CA PRO K 101 58.90 12.04 23.44
C PRO K 101 57.46 11.48 23.39
N ALA K 102 57.18 10.38 24.10
CA ALA K 102 55.84 9.77 24.17
C ALA K 102 54.91 10.57 25.06
N LEU K 103 55.46 11.26 26.07
CA LEU K 103 54.64 12.13 26.92
C LEU K 103 54.11 13.28 26.09
N GLY K 104 54.94 13.82 25.19
CA GLY K 104 54.50 14.89 24.29
C GLY K 104 53.28 14.41 23.53
N GLU K 105 53.37 13.19 23.03
CA GLU K 105 52.33 12.69 22.13
C GLU K 105 51.04 12.46 22.90
N MSE K 106 51.16 11.71 23.98
CA MSE K 106 50.02 11.42 24.84
C MSE K 106 49.27 12.68 25.22
O MSE K 106 48.02 12.71 25.20
CB MSE K 106 50.46 10.70 26.11
CG MSE K 106 50.98 9.34 25.85
SE MSE K 106 51.61 8.56 27.44
CE MSE K 106 52.68 7.09 26.72
N LEU K 107 49.99 13.73 25.57
CA LEU K 107 49.30 14.98 25.92
C LEU K 107 48.65 15.63 24.71
N VAL K 108 49.30 15.55 23.55
CA VAL K 108 48.69 16.10 22.36
C VAL K 108 47.47 15.29 21.95
N MSE K 109 47.51 13.98 22.17
CA MSE K 109 46.43 13.08 21.74
C MSE K 109 45.33 12.88 22.79
O MSE K 109 44.14 13.08 22.50
CB MSE K 109 47.01 11.73 21.30
CG MSE K 109 47.99 11.89 20.13
SE MSE K 109 49.06 10.34 19.84
CE MSE K 109 50.11 10.97 18.28
N ASN K 110 45.72 12.40 23.97
CA ASN K 110 44.78 12.27 25.10
C ASN K 110 45.56 12.09 26.39
N PHE K 111 45.58 13.15 27.21
CA PHE K 111 46.38 13.19 28.45
C PHE K 111 45.95 12.09 29.42
N ARG K 112 44.69 11.67 29.31
CA ARG K 112 44.19 10.59 30.13
C ARG K 112 44.94 9.27 29.90
N ALA K 113 45.72 9.23 28.81
CA ALA K 113 46.53 8.05 28.45
C ALA K 113 47.87 8.08 29.12
N ALA K 114 48.32 9.23 29.63
CA ALA K 114 49.59 9.32 30.37
C ALA K 114 49.37 8.94 31.83
N ASP K 115 50.42 8.38 32.42
CA ASP K 115 50.30 7.83 33.75
C ASP K 115 50.76 8.89 34.76
N LEU K 116 49.97 9.96 34.87
CA LEU K 116 50.32 11.18 35.62
C LEU K 116 50.12 11.07 37.13
N SER K 117 50.69 12.04 37.86
CA SER K 117 50.49 12.16 39.31
C SER K 117 49.09 12.65 39.60
N PRO K 118 48.57 12.35 40.81
CA PRO K 118 47.26 12.86 41.27
C PRO K 118 47.15 14.37 41.10
N ARG K 119 48.23 15.07 41.39
CA ARG K 119 48.28 16.54 41.32
C ARG K 119 48.20 17.06 39.87
N GLN K 120 48.98 16.44 38.99
CA GLN K 120 48.92 16.76 37.56
C GLN K 120 47.57 16.40 36.94
N THR K 121 47.01 15.27 37.33
CA THR K 121 45.66 14.92 36.86
C THR K 121 44.66 15.98 37.28
N ALA K 122 44.67 16.31 38.57
CA ALA K 122 43.75 17.33 39.13
C ALA K 122 43.89 18.66 38.42
N MSE K 123 45.11 19.01 38.08
CA MSE K 123 45.43 20.27 37.42
C MSE K 123 44.84 20.30 36.01
O MSE K 123 44.16 21.25 35.65
CB MSE K 123 46.94 20.42 37.39
CG MSE K 123 47.52 21.60 36.62
SE MSE K 123 49.51 21.47 36.53
CE MSE K 123 49.65 20.16 35.08
N LEU K 124 45.10 19.24 35.25
CA LEU K 124 44.64 19.11 33.86
C LEU K 124 43.11 19.01 33.76
N GLU K 125 42.49 18.22 34.65
CA GLU K 125 41.01 18.14 34.77
C GLU K 125 40.39 19.51 34.93
N PHE K 126 40.98 20.36 35.75
CA PHE K 126 40.46 21.73 35.88
C PHE K 126 40.62 22.54 34.62
N ALA K 127 41.74 22.34 33.93
CA ALA K 127 42.00 23.05 32.65
C ALA K 127 40.98 22.69 31.57
N VAL K 128 40.59 21.43 31.57
CA VAL K 128 39.62 20.88 30.65
C VAL K 128 38.24 21.47 30.90
N LYS K 129 37.77 21.38 32.13
CA LYS K 129 36.51 22.03 32.49
C LYS K 129 36.53 23.50 32.08
N LEU K 130 37.60 24.22 32.42
CA LEU K 130 37.64 25.66 32.15
C LEU K 130 37.63 25.94 30.65
N THR K 131 38.18 24.99 29.90
CA THR K 131 38.22 25.07 28.44
C THR K 131 36.87 24.72 27.82
N GLU K 132 36.20 23.68 28.31
CA GLU K 132 34.95 23.21 27.68
C GLU K 132 33.70 23.87 28.18
N GLU K 133 33.65 24.18 29.46
CA GLU K 133 32.46 24.75 30.07
C GLU K 133 32.77 25.68 31.23
N PRO K 134 33.33 26.86 30.90
CA PRO K 134 33.70 27.87 31.90
C PRO K 134 32.48 28.45 32.62
N ALA K 135 31.33 28.41 31.95
CA ALA K 135 30.06 28.77 32.56
C ALA K 135 29.78 27.97 33.82
N LYS K 136 30.28 26.74 33.89
CA LYS K 136 29.91 25.82 34.97
C LYS K 136 30.93 25.64 36.10
N ILE K 137 32.05 26.35 36.06
CA ILE K 137 33.02 26.30 37.15
C ILE K 137 32.33 26.70 38.43
N VAL K 138 32.51 25.90 39.48
CA VAL K 138 31.93 26.21 40.77
C VAL K 138 32.97 26.05 41.90
N GLU K 139 32.59 26.40 43.12
CA GLU K 139 33.51 26.34 44.27
C GLU K 139 34.16 24.96 44.44
N ALA K 140 33.41 23.90 44.15
CA ALA K 140 33.90 22.53 44.31
C ALA K 140 35.02 22.15 43.32
N ASP K 141 35.11 22.89 42.23
CA ASP K 141 36.21 22.75 41.27
C ASP K 141 37.57 23.18 41.87
N ARG K 142 37.54 24.24 42.67
CA ARG K 142 38.72 24.73 43.40
C ARG K 142 39.01 23.93 44.64
N ALA K 143 37.96 23.44 45.30
CA ALA K 143 38.14 22.56 46.46
C ALA K 143 38.80 21.25 46.03
N ALA K 144 38.61 20.84 44.77
CA ALA K 144 39.33 19.68 44.20
C ALA K 144 40.82 19.96 43.99
N LEU K 145 41.15 21.21 43.62
CA LEU K 145 42.55 21.63 43.49
C LEU K 145 43.22 21.76 44.86
N ARG K 146 42.50 22.32 45.83
CA ARG K 146 43.00 22.43 47.18
C ARG K 146 43.35 21.06 47.73
N LYS K 147 42.45 20.09 47.56
CA LYS K 147 42.74 18.70 47.97
C LYS K 147 43.98 18.14 47.28
N ALA K 148 44.16 18.44 46.00
CA ALA K 148 45.30 17.96 45.22
C ALA K 148 46.61 18.62 45.70
N GLY K 149 46.48 19.60 46.60
CA GLY K 149 47.60 20.20 47.30
C GLY K 149 47.99 21.55 46.76
N PHE K 150 47.09 22.18 46.02
CA PHE K 150 47.41 23.44 45.36
C PHE K 150 47.12 24.63 46.25
N SER K 151 47.94 25.67 46.14
CA SER K 151 47.70 26.90 46.89
C SER K 151 46.77 27.73 46.05
N ASP K 152 46.23 28.79 46.64
CA ASP K 152 45.31 29.65 45.90
C ASP K 152 46.07 30.42 44.83
N ARG K 153 47.36 30.67 45.06
CA ARG K 153 48.20 31.30 44.05
C ARG K 153 48.41 30.32 42.88
N ASP K 154 48.48 29.04 43.21
CA ASP K 154 48.61 28.00 42.21
C ASP K 154 47.32 27.84 41.41
N ILE K 155 46.17 27.94 42.06
CA ILE K 155 44.89 27.94 41.37
C ILE K 155 44.88 29.08 40.35
N TRP K 156 45.29 30.25 40.79
CA TRP K 156 45.33 31.41 39.91
C TRP K 156 46.24 31.13 38.74
N ASP K 157 47.40 30.58 39.03
CA ASP K 157 48.39 30.27 37.99
C ASP K 157 47.84 29.26 36.98
N ILE K 158 47.23 28.19 37.47
CA ILE K 158 46.62 27.15 36.60
C ILE K 158 45.51 27.76 35.72
N ALA K 159 44.70 28.62 36.32
CA ALA K 159 43.55 29.22 35.66
C ALA K 159 43.97 30.17 34.55
N SER K 160 45.06 30.89 34.81
CA SER K 160 45.59 31.91 33.91
C SER K 160 46.25 31.30 32.70
N THR K 161 47.12 30.32 32.95
CA THR K 161 47.71 29.54 31.86
C THR K 161 46.61 28.92 30.97
N ALA K 162 45.77 28.08 31.57
CA ALA K 162 44.62 27.54 30.85
C ALA K 162 43.91 28.67 30.08
N ALA K 163 43.48 29.71 30.78
CA ALA K 163 42.73 30.82 30.16
C ALA K 163 43.46 31.40 28.96
N PHE K 164 44.77 31.60 29.11
CA PHE K 164 45.66 32.16 28.09
C PHE K 164 45.70 31.36 26.81
N PHE K 165 45.79 30.04 26.92
CA PHE K 165 45.90 29.25 25.73
C PHE K 165 44.57 29.16 25.00
N ASN K 166 43.49 29.47 25.71
CA ASN K 166 42.19 29.61 25.04
C ASN K 166 42.15 30.82 24.14
N MSE K 167 42.92 31.86 24.48
CA MSE K 167 43.07 33.02 23.60
C MSE K 167 44.08 32.69 22.51
O MSE K 167 43.82 32.93 21.33
CB MSE K 167 43.49 34.26 24.40
CG MSE K 167 43.96 35.41 23.52
SE MSE K 167 44.47 37.02 24.50
CE MSE K 167 44.29 38.23 22.98
N SER K 168 45.23 32.12 22.89
CA SER K 168 46.25 31.76 21.89
C SER K 168 45.67 30.89 20.77
N ASN K 169 45.03 29.79 21.15
CA ASN K 169 44.39 28.87 20.23
C ASN K 169 43.47 29.58 19.26
N ARG K 170 42.73 30.58 19.74
CA ARG K 170 41.72 31.23 18.93
C ARG K 170 42.34 32.22 17.95
N VAL K 171 43.39 32.92 18.38
CA VAL K 171 44.18 33.81 17.51
C VAL K 171 44.78 33.02 16.31
N ALA K 172 45.50 31.94 16.64
CA ALA K 172 46.13 31.04 15.65
C ALA K 172 45.13 30.42 14.68
N ALA K 173 43.95 30.06 15.19
CA ALA K 173 42.95 29.40 14.37
C ALA K 173 42.27 30.41 13.45
N ALA K 174 41.91 31.58 13.99
CA ALA K 174 41.23 32.63 13.25
C ALA K 174 42.01 33.13 12.03
N ILE K 175 43.32 33.34 12.18
CA ILE K 175 44.20 33.84 11.10
C ILE K 175 44.94 32.74 10.33
N ASP K 176 44.85 31.49 10.81
CA ASP K 176 45.62 30.34 10.26
C ASP K 176 47.17 30.49 10.41
N MSE K 177 47.60 30.72 11.65
CA MSE K 177 49.00 30.94 11.93
C MSE K 177 49.77 29.62 11.85
O MSE K 177 49.28 28.60 12.30
CB MSE K 177 49.15 31.57 13.31
CG MSE K 177 50.56 31.92 13.71
SE MSE K 177 50.64 32.37 15.59
CE MSE K 177 49.54 33.99 15.46
N ARG K 178 50.99 29.69 11.32
CA ARG K 178 51.80 28.50 10.98
C ARG K 178 52.98 28.22 11.91
N PRO K 179 52.99 27.06 12.56
CA PRO K 179 54.13 26.82 13.47
C PRO K 179 55.45 26.62 12.69
N ASN K 180 56.59 26.83 13.34
CA ASN K 180 57.85 26.62 12.65
C ASN K 180 58.05 25.14 12.29
N ASP K 181 58.62 24.90 11.11
CA ASP K 181 58.79 23.55 10.56
C ASP K 181 59.78 22.71 11.38
N GLU K 182 60.73 23.40 12.01
CA GLU K 182 61.70 22.79 12.90
C GLU K 182 61.08 22.11 14.10
N TYR K 183 59.91 22.58 14.50
CA TYR K 183 59.25 22.04 15.69
C TYR K 183 58.91 20.56 15.55
N HIS K 184 58.57 20.15 14.34
CA HIS K 184 58.12 18.79 14.08
C HIS K 184 59.22 17.74 14.40
N ALA K 185 60.48 18.04 14.10
CA ALA K 185 61.57 17.06 14.20
C ALA K 185 62.32 17.07 15.55
N MSE K 186 62.03 18.07 16.38
CA MSE K 186 62.72 18.28 17.67
C MSE K 186 62.36 17.25 18.71
O MSE K 186 61.20 16.84 18.83
CB MSE K 186 62.29 19.62 18.26
CG MSE K 186 62.88 20.83 17.59
SE MSE K 186 62.56 22.44 18.63
CE MSE K 186 62.12 23.66 17.16
N ALA K 187 63.37 16.86 19.50
CA ALA K 187 63.13 16.04 20.68
C ALA K 187 62.23 14.81 20.40
N ARG K 188 62.59 14.06 19.35
CA ARG K 188 61.97 12.78 19.08
C ARG K 188 62.92 11.68 19.54
N GLY L 4 30.75 41.60 49.77
CA GLY L 4 31.60 40.47 49.29
C GLY L 4 33.10 40.75 49.30
N LYS L 5 33.82 40.10 48.38
CA LYS L 5 35.24 40.34 48.13
C LYS L 5 35.42 40.41 46.61
N ILE L 6 36.64 40.66 46.13
CA ILE L 6 36.91 40.71 44.68
C ILE L 6 36.78 39.33 44.04
N SER L 7 37.24 38.28 44.72
CA SER L 7 37.28 36.92 44.16
C SER L 7 37.02 35.89 45.25
N ALA L 8 37.20 34.60 44.92
CA ALA L 8 37.07 33.51 45.89
C ALA L 8 38.41 32.93 46.33
N LEU L 9 39.52 33.61 46.04
CA LEU L 9 40.83 33.05 46.38
C LEU L 9 41.46 33.67 47.66
N ASP L 10 42.55 34.42 47.54
CA ASP L 10 43.29 34.91 48.71
C ASP L 10 44.52 35.66 48.22
N GLU L 15 48.53 46.97 51.34
CA GLU L 15 49.20 46.10 50.37
C GLU L 15 49.75 46.88 49.16
N LEU L 16 48.85 47.28 48.25
CA LEU L 16 49.21 47.76 46.90
C LEU L 16 50.34 48.82 46.86
N SER L 17 51.12 48.79 45.78
CA SER L 17 52.25 49.69 45.58
C SER L 17 51.81 51.11 45.23
N GLU L 18 52.69 52.08 45.51
CA GLU L 18 52.44 53.50 45.23
C GLU L 18 52.09 53.76 43.76
N PRO L 19 52.96 53.35 42.80
CA PRO L 19 52.65 53.55 41.37
C PRO L 19 51.24 53.15 40.95
N THR L 20 50.76 52.01 41.45
CA THR L 20 49.39 51.52 41.22
C THR L 20 48.33 52.13 42.18
N LYS L 21 48.76 52.70 43.30
CA LYS L 21 47.85 53.45 44.17
C LYS L 21 47.42 54.76 43.49
N ALA L 22 48.39 55.44 42.87
CA ALA L 22 48.09 56.62 42.04
C ALA L 22 47.13 56.19 40.89
N TYR L 23 47.54 55.10 40.23
CA TYR L 23 46.74 54.59 39.12
C TYR L 23 45.30 54.42 39.54
N PHE L 24 45.11 53.90 40.77
CA PHE L 24 43.76 53.61 41.30
C PHE L 24 42.99 54.89 41.62
N ALA L 25 43.71 55.90 42.09
CA ALA L 25 43.16 57.23 42.22
C ALA L 25 42.77 57.75 40.84
N LYS L 26 43.75 57.66 39.89
CA LYS L 26 43.55 58.18 38.54
C LYS L 26 42.29 57.58 37.90
N CYS L 27 42.07 56.27 38.13
CA CYS L 27 40.89 55.56 37.66
C CYS L 27 39.64 56.28 38.08
N GLU L 28 39.44 56.30 39.45
CA GLU L 28 38.42 57.14 40.07
C GLU L 28 38.06 58.32 39.14
N GLU L 29 38.96 59.29 39.04
CA GLU L 29 38.73 60.54 38.30
C GLU L 29 38.18 60.33 36.88
N LYS L 30 38.71 59.33 36.18
CA LYS L 30 38.38 59.08 34.76
C LYS L 30 37.05 58.36 34.58
N LEU L 31 36.89 57.23 35.27
CA LEU L 31 35.66 56.43 35.21
C LEU L 31 34.76 56.96 36.35
N GLY L 32 34.37 56.13 37.31
CA GLY L 32 33.86 56.68 38.59
C GLY L 32 34.23 55.76 39.73
N LEU L 33 35.17 54.88 39.45
CA LEU L 33 35.39 53.71 40.28
C LEU L 33 36.74 53.18 39.84
N VAL L 34 37.23 52.19 40.61
CA VAL L 34 38.38 51.37 40.19
C VAL L 34 37.83 49.99 39.83
N PRO L 35 38.00 49.59 38.55
CA PRO L 35 37.50 48.27 38.14
C PRO L 35 38.05 47.15 39.03
N ASN L 36 37.18 46.30 39.53
CA ASN L 36 37.58 45.22 40.41
C ASN L 36 38.58 44.25 39.80
N VAL L 37 38.66 44.20 38.46
CA VAL L 37 39.67 43.39 37.76
C VAL L 37 41.07 43.90 38.01
N LEU L 38 41.23 45.21 37.95
CA LEU L 38 42.52 45.83 38.21
C LEU L 38 42.89 45.55 39.65
N LYS L 39 41.90 45.62 40.54
CA LYS L 39 42.10 45.29 41.96
C LYS L 39 42.47 43.83 42.13
N ALA L 40 41.85 42.97 41.32
CA ALA L 40 42.16 41.53 41.28
C ALA L 40 43.62 41.23 40.84
N TYR L 41 44.07 41.94 39.81
CA TYR L 41 45.48 41.90 39.32
C TYR L 41 46.47 42.82 40.07
N ALA L 42 46.03 43.49 41.14
CA ALA L 42 46.90 44.41 41.89
C ALA L 42 47.91 43.66 42.73
N PHE L 43 47.72 42.37 42.96
CA PHE L 43 48.69 41.56 43.72
C PHE L 43 50.09 41.51 43.06
N ASP L 44 50.17 41.83 41.77
CA ASP L 44 51.46 42.03 41.09
C ASP L 44 51.37 43.18 40.06
N ASP L 45 52.27 44.16 40.17
CA ASP L 45 52.32 45.31 39.25
C ASP L 45 52.62 44.93 37.78
N LYS L 46 53.50 43.94 37.58
CA LYS L 46 53.77 43.39 36.24
C LYS L 46 52.53 42.68 35.67
N LYS L 47 51.80 42.01 36.55
CA LYS L 47 50.55 41.34 36.19
C LYS L 47 49.50 42.38 35.83
N LEU L 48 49.42 43.41 36.67
CA LEU L 48 48.50 44.51 36.42
C LEU L 48 48.91 45.24 35.14
N ARG L 49 50.22 45.49 35.00
CA ARG L 49 50.76 46.21 33.85
C ARG L 49 50.48 45.52 32.51
N ALA L 50 50.89 44.26 32.38
CA ALA L 50 50.69 43.51 31.14
C ALA L 50 49.23 43.56 30.73
N PHE L 51 48.38 43.16 31.66
CA PHE L 51 46.92 43.20 31.50
C PHE L 51 46.45 44.52 30.89
N THR L 52 46.91 45.61 31.52
CA THR L 52 46.52 46.96 31.17
C THR L 52 47.03 47.33 29.78
N ASP L 53 48.25 46.88 29.45
CA ASP L 53 48.83 47.13 28.13
C ASP L 53 47.94 46.47 27.07
N ILE L 54 47.69 45.18 27.25
CA ILE L 54 46.88 44.37 26.34
C ILE L 54 45.46 44.92 26.17
N TYR L 55 44.82 45.21 27.30
CA TYR L 55 43.48 45.82 27.30
C TYR L 55 43.42 47.15 26.55
N ASN L 56 44.30 48.06 26.92
CA ASN L 56 44.31 49.38 26.30
C ASN L 56 44.61 49.38 24.80
N ASP L 57 45.62 48.62 24.39
CA ASP L 57 45.86 48.37 22.96
C ASP L 57 44.61 47.82 22.25
N LEU L 58 43.98 46.81 22.83
CA LEU L 58 42.95 46.09 22.10
C LEU L 58 41.62 46.85 22.04
N MSE L 59 41.27 47.52 23.13
CA MSE L 59 39.95 48.18 23.25
C MSE L 59 39.97 49.65 22.84
O MSE L 59 38.96 50.18 22.39
CB MSE L 59 39.41 48.08 24.68
CG MSE L 59 39.33 46.65 25.23
SE MSE L 59 38.31 45.49 24.09
CE MSE L 59 36.56 46.38 24.23
N LEU L 60 41.12 50.31 23.00
CA LEU L 60 41.19 51.75 22.76
C LEU L 60 42.15 52.21 21.63
N GLY L 61 43.13 51.37 21.30
CA GLY L 61 44.08 51.74 20.23
C GLY L 61 43.47 51.69 18.83
N GLU L 62 44.13 52.38 17.89
CA GLU L 62 43.61 52.58 16.52
C GLU L 62 43.17 51.29 15.83
N SER L 63 42.09 51.38 15.06
CA SER L 63 41.54 50.24 14.33
C SER L 63 40.43 50.65 13.35
N GLY L 64 40.19 49.81 12.35
CA GLY L 64 39.05 49.95 11.44
C GLY L 64 37.75 49.50 12.08
N LEU L 65 37.83 48.91 13.28
CA LEU L 65 36.67 48.76 14.13
C LEU L 65 36.50 50.06 14.89
N SER L 66 35.31 50.29 15.44
CA SER L 66 35.11 51.37 16.40
C SER L 66 35.36 50.81 17.80
N LYS L 67 35.45 51.71 18.79
CA LYS L 67 35.63 51.29 20.19
C LYS L 67 34.38 50.53 20.73
N LEU L 68 33.18 50.95 20.30
CA LEU L 68 31.92 50.23 20.54
C LEU L 68 31.89 48.84 19.87
N ASP L 69 32.61 48.70 18.76
CA ASP L 69 32.70 47.40 18.05
C ASP L 69 33.44 46.39 18.89
N ARG L 70 34.54 46.82 19.50
CA ARG L 70 35.26 45.97 20.44
C ARG L 70 34.43 45.71 21.71
N GLU L 71 33.67 46.71 22.19
CA GLU L 71 32.81 46.45 23.33
C GLU L 71 31.74 45.42 23.00
N MSE L 72 31.14 45.52 21.82
CA MSE L 72 30.09 44.59 21.40
C MSE L 72 30.64 43.14 21.27
O MSE L 72 29.93 42.17 21.62
CB MSE L 72 29.45 45.03 20.07
CG MSE L 72 28.54 46.26 20.18
SE MSE L 72 27.69 46.69 18.46
CE MSE L 72 26.08 45.58 18.51
N ILE L 73 31.85 43.01 20.75
CA ILE L 73 32.54 41.73 20.67
C ILE L 73 32.79 41.19 22.07
N ALA L 74 33.34 42.03 22.95
CA ALA L 74 33.41 41.69 24.38
C ALA L 74 32.09 41.06 24.84
N VAL L 75 30.99 41.80 24.66
CA VAL L 75 29.72 41.34 25.25
C VAL L 75 29.15 40.06 24.56
N ALA L 76 29.21 40.00 23.23
CA ALA L 76 28.72 38.83 22.48
C ALA L 76 29.44 37.54 22.91
N VAL L 77 30.76 37.62 23.01
CA VAL L 77 31.58 36.47 23.48
C VAL L 77 31.25 36.12 24.95
N SER L 78 31.10 37.13 25.79
CA SER L 78 30.85 36.94 27.24
C SER L 78 29.46 36.33 27.50
N SER L 79 28.49 36.65 26.63
CA SER L 79 27.14 36.05 26.66
C SER L 79 27.18 34.56 26.31
N ILE L 80 27.93 34.19 25.27
CA ILE L 80 28.14 32.77 24.96
C ILE L 80 28.74 32.03 26.16
N ASN L 81 29.76 32.59 26.80
CA ASN L 81 30.39 31.93 27.97
C ASN L 81 29.73 32.14 29.33
N HIS L 82 28.66 32.95 29.37
CA HIS L 82 27.92 33.27 30.60
C HIS L 82 28.79 33.81 31.75
N CYS L 83 29.50 34.89 31.47
CA CYS L 83 30.49 35.43 32.41
C CYS L 83 29.89 36.64 33.11
N TYR L 84 29.62 36.49 34.41
CA TYR L 84 28.95 37.53 35.17
C TYR L 84 29.78 38.81 35.18
N TYR L 85 31.10 38.70 35.34
CA TYR L 85 31.94 39.91 35.44
C TYR L 85 31.84 40.75 34.17
N CYS L 86 32.17 40.12 33.04
CA CYS L 86 32.32 40.84 31.78
C CYS L 86 31.00 41.28 31.23
N LEU L 87 29.98 40.44 31.40
CA LEU L 87 28.66 40.84 31.00
C LEU L 87 28.22 42.11 31.75
N THR L 88 28.59 42.20 33.02
CA THR L 88 28.27 43.39 33.84
C THR L 88 29.14 44.61 33.51
N ALA L 89 30.44 44.44 33.26
CA ALA L 89 31.34 45.58 33.01
C ALA L 89 31.22 46.03 31.56
N HIS L 90 31.19 45.10 30.62
CA HIS L 90 31.18 45.49 29.21
C HIS L 90 29.78 45.79 28.74
N GLY L 91 28.78 45.19 29.39
CA GLY L 91 27.40 45.60 29.15
C GLY L 91 27.18 47.06 29.56
N ALA L 92 27.79 47.45 30.67
CA ALA L 92 27.75 48.86 31.11
C ALA L 92 28.37 49.78 30.05
N ALA L 93 29.40 49.30 29.36
CA ALA L 93 30.08 50.10 28.34
C ALA L 93 29.22 50.25 27.08
N VAL L 94 28.60 49.18 26.62
CA VAL L 94 27.77 49.27 25.40
C VAL L 94 26.60 50.26 25.58
N ARG L 95 25.95 50.22 26.75
CA ARG L 95 24.93 51.22 27.15
C ARG L 95 25.49 52.63 27.15
N GLN L 96 26.67 52.80 27.77
CA GLN L 96 27.37 54.08 27.79
C GLN L 96 27.63 54.58 26.37
N LEU L 97 28.52 53.88 25.66
CA LEU L 97 29.00 54.32 24.35
C LEU L 97 27.89 54.64 23.36
N SER L 98 27.02 53.66 23.12
CA SER L 98 25.89 53.81 22.21
C SER L 98 24.83 54.78 22.75
N GLY L 99 24.79 54.94 24.08
CA GLY L 99 23.76 55.75 24.71
C GLY L 99 22.39 55.08 24.68
N ASP L 100 22.37 53.81 24.28
CA ASP L 100 21.11 53.06 24.13
C ASP L 100 21.09 51.96 25.19
N PRO L 101 20.25 52.10 26.22
CA PRO L 101 20.15 51.07 27.26
C PRO L 101 19.74 49.71 26.71
N ALA L 102 18.71 49.69 25.87
CA ALA L 102 18.21 48.46 25.24
C ALA L 102 19.22 47.68 24.37
N LEU L 103 20.22 48.34 23.80
CA LEU L 103 21.25 47.66 22.97
C LEU L 103 22.18 46.89 23.85
N GLY L 104 22.54 47.52 24.96
CA GLY L 104 23.31 46.83 26.00
C GLY L 104 22.62 45.57 26.44
N GLU L 105 21.30 45.62 26.53
CA GLU L 105 20.52 44.50 27.01
C GLU L 105 20.50 43.42 25.95
N MSE L 106 20.05 43.76 24.73
CA MSE L 106 20.12 42.86 23.56
C MSE L 106 21.47 42.16 23.39
O MSE L 106 21.51 40.95 23.17
CB MSE L 106 19.80 43.60 22.26
CG MSE L 106 18.36 43.98 22.16
SE MSE L 106 17.97 45.20 20.70
CE MSE L 106 16.11 45.62 21.12
N LEU L 107 22.58 42.89 23.46
CA LEU L 107 23.88 42.25 23.30
C LEU L 107 24.24 41.28 24.44
N VAL L 108 23.66 41.50 25.63
CA VAL L 108 23.89 40.62 26.80
C VAL L 108 23.05 39.33 26.66
N MSE L 109 21.81 39.50 26.22
CA MSE L 109 20.86 38.43 26.10
C MSE L 109 20.96 37.69 24.76
O MSE L 109 21.20 36.48 24.73
CB MSE L 109 19.46 38.98 26.35
CG MSE L 109 19.38 39.74 27.68
SE MSE L 109 17.78 40.79 27.82
CE MSE L 109 17.96 41.48 29.64
N ASN L 110 20.80 38.41 23.63
CA ASN L 110 20.98 37.78 22.32
C ASN L 110 21.13 38.81 21.23
N PHE L 111 22.31 38.95 20.64
CA PHE L 111 22.48 39.94 19.58
C PHE L 111 21.48 39.85 18.43
N ARG L 112 21.11 38.63 18.04
CA ARG L 112 20.22 38.42 16.90
C ARG L 112 18.88 39.18 17.02
N ALA L 113 18.63 39.79 18.19
CA ALA L 113 17.51 40.72 18.39
C ALA L 113 17.92 42.19 18.16
N ALA L 114 19.19 42.45 17.88
CA ALA L 114 19.72 43.82 17.86
C ALA L 114 19.64 44.56 16.52
N ASP L 115 18.93 44.03 15.52
CA ASP L 115 18.64 44.83 14.29
C ASP L 115 19.91 45.52 13.73
N LEU L 116 20.95 44.70 13.59
CA LEU L 116 22.29 45.15 13.29
C LEU L 116 22.39 45.37 11.79
N SER L 117 23.56 45.82 11.34
CA SER L 117 23.83 45.97 9.91
C SER L 117 24.35 44.62 9.41
N PRO L 118 24.62 44.49 8.10
CA PRO L 118 25.26 43.26 7.60
C PRO L 118 26.73 43.10 7.99
N ARG L 119 27.38 44.24 8.26
CA ARG L 119 28.80 44.27 8.67
C ARG L 119 28.90 43.92 10.14
N GLN L 120 28.04 44.54 10.93
CA GLN L 120 27.97 44.23 12.36
C GLN L 120 27.49 42.79 12.60
N THR L 121 26.66 42.28 11.70
CA THR L 121 26.18 40.90 11.79
C THR L 121 27.33 39.97 11.44
N ALA L 122 28.00 40.22 10.30
CA ALA L 122 29.18 39.43 9.89
C ALA L 122 30.28 39.29 10.98
N MSE L 123 30.59 40.42 11.63
CA MSE L 123 31.61 40.49 12.67
C MSE L 123 31.29 39.66 13.92
O MSE L 123 32.13 38.96 14.47
CB MSE L 123 31.75 41.97 13.06
CG MSE L 123 32.68 42.28 14.22
SE MSE L 123 32.63 44.21 14.53
CE MSE L 123 30.84 44.35 15.36
N LEU L 124 30.04 39.76 14.37
CA LEU L 124 29.67 39.09 15.61
C LEU L 124 29.50 37.60 15.33
N GLU L 125 29.03 37.23 14.15
CA GLU L 125 28.89 35.82 13.81
C GLU L 125 30.25 35.12 13.84
N PHE L 126 31.31 35.84 13.43
CA PHE L 126 32.68 35.32 13.47
C PHE L 126 33.17 35.13 14.91
N ALA L 127 32.85 36.09 15.78
CA ALA L 127 33.19 35.98 17.20
C ALA L 127 32.48 34.83 17.87
N VAL L 128 31.28 34.51 17.39
CA VAL L 128 30.52 33.43 17.96
C VAL L 128 31.16 32.10 17.58
N LYS L 129 31.53 31.94 16.31
CA LYS L 129 32.10 30.68 15.83
C LYS L 129 33.48 30.47 16.45
N LEU L 130 34.24 31.56 16.61
CA LEU L 130 35.57 31.52 17.23
C LEU L 130 35.43 31.17 18.70
N THR L 131 34.29 31.56 19.29
CA THR L 131 34.03 31.24 20.68
C THR L 131 33.52 29.79 20.85
N GLU L 132 32.54 29.38 20.05
CA GLU L 132 31.94 28.06 20.20
C GLU L 132 32.75 26.94 19.55
N GLU L 133 33.40 27.21 18.43
CA GLU L 133 34.06 26.16 17.67
C GLU L 133 35.34 26.64 17.02
N PRO L 134 36.34 26.94 17.86
CA PRO L 134 37.64 27.34 17.27
C PRO L 134 38.26 26.35 16.28
N ALA L 135 38.02 25.05 16.47
CA ALA L 135 38.61 24.05 15.57
C ALA L 135 38.10 24.15 14.13
N LYS L 136 36.93 24.77 13.92
CA LYS L 136 36.24 24.77 12.64
C LYS L 136 36.40 26.04 11.80
N ILE L 137 37.23 26.98 12.25
CA ILE L 137 37.49 28.16 11.43
C ILE L 137 38.24 27.74 10.15
N VAL L 138 37.73 28.25 9.03
CA VAL L 138 38.26 27.97 7.71
C VAL L 138 38.37 29.31 6.97
N GLU L 139 38.74 29.27 5.70
CA GLU L 139 38.93 30.48 4.88
C GLU L 139 37.61 31.15 4.47
N ALA L 140 36.57 30.34 4.27
CA ALA L 140 35.23 30.82 4.00
C ALA L 140 34.81 31.81 5.07
N ASP L 141 35.24 31.55 6.31
CA ASP L 141 34.96 32.43 7.45
C ASP L 141 35.64 33.80 7.29
N ARG L 142 36.95 33.80 7.00
CA ARG L 142 37.69 35.04 6.70
C ARG L 142 37.17 35.74 5.45
N ALA L 143 37.02 34.98 4.36
CA ALA L 143 36.40 35.48 3.13
C ALA L 143 35.08 36.24 3.43
N ALA L 144 34.25 35.67 4.29
CA ALA L 144 32.96 36.27 4.67
C ALA L 144 33.11 37.64 5.32
N LEU L 145 34.12 37.81 6.16
CA LEU L 145 34.42 39.13 6.75
C LEU L 145 34.88 40.08 5.65
N ARG L 146 35.63 39.56 4.68
CA ARG L 146 36.08 40.39 3.57
C ARG L 146 34.91 40.93 2.78
N LYS L 147 33.90 40.10 2.53
CA LYS L 147 32.70 40.54 1.82
C LYS L 147 31.94 41.62 2.56
N ALA L 148 31.97 41.60 3.90
CA ALA L 148 31.26 42.64 4.68
C ALA L 148 32.00 43.98 4.64
N GLY L 149 33.24 43.96 4.20
CA GLY L 149 34.02 45.17 4.01
C GLY L 149 35.15 45.34 5.01
N PHE L 150 35.72 44.24 5.44
CA PHE L 150 36.74 44.26 6.48
C PHE L 150 38.11 43.91 5.94
N SER L 151 39.09 44.70 6.34
CA SER L 151 40.45 44.51 5.90
C SER L 151 41.05 43.36 6.64
N ASP L 152 42.24 42.94 6.22
CA ASP L 152 42.94 41.89 6.91
C ASP L 152 43.43 42.37 8.27
N ARG L 153 43.70 43.66 8.38
CA ARG L 153 44.00 44.23 9.69
C ARG L 153 42.75 44.21 10.58
N ASP L 154 41.57 44.42 9.99
CA ASP L 154 40.29 44.42 10.72
C ASP L 154 39.95 43.02 11.20
N ILE L 155 40.29 42.00 10.41
CA ILE L 155 40.04 40.61 10.80
C ILE L 155 40.93 40.21 12.00
N TRP L 156 42.19 40.62 11.96
CA TRP L 156 43.11 40.41 13.08
C TRP L 156 42.58 40.99 14.37
N ASP L 157 42.05 42.21 14.26
CA ASP L 157 41.44 42.94 15.38
C ASP L 157 40.21 42.26 15.93
N ILE L 158 39.30 41.88 15.04
CA ILE L 158 38.11 41.15 15.43
C ILE L 158 38.49 39.86 16.14
N ALA L 159 39.49 39.15 15.62
CA ALA L 159 39.96 37.88 16.17
C ALA L 159 40.61 38.02 17.55
N SER L 160 41.50 39.00 17.67
CA SER L 160 42.23 39.28 18.93
C SER L 160 41.24 39.72 20.02
N THR L 161 40.30 40.59 19.67
CA THR L 161 39.27 40.99 20.62
C THR L 161 38.48 39.79 21.17
N ALA L 162 37.88 39.02 20.26
CA ALA L 162 37.13 37.82 20.65
C ALA L 162 38.01 36.80 21.35
N ALA L 163 39.24 36.60 20.87
CA ALA L 163 40.18 35.70 21.53
C ALA L 163 40.44 36.17 22.96
N PHE L 164 40.71 37.47 23.13
CA PHE L 164 40.97 38.11 24.45
C PHE L 164 39.89 37.84 25.50
N PHE L 165 38.63 38.00 25.14
CA PHE L 165 37.55 37.74 26.10
C PHE L 165 37.25 36.27 26.37
N ASN L 166 37.77 35.39 25.53
CA ASN L 166 37.70 33.97 25.82
C ASN L 166 38.77 33.64 26.89
N MSE L 167 39.80 34.47 27.01
CA MSE L 167 40.70 34.38 28.15
C MSE L 167 40.15 35.08 29.42
O MSE L 167 40.22 34.52 30.52
CB MSE L 167 42.08 34.94 27.80
CG MSE L 167 43.03 35.04 29.01
SE MSE L 167 44.77 35.81 28.68
CE MSE L 167 45.54 35.36 30.42
N SER L 168 39.61 36.30 29.26
CA SER L 168 39.07 37.08 30.42
C SER L 168 37.87 36.40 31.09
N ASN L 169 36.97 35.89 30.28
CA ASN L 169 35.83 35.09 30.76
C ASN L 169 36.29 33.92 31.64
N ARG L 170 37.38 33.26 31.23
CA ARG L 170 37.88 32.06 31.90
C ARG L 170 38.62 32.35 33.21
N VAL L 171 39.53 33.33 33.17
CA VAL L 171 40.09 33.86 34.40
C VAL L 171 38.96 34.22 35.39
N ALA L 172 38.06 35.15 35.01
CA ALA L 172 36.93 35.56 35.89
C ALA L 172 36.09 34.38 36.43
N ALA L 173 35.80 33.41 35.55
CA ALA L 173 35.01 32.23 35.93
C ALA L 173 35.77 31.35 36.93
N ALA L 174 37.04 31.08 36.60
CA ALA L 174 37.92 30.30 37.48
C ALA L 174 37.98 30.81 38.92
N ILE L 175 38.20 32.11 39.10
CA ILE L 175 38.41 32.66 40.44
C ILE L 175 37.10 33.14 41.02
N ASP L 176 36.08 33.28 40.18
CA ASP L 176 34.78 33.85 40.57
C ASP L 176 34.95 35.32 40.96
N MSE L 177 35.37 36.08 39.95
CA MSE L 177 35.60 37.51 40.06
C MSE L 177 34.28 38.26 40.09
O MSE L 177 33.33 37.94 39.34
CB MSE L 177 36.44 37.97 38.87
CG MSE L 177 37.22 39.22 39.12
SE MSE L 177 38.06 39.80 37.50
CE MSE L 177 39.60 38.58 37.47
N ARG L 178 34.21 39.31 40.92
CA ARG L 178 32.98 40.02 41.14
C ARG L 178 33.04 41.48 40.66
N PRO L 179 32.17 41.83 39.69
CA PRO L 179 32.19 43.17 39.10
C PRO L 179 31.68 44.25 40.02
N ASN L 180 32.10 45.48 39.76
CA ASN L 180 31.72 46.58 40.59
C ASN L 180 30.21 46.75 40.53
N ASP L 181 29.60 46.79 41.71
CA ASP L 181 28.17 46.94 41.86
C ASP L 181 27.65 48.22 41.20
N GLU L 182 28.44 49.28 41.19
CA GLU L 182 28.06 50.52 40.51
C GLU L 182 27.67 50.28 39.04
N TYR L 183 28.31 49.29 38.39
CA TYR L 183 28.05 49.01 36.97
C TYR L 183 26.57 48.76 36.62
N HIS L 184 25.86 48.02 37.48
CA HIS L 184 24.45 47.62 37.23
C HIS L 184 23.53 48.81 37.03
N ALA L 185 23.87 49.93 37.68
CA ALA L 185 23.04 51.12 37.67
C ALA L 185 23.39 52.12 36.55
N MSE L 186 24.59 52.01 35.99
CA MSE L 186 25.05 52.96 34.97
C MSE L 186 24.22 52.96 33.69
O MSE L 186 23.73 51.92 33.26
CB MSE L 186 26.50 52.65 34.59
CG MSE L 186 27.53 53.25 35.52
SE MSE L 186 29.31 52.67 35.01
CE MSE L 186 30.24 53.04 36.72
N ALA L 187 24.11 54.13 33.08
CA ALA L 187 23.59 54.24 31.71
C ALA L 187 22.29 53.47 31.50
N ARG L 188 21.31 53.77 32.33
CA ARG L 188 19.95 53.26 32.13
C ARG L 188 19.07 54.46 31.68
C1 PEG M . -12.09 -2.75 -9.23
O1 PEG M . -10.94 -1.99 -9.70
C2 PEG M . -13.37 -1.90 -9.16
O2 PEG M . -14.59 -2.66 -8.98
C3 PEG M . -15.07 -2.89 -7.60
C4 PEG M . -14.11 -3.79 -6.81
O4 PEG M . -14.66 -4.55 -5.69
C1 PEG N . -0.16 13.55 4.03
O1 PEG N . -0.42 13.30 2.64
C2 PEG N . 0.39 12.28 4.68
O2 PEG N . 1.82 12.37 4.82
C3 PEG N . 2.37 11.19 5.38
C4 PEG N . 3.89 11.29 5.35
O4 PEG N . 4.41 10.61 4.21
C1 PEG O . -6.94 0.68 -6.40
O1 PEG O . -5.94 1.31 -5.55
C2 PEG O . -7.38 1.61 -7.53
O2 PEG O . -7.55 0.97 -8.80
C3 PEG O . -8.87 0.55 -9.15
C4 PEG O . -9.39 1.16 -10.47
O4 PEG O . -10.30 2.30 -10.28
C1 PEG P . -8.03 3.37 6.32
O1 PEG P . -7.07 2.83 7.23
C2 PEG P . -7.36 3.83 5.04
O2 PEG P . -7.15 2.70 4.17
C3 PEG P . -6.21 3.01 3.13
C4 PEG P . -5.76 1.73 2.44
O4 PEG P . -4.46 1.30 2.85
C1 PEG Q . -24.19 -17.89 -17.04
O1 PEG Q . -25.55 -17.40 -17.09
C2 PEG Q . -23.27 -17.04 -16.12
O2 PEG Q . -22.20 -16.47 -16.88
C3 PEG Q . -22.15 -15.06 -17.09
C4 PEG Q . -22.05 -14.70 -18.60
O4 PEG Q . -21.41 -15.73 -19.41
C1 PEG R . -10.92 -17.90 -1.93
O1 PEG R . -11.15 -16.51 -2.29
C2 PEG R . -12.16 -18.78 -2.18
O2 PEG R . -12.20 -20.04 -1.49
C3 PEG R . -13.51 -20.41 -0.91
C4 PEG R . -13.58 -20.21 0.61
O4 PEG R . -14.87 -19.85 1.15
C1 PEG S . -12.48 -19.32 8.18
O1 PEG S . -11.55 -18.42 8.75
C2 PEG S . -12.70 -18.90 6.73
O2 PEG S . -12.69 -20.03 5.86
C3 PEG S . -13.86 -20.82 5.99
C4 PEG S . -14.34 -21.09 4.58
O4 PEG S . -15.29 -22.14 4.66
C1 PEG T . -34.61 -17.08 10.18
O1 PEG T . -34.92 -15.70 9.83
C2 PEG T . -34.12 -17.87 8.97
O2 PEG T . -35.15 -18.72 8.42
C3 PEG T . -35.13 -18.83 7.01
C4 PEG T . -35.27 -20.28 6.60
O4 PEG T . -36.64 -20.59 6.37
C1 PEG U . -20.82 -5.34 -43.68
O1 PEG U . -21.23 -6.41 -44.54
C2 PEG U . -19.51 -5.63 -42.92
O2 PEG U . -19.17 -4.65 -41.90
C3 PEG U . -19.77 -3.33 -42.00
C4 PEG U . -19.14 -2.33 -41.04
O4 PEG U . -19.96 -1.13 -40.86
C1 PEG V . -18.79 2.37 -42.44
O1 PEG V . -17.98 2.20 -41.26
C2 PEG V . -18.74 3.78 -43.04
O2 PEG V . -18.50 3.75 -44.46
C3 PEG V . -19.58 3.45 -45.36
C4 PEG V . -19.64 4.50 -46.49
O4 PEG V . -20.69 4.21 -47.43
C1 PEG W . -18.38 1.75 -57.20
O1 PEG W . -17.99 2.32 -58.47
C2 PEG W . -18.53 2.87 -56.18
O2 PEG W . -19.69 2.62 -55.39
C3 PEG W . -20.05 3.76 -54.62
C4 PEG W . -20.72 4.79 -55.52
O4 PEG W . -21.96 5.20 -54.93
C1 PEG X . -36.02 -13.21 -46.46
O1 PEG X . -36.60 -14.22 -47.32
C2 PEG X . -37.12 -12.25 -46.01
O2 PEG X . -37.05 -11.74 -44.67
C3 PEG X . -37.05 -10.30 -44.52
C4 PEG X . -35.72 -9.74 -45.03
O4 PEG X . -35.48 -8.39 -44.62
C1 PEG Y . -36.87 -12.39 -54.23
O1 PEG Y . -37.75 -12.54 -55.37
C2 PEG Y . -37.62 -12.49 -52.91
O2 PEG Y . -37.09 -13.58 -52.13
C3 PEG Y . -38.00 -14.68 -51.96
C4 PEG Y . -37.59 -15.61 -50.80
O4 PEG Y . -38.04 -15.10 -49.51
C1 PEG Z . -27.20 -14.83 -29.00
O1 PEG Z . -26.13 -13.94 -29.32
C2 PEG Z . -27.89 -15.29 -30.28
O2 PEG Z . -27.92 -16.72 -30.27
C3 PEG Z . -29.21 -17.30 -30.48
C4 PEG Z . -29.09 -18.82 -30.31
O4 PEG Z . -27.90 -19.14 -29.58
C1 PEG AA . -46.11 -41.74 -31.94
O1 PEG AA . -44.83 -41.24 -32.41
C2 PEG AA . -45.96 -43.12 -31.27
O2 PEG AA . -47.23 -43.75 -31.13
C3 PEG AA . -47.37 -44.69 -30.05
C4 PEG AA . -48.05 -45.95 -30.60
O4 PEG AA . -49.37 -46.21 -30.12
C1 PEG BA . -46.13 -56.61 -26.06
O1 PEG BA . -47.01 -57.71 -25.77
C2 PEG BA . -46.57 -55.86 -27.31
O2 PEG BA . -47.70 -54.99 -27.06
C3 PEG BA . -47.39 -53.73 -26.48
C4 PEG BA . -48.61 -52.83 -26.67
O4 PEG BA . -49.52 -52.91 -25.56
C1 PEG CA . -4.11 14.63 26.03
O1 PEG CA . -5.50 14.50 26.35
C2 PEG CA . -3.69 13.29 25.43
O2 PEG CA . -2.28 13.29 25.16
C3 PEG CA . -1.79 11.99 24.81
C4 PEG CA . -1.10 11.36 26.00
O4 PEG CA . -1.67 10.12 26.49
C1 PEG DA . 4.73 33.15 24.80
O1 PEG DA . 4.44 31.82 25.30
C2 PEG DA . 6.18 33.64 25.02
O2 PEG DA . 6.38 34.70 25.99
C3 PEG DA . 5.79 34.53 27.30
C4 PEG DA . 6.39 35.55 28.27
O4 PEG DA . 6.34 35.14 29.65
C1 PEG EA . 16.15 35.61 47.92
O1 PEG EA . 16.53 36.27 46.71
C2 PEG EA . 17.45 35.29 48.61
O2 PEG EA . 18.51 35.46 47.66
C3 PEG EA . 19.80 35.77 48.22
C4 PEG EA . 20.12 34.85 49.40
O4 PEG EA . 19.57 33.55 49.17
C1 PEG FA . 22.73 -10.93 10.62
O1 PEG FA . 21.96 -11.96 9.97
C2 PEG FA . 22.22 -9.50 10.41
O2 PEG FA . 21.04 -9.15 11.15
C3 PEG FA . 20.88 -7.71 11.38
C4 PEG FA . 19.45 -7.15 11.30
O4 PEG FA . 19.05 -6.48 10.04
C1 PEG GA . 19.62 -13.57 37.10
O1 PEG GA . 19.71 -14.92 37.64
C2 PEG GA . 20.07 -13.51 35.63
O2 PEG GA . 19.22 -12.72 34.77
C3 PEG GA . 19.94 -12.07 33.69
C4 PEG GA . 20.83 -12.98 32.82
O4 PEG GA . 21.93 -12.30 32.20
C1 PEG HA . 22.90 -3.81 11.79
O1 PEG HA . 22.55 -5.17 12.12
C2 PEG HA . 23.84 -3.67 10.59
O2 PEG HA . 23.76 -2.34 10.01
C3 PEG HA . 24.64 -2.06 8.89
C4 PEG HA . 26.04 -1.77 9.35
O4 PEG HA . 27.13 -2.62 8.88
CL CL IA . 47.21 2.85 -3.41
C1 PEG JA . 40.46 -2.69 17.57
O1 PEG JA . 39.37 -2.61 16.61
C2 PEG JA . 41.04 -1.35 17.96
O2 PEG JA . 42.42 -1.20 17.58
C3 PEG JA . 42.75 -0.17 16.62
C4 PEG JA . 43.62 -0.74 15.48
O4 PEG JA . 43.52 -0.05 14.21
C1 PEG KA . 45.47 -15.01 9.26
O1 PEG KA . 44.58 -14.11 8.57
C2 PEG KA . 46.14 -14.32 10.45
O2 PEG KA . 45.44 -14.62 11.66
C3 PEG KA . 46.12 -15.63 12.42
C4 PEG KA . 45.23 -16.18 13.54
O4 PEG KA . 45.95 -17.16 14.31
C1 PEG LA . 47.06 -4.03 12.61
O1 PEG LA . 46.67 -5.03 11.66
C2 PEG LA . 47.13 -2.71 11.85
O2 PEG LA . 48.20 -1.89 12.26
C3 PEG LA . 47.79 -0.56 12.63
C4 PEG LA . 47.26 -0.61 14.06
O4 PEG LA . 48.36 -1.00 14.94
#